data_184L
# 
_entry.id   184L 
# 
_audit_conform.dict_name       mmcif_pdbx.dic 
_audit_conform.dict_version    5.385 
_audit_conform.dict_location   http://mmcif.pdb.org/dictionaries/ascii/mmcif_pdbx.dic 
# 
loop_
_database_2.database_id 
_database_2.database_code 
_database_2.pdbx_database_accession 
_database_2.pdbx_DOI 
PDB   184L         pdb_0000184l 10.2210/pdb184l/pdb 
WWPDB D_1000170188 ?            ?                   
# 
loop_
_pdbx_audit_revision_history.ordinal 
_pdbx_audit_revision_history.data_content_type 
_pdbx_audit_revision_history.major_revision 
_pdbx_audit_revision_history.minor_revision 
_pdbx_audit_revision_history.revision_date 
1 'Structure model' 1 0 1995-07-10 
2 'Structure model' 1 1 2008-03-03 
3 'Structure model' 1 2 2011-07-13 
4 'Structure model' 1 3 2017-11-29 
5 'Structure model' 1 4 2024-02-07 
# 
_pdbx_audit_revision_details.ordinal             1 
_pdbx_audit_revision_details.revision_ordinal    1 
_pdbx_audit_revision_details.data_content_type   'Structure model' 
_pdbx_audit_revision_details.provider            repository 
_pdbx_audit_revision_details.type                'Initial release' 
_pdbx_audit_revision_details.description         ? 
_pdbx_audit_revision_details.details             ? 
# 
loop_
_pdbx_audit_revision_group.ordinal 
_pdbx_audit_revision_group.revision_ordinal 
_pdbx_audit_revision_group.data_content_type 
_pdbx_audit_revision_group.group 
1 2 'Structure model' 'Version format compliance' 
2 3 'Structure model' 'Version format compliance' 
3 4 'Structure model' 'Derived calculations'      
4 4 'Structure model' Other                       
5 5 'Structure model' 'Data collection'           
6 5 'Structure model' 'Database references'       
7 5 'Structure model' 'Derived calculations'      
# 
loop_
_pdbx_audit_revision_category.ordinal 
_pdbx_audit_revision_category.revision_ordinal 
_pdbx_audit_revision_category.data_content_type 
_pdbx_audit_revision_category.category 
1 4 'Structure model' pdbx_database_status 
2 4 'Structure model' struct_conf          
3 4 'Structure model' struct_conf_type     
4 5 'Structure model' chem_comp_atom       
5 5 'Structure model' chem_comp_bond       
6 5 'Structure model' database_2           
7 5 'Structure model' struct_ref_seq_dif   
8 5 'Structure model' struct_site          
# 
loop_
_pdbx_audit_revision_item.ordinal 
_pdbx_audit_revision_item.revision_ordinal 
_pdbx_audit_revision_item.data_content_type 
_pdbx_audit_revision_item.item 
1 4 'Structure model' '_pdbx_database_status.process_site'  
2 5 'Structure model' '_database_2.pdbx_DOI'                
3 5 'Structure model' '_database_2.pdbx_database_accession' 
4 5 'Structure model' '_struct_ref_seq_dif.details'         
5 5 'Structure model' '_struct_site.pdbx_auth_asym_id'      
6 5 'Structure model' '_struct_site.pdbx_auth_comp_id'      
7 5 'Structure model' '_struct_site.pdbx_auth_seq_id'       
# 
_pdbx_database_status.status_code                     REL 
_pdbx_database_status.entry_id                        184L 
_pdbx_database_status.recvd_initial_deposition_date   1995-04-19 
_pdbx_database_status.deposit_site                    ? 
_pdbx_database_status.process_site                    BNL 
_pdbx_database_status.SG_entry                        . 
_pdbx_database_status.status_code_sf                  REL 
_pdbx_database_status.pdb_format_compatible           Y 
_pdbx_database_status.status_code_mr                  ? 
_pdbx_database_status.status_code_cs                  ? 
_pdbx_database_status.methods_development_category    ? 
_pdbx_database_status.status_code_nmr_data            ? 
# 
loop_
_audit_author.name 
_audit_author.pdbx_ordinal 
'Morton, A.'     1 
'Matthews, B.W.' 2 
# 
loop_
_citation.id 
_citation.title 
_citation.journal_abbrev 
_citation.journal_volume 
_citation.page_first 
_citation.page_last 
_citation.year 
_citation.journal_id_ASTM 
_citation.country 
_citation.journal_id_ISSN 
_citation.journal_id_CSD 
_citation.book_publisher 
_citation.pdbx_database_id_PubMed 
_citation.pdbx_database_id_DOI 
primary 'Specificity of ligand binding in a buried nonpolar cavity of T4 lysozyme: linkage of dynamics and structural plasticity.' 
Biochemistry      34  8576 8588 1995 BICHAW US 0006-2960 0033 ? 7612599 10.1021/bi00027a007 
1       'Energetic Origins of Specificity of Ligand Binding in an Interior Cavity of T4 Lysozyme'                                  
'To be Published' ?   ?    ?    ?    ?      ?  ?         0353 ? ?       ?                   
2       'Structure of Bacteriophage T4 Lysozyme Refined at 1.7 Angstroms Resolution'                                               
J.Mol.Biol.       193 189  ?    1987 JMOBAK UK 0022-2836 0070 ? ?       ?                   
# 
loop_
_citation_author.citation_id 
_citation_author.name 
_citation_author.ordinal 
_citation_author.identifier_ORCID 
primary 'Morton, A.'     1 ? 
primary 'Matthews, B.W.' 2 ? 
1       'Morton, A.'     3 ? 
1       'Baase, W.A.'    4 ? 
1       'Matthews, B.W.' 5 ? 
2       'Weaver, L.H.'   6 ? 
2       'Matthews, B.W.' 7 ? 
# 
loop_
_entity.id 
_entity.type 
_entity.src_method 
_entity.pdbx_description 
_entity.formula_weight 
_entity.pdbx_number_of_molecules 
_entity.pdbx_ec 
_entity.pdbx_mutation 
_entity.pdbx_fragment 
_entity.details 
1 polymer     man 'T4 LYSOZYME'              18586.283 1   3.2.1.17 ? ? ? 
2 non-polymer syn 'CHLORIDE ION'             35.453    2   ?        ? ? ? 
3 non-polymer syn '2-HYDROXYETHYL DISULFIDE' 154.251   1   ?        ? ? ? 
4 non-polymer syn ISOBUTYLBENZENE            134.218   1   ?        ? ? ? 
5 water       nat water                      18.015    125 ?        ? ? ? 
# 
_entity_poly.entity_id                      1 
_entity_poly.type                           'polypeptide(L)' 
_entity_poly.nstd_linkage                   no 
_entity_poly.nstd_monomer                   no 
_entity_poly.pdbx_seq_one_letter_code       
;MNIFEMLRIDEGLRLKIYKDTEGYYTIGIGHLLTKSPSLNAAKSELDKAIGRNTNGVITKDEAEKLFNQDVDAAVRGILR
NAKLKPVYDSLDAVRRAAAINMVFQMGETGVAGFTNSLRMLQQKRWDEAAVNLAKSRWYNQTPNRAKRVITTFRTGTWDA
YKNL
;
_entity_poly.pdbx_seq_one_letter_code_can   
;MNIFEMLRIDEGLRLKIYKDTEGYYTIGIGHLLTKSPSLNAAKSELDKAIGRNTNGVITKDEAEKLFNQDVDAAVRGILR
NAKLKPVYDSLDAVRRAAAINMVFQMGETGVAGFTNSLRMLQQKRWDEAAVNLAKSRWYNQTPNRAKRVITTFRTGTWDA
YKNL
;
_entity_poly.pdbx_strand_id                 A 
_entity_poly.pdbx_target_identifier         ? 
# 
loop_
_pdbx_entity_nonpoly.entity_id 
_pdbx_entity_nonpoly.name 
_pdbx_entity_nonpoly.comp_id 
2 'CHLORIDE ION'             CL  
3 '2-HYDROXYETHYL DISULFIDE' HED 
4 ISOBUTYLBENZENE            I4B 
5 water                      HOH 
# 
loop_
_entity_poly_seq.entity_id 
_entity_poly_seq.num 
_entity_poly_seq.mon_id 
_entity_poly_seq.hetero 
1 1   MET n 
1 2   ASN n 
1 3   ILE n 
1 4   PHE n 
1 5   GLU n 
1 6   MET n 
1 7   LEU n 
1 8   ARG n 
1 9   ILE n 
1 10  ASP n 
1 11  GLU n 
1 12  GLY n 
1 13  LEU n 
1 14  ARG n 
1 15  LEU n 
1 16  LYS n 
1 17  ILE n 
1 18  TYR n 
1 19  LYS n 
1 20  ASP n 
1 21  THR n 
1 22  GLU n 
1 23  GLY n 
1 24  TYR n 
1 25  TYR n 
1 26  THR n 
1 27  ILE n 
1 28  GLY n 
1 29  ILE n 
1 30  GLY n 
1 31  HIS n 
1 32  LEU n 
1 33  LEU n 
1 34  THR n 
1 35  LYS n 
1 36  SER n 
1 37  PRO n 
1 38  SER n 
1 39  LEU n 
1 40  ASN n 
1 41  ALA n 
1 42  ALA n 
1 43  LYS n 
1 44  SER n 
1 45  GLU n 
1 46  LEU n 
1 47  ASP n 
1 48  LYS n 
1 49  ALA n 
1 50  ILE n 
1 51  GLY n 
1 52  ARG n 
1 53  ASN n 
1 54  THR n 
1 55  ASN n 
1 56  GLY n 
1 57  VAL n 
1 58  ILE n 
1 59  THR n 
1 60  LYS n 
1 61  ASP n 
1 62  GLU n 
1 63  ALA n 
1 64  GLU n 
1 65  LYS n 
1 66  LEU n 
1 67  PHE n 
1 68  ASN n 
1 69  GLN n 
1 70  ASP n 
1 71  VAL n 
1 72  ASP n 
1 73  ALA n 
1 74  ALA n 
1 75  VAL n 
1 76  ARG n 
1 77  GLY n 
1 78  ILE n 
1 79  LEU n 
1 80  ARG n 
1 81  ASN n 
1 82  ALA n 
1 83  LYS n 
1 84  LEU n 
1 85  LYS n 
1 86  PRO n 
1 87  VAL n 
1 88  TYR n 
1 89  ASP n 
1 90  SER n 
1 91  LEU n 
1 92  ASP n 
1 93  ALA n 
1 94  VAL n 
1 95  ARG n 
1 96  ARG n 
1 97  ALA n 
1 98  ALA n 
1 99  ALA n 
1 100 ILE n 
1 101 ASN n 
1 102 MET n 
1 103 VAL n 
1 104 PHE n 
1 105 GLN n 
1 106 MET n 
1 107 GLY n 
1 108 GLU n 
1 109 THR n 
1 110 GLY n 
1 111 VAL n 
1 112 ALA n 
1 113 GLY n 
1 114 PHE n 
1 115 THR n 
1 116 ASN n 
1 117 SER n 
1 118 LEU n 
1 119 ARG n 
1 120 MET n 
1 121 LEU n 
1 122 GLN n 
1 123 GLN n 
1 124 LYS n 
1 125 ARG n 
1 126 TRP n 
1 127 ASP n 
1 128 GLU n 
1 129 ALA n 
1 130 ALA n 
1 131 VAL n 
1 132 ASN n 
1 133 LEU n 
1 134 ALA n 
1 135 LYS n 
1 136 SER n 
1 137 ARG n 
1 138 TRP n 
1 139 TYR n 
1 140 ASN n 
1 141 GLN n 
1 142 THR n 
1 143 PRO n 
1 144 ASN n 
1 145 ARG n 
1 146 ALA n 
1 147 LYS n 
1 148 ARG n 
1 149 VAL n 
1 150 ILE n 
1 151 THR n 
1 152 THR n 
1 153 PHE n 
1 154 ARG n 
1 155 THR n 
1 156 GLY n 
1 157 THR n 
1 158 TRP n 
1 159 ASP n 
1 160 ALA n 
1 161 TYR n 
1 162 LYS n 
1 163 ASN n 
1 164 LEU n 
# 
_entity_src_gen.entity_id                          1 
_entity_src_gen.pdbx_src_id                        1 
_entity_src_gen.pdbx_alt_source_flag               sample 
_entity_src_gen.pdbx_seq_type                      ? 
_entity_src_gen.pdbx_beg_seq_num                   ? 
_entity_src_gen.pdbx_end_seq_num                   ? 
_entity_src_gen.gene_src_common_name               ? 
_entity_src_gen.gene_src_genus                     'T4-like viruses' 
_entity_src_gen.pdbx_gene_src_gene                 ? 
_entity_src_gen.gene_src_species                   'Enterobacteria phage T4 sensu lato' 
_entity_src_gen.gene_src_strain                    ? 
_entity_src_gen.gene_src_tissue                    ? 
_entity_src_gen.gene_src_tissue_fraction           ? 
_entity_src_gen.gene_src_details                   ? 
_entity_src_gen.pdbx_gene_src_fragment             ? 
_entity_src_gen.pdbx_gene_src_scientific_name      'Enterobacteria phage T4' 
_entity_src_gen.pdbx_gene_src_ncbi_taxonomy_id     10665 
_entity_src_gen.pdbx_gene_src_variant              ? 
_entity_src_gen.pdbx_gene_src_cell_line            ? 
_entity_src_gen.pdbx_gene_src_atcc                 ? 
_entity_src_gen.pdbx_gene_src_organ                ? 
_entity_src_gen.pdbx_gene_src_organelle            ? 
_entity_src_gen.pdbx_gene_src_cell                 ? 
_entity_src_gen.pdbx_gene_src_cellular_location    ? 
_entity_src_gen.host_org_common_name               ? 
_entity_src_gen.pdbx_host_org_scientific_name      ? 
_entity_src_gen.pdbx_host_org_ncbi_taxonomy_id     ? 
_entity_src_gen.host_org_genus                     ? 
_entity_src_gen.pdbx_host_org_gene                 ? 
_entity_src_gen.pdbx_host_org_organ                ? 
_entity_src_gen.host_org_species                   ? 
_entity_src_gen.pdbx_host_org_tissue               ? 
_entity_src_gen.pdbx_host_org_tissue_fraction      ? 
_entity_src_gen.pdbx_host_org_strain               ? 
_entity_src_gen.pdbx_host_org_variant              ? 
_entity_src_gen.pdbx_host_org_cell_line            ? 
_entity_src_gen.pdbx_host_org_atcc                 ? 
_entity_src_gen.pdbx_host_org_culture_collection   ? 
_entity_src_gen.pdbx_host_org_cell                 ? 
_entity_src_gen.pdbx_host_org_organelle            ? 
_entity_src_gen.pdbx_host_org_cellular_location    ? 
_entity_src_gen.pdbx_host_org_vector_type          PLASMID 
_entity_src_gen.pdbx_host_org_vector               ? 
_entity_src_gen.host_org_details                   ? 
_entity_src_gen.expression_system_id               ? 
_entity_src_gen.plasmid_name                       M13 
_entity_src_gen.plasmid_details                    ? 
_entity_src_gen.pdbx_description                   ? 
# 
loop_
_chem_comp.id 
_chem_comp.type 
_chem_comp.mon_nstd_flag 
_chem_comp.name 
_chem_comp.pdbx_synonyms 
_chem_comp.formula 
_chem_comp.formula_weight 
ALA 'L-peptide linking' y ALANINE                    ? 'C3 H7 N O2'     89.093  
ARG 'L-peptide linking' y ARGININE                   ? 'C6 H15 N4 O2 1' 175.209 
ASN 'L-peptide linking' y ASPARAGINE                 ? 'C4 H8 N2 O3'    132.118 
ASP 'L-peptide linking' y 'ASPARTIC ACID'            ? 'C4 H7 N O4'     133.103 
CL  non-polymer         . 'CHLORIDE ION'             ? 'Cl -1'          35.453  
CYS 'L-peptide linking' y CYSTEINE                   ? 'C3 H7 N O2 S'   121.158 
GLN 'L-peptide linking' y GLUTAMINE                  ? 'C5 H10 N2 O3'   146.144 
GLU 'L-peptide linking' y 'GLUTAMIC ACID'            ? 'C5 H9 N O4'     147.129 
GLY 'peptide linking'   y GLYCINE                    ? 'C2 H5 N O2'     75.067  
HED non-polymer         . '2-HYDROXYETHYL DISULFIDE' ? 'C4 H10 O2 S2'   154.251 
HIS 'L-peptide linking' y HISTIDINE                  ? 'C6 H10 N3 O2 1' 156.162 
HOH non-polymer         . WATER                      ? 'H2 O'           18.015  
I4B non-polymer         . ISOBUTYLBENZENE            ? 'C10 H14'        134.218 
ILE 'L-peptide linking' y ISOLEUCINE                 ? 'C6 H13 N O2'    131.173 
LEU 'L-peptide linking' y LEUCINE                    ? 'C6 H13 N O2'    131.173 
LYS 'L-peptide linking' y LYSINE                     ? 'C6 H15 N2 O2 1' 147.195 
MET 'L-peptide linking' y METHIONINE                 ? 'C5 H11 N O2 S'  149.211 
PHE 'L-peptide linking' y PHENYLALANINE              ? 'C9 H11 N O2'    165.189 
PRO 'L-peptide linking' y PROLINE                    ? 'C5 H9 N O2'     115.130 
SER 'L-peptide linking' y SERINE                     ? 'C3 H7 N O3'     105.093 
THR 'L-peptide linking' y THREONINE                  ? 'C4 H9 N O3'     119.119 
TRP 'L-peptide linking' y TRYPTOPHAN                 ? 'C11 H12 N2 O2'  204.225 
TYR 'L-peptide linking' y TYROSINE                   ? 'C9 H11 N O3'    181.189 
VAL 'L-peptide linking' y VALINE                     ? 'C5 H11 N O2'    117.146 
# 
loop_
_pdbx_poly_seq_scheme.asym_id 
_pdbx_poly_seq_scheme.entity_id 
_pdbx_poly_seq_scheme.seq_id 
_pdbx_poly_seq_scheme.mon_id 
_pdbx_poly_seq_scheme.ndb_seq_num 
_pdbx_poly_seq_scheme.pdb_seq_num 
_pdbx_poly_seq_scheme.auth_seq_num 
_pdbx_poly_seq_scheme.pdb_mon_id 
_pdbx_poly_seq_scheme.auth_mon_id 
_pdbx_poly_seq_scheme.pdb_strand_id 
_pdbx_poly_seq_scheme.pdb_ins_code 
_pdbx_poly_seq_scheme.hetero 
A 1 1   MET 1   1   1   MET MET A . n 
A 1 2   ASN 2   2   2   ASN ASN A . n 
A 1 3   ILE 3   3   3   ILE ILE A . n 
A 1 4   PHE 4   4   4   PHE PHE A . n 
A 1 5   GLU 5   5   5   GLU GLU A . n 
A 1 6   MET 6   6   6   MET MET A . n 
A 1 7   LEU 7   7   7   LEU LEU A . n 
A 1 8   ARG 8   8   8   ARG ARG A . n 
A 1 9   ILE 9   9   9   ILE ILE A . n 
A 1 10  ASP 10  10  10  ASP ASP A . n 
A 1 11  GLU 11  11  11  GLU GLU A . n 
A 1 12  GLY 12  12  12  GLY GLY A . n 
A 1 13  LEU 13  13  13  LEU LEU A . n 
A 1 14  ARG 14  14  14  ARG ARG A . n 
A 1 15  LEU 15  15  15  LEU LEU A . n 
A 1 16  LYS 16  16  16  LYS LYS A . n 
A 1 17  ILE 17  17  17  ILE ILE A . n 
A 1 18  TYR 18  18  18  TYR TYR A . n 
A 1 19  LYS 19  19  19  LYS LYS A . n 
A 1 20  ASP 20  20  20  ASP ASP A . n 
A 1 21  THR 21  21  21  THR THR A . n 
A 1 22  GLU 22  22  22  GLU GLU A . n 
A 1 23  GLY 23  23  23  GLY GLY A . n 
A 1 24  TYR 24  24  24  TYR TYR A . n 
A 1 25  TYR 25  25  25  TYR TYR A . n 
A 1 26  THR 26  26  26  THR THR A . n 
A 1 27  ILE 27  27  27  ILE ILE A . n 
A 1 28  GLY 28  28  28  GLY GLY A . n 
A 1 29  ILE 29  29  29  ILE ILE A . n 
A 1 30  GLY 30  30  30  GLY GLY A . n 
A 1 31  HIS 31  31  31  HIS HIS A . n 
A 1 32  LEU 32  32  32  LEU LEU A . n 
A 1 33  LEU 33  33  33  LEU LEU A . n 
A 1 34  THR 34  34  34  THR THR A . n 
A 1 35  LYS 35  35  35  LYS LYS A . n 
A 1 36  SER 36  36  36  SER SER A . n 
A 1 37  PRO 37  37  37  PRO PRO A . n 
A 1 38  SER 38  38  38  SER SER A . n 
A 1 39  LEU 39  39  39  LEU LEU A . n 
A 1 40  ASN 40  40  40  ASN ASN A . n 
A 1 41  ALA 41  41  41  ALA ALA A . n 
A 1 42  ALA 42  42  42  ALA ALA A . n 
A 1 43  LYS 43  43  43  LYS LYS A . n 
A 1 44  SER 44  44  44  SER SER A . n 
A 1 45  GLU 45  45  45  GLU GLU A . n 
A 1 46  LEU 46  46  46  LEU LEU A . n 
A 1 47  ASP 47  47  47  ASP ASP A . n 
A 1 48  LYS 48  48  48  LYS LYS A . n 
A 1 49  ALA 49  49  49  ALA ALA A . n 
A 1 50  ILE 50  50  50  ILE ILE A . n 
A 1 51  GLY 51  51  51  GLY GLY A . n 
A 1 52  ARG 52  52  52  ARG ARG A . n 
A 1 53  ASN 53  53  53  ASN ASN A . n 
A 1 54  THR 54  54  54  THR THR A . n 
A 1 55  ASN 55  55  55  ASN ASN A . n 
A 1 56  GLY 56  56  56  GLY GLY A . n 
A 1 57  VAL 57  57  57  VAL VAL A . n 
A 1 58  ILE 58  58  58  ILE ILE A . n 
A 1 59  THR 59  59  59  THR THR A . n 
A 1 60  LYS 60  60  60  LYS LYS A . n 
A 1 61  ASP 61  61  61  ASP ASP A . n 
A 1 62  GLU 62  62  62  GLU GLU A . n 
A 1 63  ALA 63  63  63  ALA ALA A . n 
A 1 64  GLU 64  64  64  GLU GLU A . n 
A 1 65  LYS 65  65  65  LYS LYS A . n 
A 1 66  LEU 66  66  66  LEU LEU A . n 
A 1 67  PHE 67  67  67  PHE PHE A . n 
A 1 68  ASN 68  68  68  ASN ASN A . n 
A 1 69  GLN 69  69  69  GLN GLN A . n 
A 1 70  ASP 70  70  70  ASP ASP A . n 
A 1 71  VAL 71  71  71  VAL VAL A . n 
A 1 72  ASP 72  72  72  ASP ASP A . n 
A 1 73  ALA 73  73  73  ALA ALA A . n 
A 1 74  ALA 74  74  74  ALA ALA A . n 
A 1 75  VAL 75  75  75  VAL VAL A . n 
A 1 76  ARG 76  76  76  ARG ARG A . n 
A 1 77  GLY 77  77  77  GLY GLY A . n 
A 1 78  ILE 78  78  78  ILE ILE A . n 
A 1 79  LEU 79  79  79  LEU LEU A . n 
A 1 80  ARG 80  80  80  ARG ARG A . n 
A 1 81  ASN 81  81  81  ASN ASN A . n 
A 1 82  ALA 82  82  82  ALA ALA A . n 
A 1 83  LYS 83  83  83  LYS LYS A . n 
A 1 84  LEU 84  84  84  LEU LEU A . n 
A 1 85  LYS 85  85  85  LYS LYS A . n 
A 1 86  PRO 86  86  86  PRO PRO A . n 
A 1 87  VAL 87  87  87  VAL VAL A . n 
A 1 88  TYR 88  88  88  TYR TYR A . n 
A 1 89  ASP 89  89  89  ASP ASP A . n 
A 1 90  SER 90  90  90  SER SER A . n 
A 1 91  LEU 91  91  91  LEU LEU A . n 
A 1 92  ASP 92  92  92  ASP ASP A . n 
A 1 93  ALA 93  93  93  ALA ALA A . n 
A 1 94  VAL 94  94  94  VAL VAL A . n 
A 1 95  ARG 95  95  95  ARG ARG A . n 
A 1 96  ARG 96  96  96  ARG ARG A . n 
A 1 97  ALA 97  97  97  ALA ALA A . n 
A 1 98  ALA 98  98  98  ALA ALA A . n 
A 1 99  ALA 99  99  99  ALA ALA A . n 
A 1 100 ILE 100 100 100 ILE ILE A . n 
A 1 101 ASN 101 101 101 ASN ASN A . n 
A 1 102 MET 102 102 102 MET MET A . n 
A 1 103 VAL 103 103 103 VAL VAL A . n 
A 1 104 PHE 104 104 104 PHE PHE A . n 
A 1 105 GLN 105 105 105 GLN GLN A . n 
A 1 106 MET 106 106 106 MET MET A . n 
A 1 107 GLY 107 107 107 GLY GLY A . n 
A 1 108 GLU 108 108 108 GLU GLU A . n 
A 1 109 THR 109 109 109 THR THR A . n 
A 1 110 GLY 110 110 110 GLY GLY A . n 
A 1 111 VAL 111 111 111 VAL VAL A . n 
A 1 112 ALA 112 112 112 ALA ALA A . n 
A 1 113 GLY 113 113 113 GLY GLY A . n 
A 1 114 PHE 114 114 114 PHE PHE A . n 
A 1 115 THR 115 115 115 THR THR A . n 
A 1 116 ASN 116 116 116 ASN ASN A . n 
A 1 117 SER 117 117 117 SER SER A . n 
A 1 118 LEU 118 118 118 LEU LEU A . n 
A 1 119 ARG 119 119 119 ARG ARG A . n 
A 1 120 MET 120 120 120 MET MET A . n 
A 1 121 LEU 121 121 121 LEU LEU A . n 
A 1 122 GLN 122 122 122 GLN GLN A . n 
A 1 123 GLN 123 123 123 GLN GLN A . n 
A 1 124 LYS 124 124 124 LYS LYS A . n 
A 1 125 ARG 125 125 125 ARG ARG A . n 
A 1 126 TRP 126 126 126 TRP TRP A . n 
A 1 127 ASP 127 127 127 ASP ASP A . n 
A 1 128 GLU 128 128 128 GLU GLU A . n 
A 1 129 ALA 129 129 129 ALA ALA A . n 
A 1 130 ALA 130 130 130 ALA ALA A . n 
A 1 131 VAL 131 131 131 VAL VAL A . n 
A 1 132 ASN 132 132 132 ASN ASN A . n 
A 1 133 LEU 133 133 133 LEU LEU A . n 
A 1 134 ALA 134 134 134 ALA ALA A . n 
A 1 135 LYS 135 135 135 LYS LYS A . n 
A 1 136 SER 136 136 136 SER SER A . n 
A 1 137 ARG 137 137 137 ARG ARG A . n 
A 1 138 TRP 138 138 138 TRP TRP A . n 
A 1 139 TYR 139 139 139 TYR TYR A . n 
A 1 140 ASN 140 140 140 ASN ASN A . n 
A 1 141 GLN 141 141 141 GLN GLN A . n 
A 1 142 THR 142 142 142 THR THR A . n 
A 1 143 PRO 143 143 143 PRO PRO A . n 
A 1 144 ASN 144 144 144 ASN ASN A . n 
A 1 145 ARG 145 145 145 ARG ARG A . n 
A 1 146 ALA 146 146 146 ALA ALA A . n 
A 1 147 LYS 147 147 147 LYS LYS A . n 
A 1 148 ARG 148 148 148 ARG ARG A . n 
A 1 149 VAL 149 149 149 VAL VAL A . n 
A 1 150 ILE 150 150 150 ILE ILE A . n 
A 1 151 THR 151 151 151 THR THR A . n 
A 1 152 THR 152 152 152 THR THR A . n 
A 1 153 PHE 153 153 153 PHE PHE A . n 
A 1 154 ARG 154 154 154 ARG ARG A . n 
A 1 155 THR 155 155 155 THR THR A . n 
A 1 156 GLY 156 156 156 GLY GLY A . n 
A 1 157 THR 157 157 157 THR THR A . n 
A 1 158 TRP 158 158 158 TRP TRP A . n 
A 1 159 ASP 159 159 159 ASP ASP A . n 
A 1 160 ALA 160 160 160 ALA ALA A . n 
A 1 161 TYR 161 161 161 TYR TYR A . n 
A 1 162 LYS 162 162 162 LYS LYS A . n 
A 1 163 ASN 163 163 ?   ?   ?   A . n 
A 1 164 LEU 164 164 ?   ?   ?   A . n 
# 
loop_
_pdbx_nonpoly_scheme.asym_id 
_pdbx_nonpoly_scheme.entity_id 
_pdbx_nonpoly_scheme.mon_id 
_pdbx_nonpoly_scheme.ndb_seq_num 
_pdbx_nonpoly_scheme.pdb_seq_num 
_pdbx_nonpoly_scheme.auth_seq_num 
_pdbx_nonpoly_scheme.pdb_mon_id 
_pdbx_nonpoly_scheme.auth_mon_id 
_pdbx_nonpoly_scheme.pdb_strand_id 
_pdbx_nonpoly_scheme.pdb_ins_code 
B 2 CL  1   173 173 CL  CL  A . 
C 2 CL  1   178 178 CL  CL  A . 
D 3 HED 1   170 170 HED HED A . 
E 4 I4B 1   401 401 I4B I4B A . 
F 5 HOH 1   171 171 HOH HOH A . 
F 5 HOH 2   172 172 HOH HOH A . 
F 5 HOH 3   174 174 HOH HOH A . 
F 5 HOH 4   175 175 HOH HOH A . 
F 5 HOH 5   176 176 HOH HOH A . 
F 5 HOH 6   177 177 HOH HOH A . 
F 5 HOH 7   179 179 HOH HOH A . 
F 5 HOH 8   180 180 HOH HOH A . 
F 5 HOH 9   181 181 HOH HOH A . 
F 5 HOH 10  182 182 HOH HOH A . 
F 5 HOH 11  183 183 HOH HOH A . 
F 5 HOH 12  184 184 HOH HOH A . 
F 5 HOH 13  185 185 HOH HOH A . 
F 5 HOH 14  186 186 HOH HOH A . 
F 5 HOH 15  187 187 HOH HOH A . 
F 5 HOH 16  188 188 HOH HOH A . 
F 5 HOH 17  189 189 HOH HOH A . 
F 5 HOH 18  190 190 HOH HOH A . 
F 5 HOH 19  191 191 HOH HOH A . 
F 5 HOH 20  192 192 HOH HOH A . 
F 5 HOH 21  193 193 HOH HOH A . 
F 5 HOH 22  194 194 HOH HOH A . 
F 5 HOH 23  195 195 HOH HOH A . 
F 5 HOH 24  196 196 HOH HOH A . 
F 5 HOH 25  198 198 HOH HOH A . 
F 5 HOH 26  200 200 HOH HOH A . 
F 5 HOH 27  201 201 HOH HOH A . 
F 5 HOH 28  202 202 HOH HOH A . 
F 5 HOH 29  203 203 HOH HOH A . 
F 5 HOH 30  204 204 HOH HOH A . 
F 5 HOH 31  207 207 HOH HOH A . 
F 5 HOH 32  208 208 HOH HOH A . 
F 5 HOH 33  209 209 HOH HOH A . 
F 5 HOH 34  210 210 HOH HOH A . 
F 5 HOH 35  211 211 HOH HOH A . 
F 5 HOH 36  213 213 HOH HOH A . 
F 5 HOH 37  214 214 HOH HOH A . 
F 5 HOH 38  215 215 HOH HOH A . 
F 5 HOH 39  216 216 HOH HOH A . 
F 5 HOH 40  217 217 HOH HOH A . 
F 5 HOH 41  218 218 HOH HOH A . 
F 5 HOH 42  219 219 HOH HOH A . 
F 5 HOH 43  220 220 HOH HOH A . 
F 5 HOH 44  221 221 HOH HOH A . 
F 5 HOH 45  222 222 HOH HOH A . 
F 5 HOH 46  223 223 HOH HOH A . 
F 5 HOH 47  224 224 HOH HOH A . 
F 5 HOH 48  225 225 HOH HOH A . 
F 5 HOH 49  226 226 HOH HOH A . 
F 5 HOH 50  227 227 HOH HOH A . 
F 5 HOH 51  228 228 HOH HOH A . 
F 5 HOH 52  229 229 HOH HOH A . 
F 5 HOH 53  230 230 HOH HOH A . 
F 5 HOH 54  231 231 HOH HOH A . 
F 5 HOH 55  232 232 HOH HOH A . 
F 5 HOH 56  233 233 HOH HOH A . 
F 5 HOH 57  235 235 HOH HOH A . 
F 5 HOH 58  236 236 HOH HOH A . 
F 5 HOH 59  237 237 HOH HOH A . 
F 5 HOH 60  238 238 HOH HOH A . 
F 5 HOH 61  239 239 HOH HOH A . 
F 5 HOH 62  240 240 HOH HOH A . 
F 5 HOH 63  242 242 HOH HOH A . 
F 5 HOH 64  244 244 HOH HOH A . 
F 5 HOH 65  245 245 HOH HOH A . 
F 5 HOH 66  246 246 HOH HOH A . 
F 5 HOH 67  247 247 HOH HOH A . 
F 5 HOH 68  248 248 HOH HOH A . 
F 5 HOH 69  249 249 HOH HOH A . 
F 5 HOH 70  250 250 HOH HOH A . 
F 5 HOH 71  251 251 HOH HOH A . 
F 5 HOH 72  253 253 HOH HOH A . 
F 5 HOH 73  254 254 HOH HOH A . 
F 5 HOH 74  256 256 HOH HOH A . 
F 5 HOH 75  258 258 HOH HOH A . 
F 5 HOH 76  259 259 HOH HOH A . 
F 5 HOH 77  260 260 HOH HOH A . 
F 5 HOH 78  261 261 HOH HOH A . 
F 5 HOH 79  263 263 HOH HOH A . 
F 5 HOH 80  266 266 HOH HOH A . 
F 5 HOH 81  267 267 HOH HOH A . 
F 5 HOH 82  268 268 HOH HOH A . 
F 5 HOH 83  269 269 HOH HOH A . 
F 5 HOH 84  270 270 HOH HOH A . 
F 5 HOH 85  271 271 HOH HOH A . 
F 5 HOH 86  272 272 HOH HOH A . 
F 5 HOH 87  273 273 HOH HOH A . 
F 5 HOH 88  274 274 HOH HOH A . 
F 5 HOH 89  277 277 HOH HOH A . 
F 5 HOH 90  278 278 HOH HOH A . 
F 5 HOH 91  279 279 HOH HOH A . 
F 5 HOH 92  280 280 HOH HOH A . 
F 5 HOH 93  281 281 HOH HOH A . 
F 5 HOH 94  282 282 HOH HOH A . 
F 5 HOH 95  283 283 HOH HOH A . 
F 5 HOH 96  284 284 HOH HOH A . 
F 5 HOH 97  286 286 HOH HOH A . 
F 5 HOH 98  288 288 HOH HOH A . 
F 5 HOH 99  290 290 HOH HOH A . 
F 5 HOH 100 292 292 HOH HOH A . 
F 5 HOH 101 293 293 HOH HOH A . 
F 5 HOH 102 295 295 HOH HOH A . 
F 5 HOH 103 296 296 HOH HOH A . 
F 5 HOH 104 297 297 HOH HOH A . 
F 5 HOH 105 298 298 HOH HOH A . 
F 5 HOH 106 299 299 HOH HOH A . 
F 5 HOH 107 300 300 HOH HOH A . 
F 5 HOH 108 301 301 HOH HOH A . 
F 5 HOH 109 303 303 HOH HOH A . 
F 5 HOH 110 306 306 HOH HOH A . 
F 5 HOH 111 307 307 HOH HOH A . 
F 5 HOH 112 308 308 HOH HOH A . 
F 5 HOH 113 311 311 HOH HOH A . 
F 5 HOH 114 313 313 HOH HOH A . 
F 5 HOH 115 314 314 HOH HOH A . 
F 5 HOH 116 315 315 HOH HOH A . 
F 5 HOH 117 316 316 HOH HOH A . 
F 5 HOH 118 317 317 HOH HOH A . 
F 5 HOH 119 321 321 HOH HOH A . 
F 5 HOH 120 323 323 HOH HOH A . 
F 5 HOH 121 324 324 HOH HOH A . 
F 5 HOH 122 325 325 HOH HOH A . 
F 5 HOH 123 326 326 HOH HOH A . 
F 5 HOH 124 327 327 HOH HOH A . 
F 5 HOH 125 328 328 HOH HOH A . 
# 
_software.name             TNT 
_software.classification   refinement 
_software.version          . 
_software.citation_id      ? 
_software.pdbx_ordinal     1 
# 
_cell.entry_id           184L 
_cell.length_a           60.900 
_cell.length_b           60.900 
_cell.length_c           97.300 
_cell.angle_alpha        90.00 
_cell.angle_beta         90.00 
_cell.angle_gamma        120.00 
_cell.Z_PDB              6 
_cell.pdbx_unique_axis   ? 
# 
_symmetry.entry_id                         184L 
_symmetry.space_group_name_H-M             'P 32 2 1' 
_symmetry.pdbx_full_space_group_name_H-M   ? 
_symmetry.cell_setting                     ? 
_symmetry.Int_Tables_number                154 
# 
_exptl.entry_id          184L 
_exptl.method            'X-RAY DIFFRACTION' 
_exptl.crystals_number   ? 
# 
_exptl_crystal.id                    1 
_exptl_crystal.density_meas          ? 
_exptl_crystal.density_Matthews      2.80 
_exptl_crystal.density_percent_sol   56.10 
_exptl_crystal.description           ? 
# 
_diffrn.id                     1 
_diffrn.ambient_temp           ? 
_diffrn.ambient_temp_details   ? 
_diffrn.crystal_id             1 
# 
_diffrn_radiation.diffrn_id                        1 
_diffrn_radiation.wavelength_id                    1 
_diffrn_radiation.pdbx_monochromatic_or_laue_m_l   ? 
_diffrn_radiation.monochromator                    ? 
_diffrn_radiation.pdbx_diffrn_protocol             ? 
_diffrn_radiation.pdbx_scattering_type             x-ray 
# 
_diffrn_radiation_wavelength.id           1 
_diffrn_radiation_wavelength.wavelength   . 
_diffrn_radiation_wavelength.wt           1.0 
# 
_refine.entry_id                                 184L 
_refine.ls_number_reflns_obs                     17474 
_refine.ls_number_reflns_all                     ? 
_refine.pdbx_ls_sigma_I                          ? 
_refine.pdbx_ls_sigma_F                          0.0 
_refine.pdbx_data_cutoff_high_absF               ? 
_refine.pdbx_data_cutoff_low_absF                ? 
_refine.pdbx_data_cutoff_high_rms_absF           ? 
_refine.ls_d_res_low                             20.0 
_refine.ls_d_res_high                            1.80 
_refine.ls_percent_reflns_obs                    ? 
_refine.ls_R_factor_obs                          0.1620000 
_refine.ls_R_factor_all                          ? 
_refine.ls_R_factor_R_work                       ? 
_refine.ls_R_factor_R_free                       ? 
_refine.ls_R_factor_R_free_error                 ? 
_refine.ls_R_factor_R_free_error_details         ? 
_refine.ls_percent_reflns_R_free                 ? 
_refine.ls_number_reflns_R_free                  ? 
_refine.ls_number_parameters                     ? 
_refine.ls_number_restraints                     ? 
_refine.occupancy_min                            ? 
_refine.occupancy_max                            ? 
_refine.B_iso_mean                               ? 
_refine.aniso_B[1][1]                            ? 
_refine.aniso_B[2][2]                            ? 
_refine.aniso_B[3][3]                            ? 
_refine.aniso_B[1][2]                            ? 
_refine.aniso_B[1][3]                            ? 
_refine.aniso_B[2][3]                            ? 
_refine.solvent_model_details                    ? 
_refine.solvent_model_param_ksol                 ? 
_refine.solvent_model_param_bsol                 ? 
_refine.pdbx_ls_cross_valid_method               ? 
_refine.details                                  ? 
_refine.pdbx_starting_model                      ? 
_refine.pdbx_method_to_determine_struct          ? 
_refine.pdbx_isotropic_thermal_model             ? 
_refine.pdbx_stereochemistry_target_values       ? 
_refine.pdbx_stereochem_target_val_spec_case     ? 
_refine.pdbx_R_Free_selection_details            ? 
_refine.pdbx_overall_ESU_R                       ? 
_refine.pdbx_overall_ESU_R_Free                  ? 
_refine.overall_SU_ML                            ? 
_refine.overall_SU_B                             ? 
_refine.pdbx_refine_id                           'X-RAY DIFFRACTION' 
_refine.pdbx_diffrn_id                           1 
_refine.pdbx_TLS_residual_ADP_flag               ? 
_refine.correlation_coeff_Fo_to_Fc               ? 
_refine.correlation_coeff_Fo_to_Fc_free          ? 
_refine.pdbx_solvent_vdw_probe_radii             ? 
_refine.pdbx_solvent_ion_probe_radii             ? 
_refine.pdbx_solvent_shrinkage_radii             ? 
_refine.pdbx_overall_phase_error                 ? 
_refine.overall_SU_R_Cruickshank_DPI             ? 
_refine.pdbx_overall_SU_R_free_Cruickshank_DPI   ? 
_refine.pdbx_overall_SU_R_Blow_DPI               ? 
_refine.pdbx_overall_SU_R_free_Blow_DPI          ? 
# 
_refine_hist.pdbx_refine_id                   'X-RAY DIFFRACTION' 
_refine_hist.cycle_id                         LAST 
_refine_hist.pdbx_number_atoms_protein        1289 
_refine_hist.pdbx_number_atoms_nucleic_acid   0 
_refine_hist.pdbx_number_atoms_ligand         20 
_refine_hist.number_atoms_solvent             125 
_refine_hist.number_atoms_total               1434 
_refine_hist.d_res_high                       1.80 
_refine_hist.d_res_low                        20.0 
# 
loop_
_refine_ls_restr.type 
_refine_ls_restr.dev_ideal 
_refine_ls_restr.dev_ideal_target 
_refine_ls_restr.weight 
_refine_ls_restr.number 
_refine_ls_restr.pdbx_refine_id 
_refine_ls_restr.pdbx_restraint_function 
t_bond_d           0.015 ? ? ? 'X-RAY DIFFRACTION' ? 
t_angle_deg        2.1   ? ? ? 'X-RAY DIFFRACTION' ? 
t_dihedral_angle_d ?     ? ? ? 'X-RAY DIFFRACTION' ? 
t_incorr_chiral_ct ?     ? ? ? 'X-RAY DIFFRACTION' ? 
t_pseud_angle      ?     ? ? ? 'X-RAY DIFFRACTION' ? 
t_trig_c_planes    ?     ? ? ? 'X-RAY DIFFRACTION' ? 
t_gen_planes       ?     ? ? ? 'X-RAY DIFFRACTION' ? 
t_it               ?     ? ? ? 'X-RAY DIFFRACTION' ? 
t_nbd              ?     ? ? ? 'X-RAY DIFFRACTION' ? 
# 
_struct.entry_id                  184L 
_struct.title                     
'SPECIFICITY OF LIGAND BINDING IN A BURIED NON-POLAR CAVITY OF T4 LYSOZYME: LINKAGE OF DYNAMICS AND STRUCTURAL PLASTICITY' 
_struct.pdbx_model_details        ? 
_struct.pdbx_CASP_flag            ? 
_struct.pdbx_model_type_details   ? 
# 
_struct_keywords.entry_id        184L 
_struct_keywords.pdbx_keywords   'HYDROLASE (O-GLYCOSYL)' 
_struct_keywords.text            'HYDROLASE (O-GLYCOSYL)' 
# 
loop_
_struct_asym.id 
_struct_asym.pdbx_blank_PDB_chainid_flag 
_struct_asym.pdbx_modified 
_struct_asym.entity_id 
_struct_asym.details 
A N N 1 ? 
B N N 2 ? 
C N N 2 ? 
D N N 3 ? 
E N N 4 ? 
F N N 5 ? 
# 
_struct_ref.id                         1 
_struct_ref.db_name                    UNP 
_struct_ref.db_code                    LYS_BPT4 
_struct_ref.entity_id                  1 
_struct_ref.pdbx_db_accession          P00720 
_struct_ref.pdbx_align_begin           1 
_struct_ref.pdbx_seq_one_letter_code   
;MNIFEMLRIDEGLRLKIYKDTEGYYTIGIGHLLTKSPSLNAAKSELDKAIGRNCNGVITKDEAEKLFNQDVDAAVRGILR
NAKLKPVYDSLDAVRRCALINMVFQMGETGVAGFTNSLRMLQQKRWDEAAVNLAKSRWYNQTPNRAKRVITTFRTGTWDA
YKNL
;
_struct_ref.pdbx_db_isoform            ? 
# 
_struct_ref_seq.align_id                      1 
_struct_ref_seq.ref_id                        1 
_struct_ref_seq.pdbx_PDB_id_code              184L 
_struct_ref_seq.pdbx_strand_id                A 
_struct_ref_seq.seq_align_beg                 1 
_struct_ref_seq.pdbx_seq_align_beg_ins_code   ? 
_struct_ref_seq.seq_align_end                 164 
_struct_ref_seq.pdbx_seq_align_end_ins_code   ? 
_struct_ref_seq.pdbx_db_accession             P00720 
_struct_ref_seq.db_align_beg                  1 
_struct_ref_seq.pdbx_db_align_beg_ins_code    ? 
_struct_ref_seq.db_align_end                  164 
_struct_ref_seq.pdbx_db_align_end_ins_code    ? 
_struct_ref_seq.pdbx_auth_seq_align_beg       1 
_struct_ref_seq.pdbx_auth_seq_align_end       164 
# 
loop_
_struct_ref_seq_dif.align_id 
_struct_ref_seq_dif.pdbx_pdb_id_code 
_struct_ref_seq_dif.mon_id 
_struct_ref_seq_dif.pdbx_pdb_strand_id 
_struct_ref_seq_dif.seq_num 
_struct_ref_seq_dif.pdbx_pdb_ins_code 
_struct_ref_seq_dif.pdbx_seq_db_name 
_struct_ref_seq_dif.pdbx_seq_db_accession_code 
_struct_ref_seq_dif.db_mon_id 
_struct_ref_seq_dif.pdbx_seq_db_seq_num 
_struct_ref_seq_dif.details 
_struct_ref_seq_dif.pdbx_auth_seq_num 
_struct_ref_seq_dif.pdbx_ordinal 
1 184L THR A 54 ? UNP P00720 CYS 54 conflict 54 1 
1 184L ALA A 97 ? UNP P00720 CYS 97 conflict 97 2 
1 184L ALA A 99 ? UNP P00720 LEU 99 conflict 99 3 
# 
_pdbx_struct_assembly.id                   1 
_pdbx_struct_assembly.details              author_defined_assembly 
_pdbx_struct_assembly.method_details       ? 
_pdbx_struct_assembly.oligomeric_details   monomeric 
_pdbx_struct_assembly.oligomeric_count     1 
# 
_pdbx_struct_assembly_gen.assembly_id       1 
_pdbx_struct_assembly_gen.oper_expression   1 
_pdbx_struct_assembly_gen.asym_id_list      A,B,C,D,E,F 
# 
_pdbx_struct_oper_list.id                   1 
_pdbx_struct_oper_list.type                 'identity operation' 
_pdbx_struct_oper_list.name                 1_555 
_pdbx_struct_oper_list.symmetry_operation   x,y,z 
_pdbx_struct_oper_list.matrix[1][1]         1.0000000000 
_pdbx_struct_oper_list.matrix[1][2]         0.0000000000 
_pdbx_struct_oper_list.matrix[1][3]         0.0000000000 
_pdbx_struct_oper_list.vector[1]            0.0000000000 
_pdbx_struct_oper_list.matrix[2][1]         0.0000000000 
_pdbx_struct_oper_list.matrix[2][2]         1.0000000000 
_pdbx_struct_oper_list.matrix[2][3]         0.0000000000 
_pdbx_struct_oper_list.vector[2]            0.0000000000 
_pdbx_struct_oper_list.matrix[3][1]         0.0000000000 
_pdbx_struct_oper_list.matrix[3][2]         0.0000000000 
_pdbx_struct_oper_list.matrix[3][3]         1.0000000000 
_pdbx_struct_oper_list.vector[3]            0.0000000000 
# 
_struct_biol.id   1 
# 
loop_
_struct_conf.conf_type_id 
_struct_conf.id 
_struct_conf.pdbx_PDB_helix_id 
_struct_conf.beg_label_comp_id 
_struct_conf.beg_label_asym_id 
_struct_conf.beg_label_seq_id 
_struct_conf.pdbx_beg_PDB_ins_code 
_struct_conf.end_label_comp_id 
_struct_conf.end_label_asym_id 
_struct_conf.end_label_seq_id 
_struct_conf.pdbx_end_PDB_ins_code 
_struct_conf.beg_auth_comp_id 
_struct_conf.beg_auth_asym_id 
_struct_conf.beg_auth_seq_id 
_struct_conf.end_auth_comp_id 
_struct_conf.end_auth_asym_id 
_struct_conf.end_auth_seq_id 
_struct_conf.pdbx_PDB_helix_class 
_struct_conf.details 
_struct_conf.pdbx_PDB_helix_length 
HELX_P HELX_P1  H1  ILE A 3   ? GLU A 11  ? ILE A 3   GLU A 11  1 ?                        9  
HELX_P HELX_P2  H2  LEU A 39  ? ILE A 50  ? LEU A 39  ILE A 50  1 ?                        12 
HELX_P HELX_P3  H3  LYS A 60  ? ARG A 80  ? LYS A 60  ARG A 80  1 ?                        21 
HELX_P HELX_P4  H4  ALA A 82  ? SER A 90  ? ALA A 82  SER A 90  1 ?                        9  
HELX_P HELX_P5  H5  ALA A 93  ? MET A 106 ? ALA A 93  MET A 106 1 ?                        14 
HELX_P HELX_P6  H6  GLU A 108 ? GLY A 113 ? GLU A 108 GLY A 113 1 'SEE REF. 1 FOR DETAILS' 6  
HELX_P HELX_P7  H7  THR A 115 ? GLN A 123 ? THR A 115 GLN A 123 1 ?                        9  
HELX_P HELX_P8  H8  TRP A 126 ? ALA A 134 ? TRP A 126 ALA A 134 1 ?                        9  
HELX_P HELX_P9  H9  ARG A 137 ? GLN A 141 ? ARG A 137 GLN A 141 1 ?                        5  
HELX_P HELX_P10 H10 PRO A 143 ? THR A 155 ? PRO A 143 THR A 155 1 ?                        13 
# 
_struct_conf_type.id          HELX_P 
_struct_conf_type.criteria    ? 
_struct_conf_type.reference   ? 
# 
_struct_sheet.id               A 
_struct_sheet.type             ? 
_struct_sheet.number_strands   2 
_struct_sheet.details          ? 
# 
_struct_sheet_order.sheet_id     A 
_struct_sheet_order.range_id_1   1 
_struct_sheet_order.range_id_2   2 
_struct_sheet_order.offset       ? 
_struct_sheet_order.sense        anti-parallel 
# 
loop_
_struct_sheet_range.sheet_id 
_struct_sheet_range.id 
_struct_sheet_range.beg_label_comp_id 
_struct_sheet_range.beg_label_asym_id 
_struct_sheet_range.beg_label_seq_id 
_struct_sheet_range.pdbx_beg_PDB_ins_code 
_struct_sheet_range.end_label_comp_id 
_struct_sheet_range.end_label_asym_id 
_struct_sheet_range.end_label_seq_id 
_struct_sheet_range.pdbx_end_PDB_ins_code 
_struct_sheet_range.beg_auth_comp_id 
_struct_sheet_range.beg_auth_asym_id 
_struct_sheet_range.beg_auth_seq_id 
_struct_sheet_range.end_auth_comp_id 
_struct_sheet_range.end_auth_asym_id 
_struct_sheet_range.end_auth_seq_id 
A 1 TYR A 25 ? ILE A 27 ? TYR A 25 ILE A 27 
A 2 HIS A 31 ? THR A 34 ? HIS A 31 THR A 34 
# 
_pdbx_struct_sheet_hbond.sheet_id                A 
_pdbx_struct_sheet_hbond.range_id_1              1 
_pdbx_struct_sheet_hbond.range_id_2              2 
_pdbx_struct_sheet_hbond.range_1_label_atom_id   O 
_pdbx_struct_sheet_hbond.range_1_label_comp_id   TYR 
_pdbx_struct_sheet_hbond.range_1_label_asym_id   A 
_pdbx_struct_sheet_hbond.range_1_label_seq_id    25 
_pdbx_struct_sheet_hbond.range_1_PDB_ins_code    ? 
_pdbx_struct_sheet_hbond.range_1_auth_atom_id    O 
_pdbx_struct_sheet_hbond.range_1_auth_comp_id    TYR 
_pdbx_struct_sheet_hbond.range_1_auth_asym_id    A 
_pdbx_struct_sheet_hbond.range_1_auth_seq_id     25 
_pdbx_struct_sheet_hbond.range_2_label_atom_id   N 
_pdbx_struct_sheet_hbond.range_2_label_comp_id   THR 
_pdbx_struct_sheet_hbond.range_2_label_asym_id   A 
_pdbx_struct_sheet_hbond.range_2_label_seq_id    34 
_pdbx_struct_sheet_hbond.range_2_PDB_ins_code    ? 
_pdbx_struct_sheet_hbond.range_2_auth_atom_id    N 
_pdbx_struct_sheet_hbond.range_2_auth_comp_id    THR 
_pdbx_struct_sheet_hbond.range_2_auth_asym_id    A 
_pdbx_struct_sheet_hbond.range_2_auth_seq_id     34 
# 
loop_
_struct_site.id 
_struct_site.pdbx_evidence_code 
_struct_site.pdbx_auth_asym_id 
_struct_site.pdbx_auth_comp_id 
_struct_site.pdbx_auth_seq_id 
_struct_site.pdbx_auth_ins_code 
_struct_site.pdbx_num_residues 
_struct_site.details 
99A Unknown  ? ?   ?   ? 17 ?                                    
AC1 Software A CL  173 ? 4  'BINDING SITE FOR RESIDUE CL A 173'  
AC2 Software A CL  178 ? 3  'BINDING SITE FOR RESIDUE CL A 178'  
AC3 Software A HED 170 ? 4  'BINDING SITE FOR RESIDUE HED A 170' 
AC4 Software A I4B 401 ? 3  'BINDING SITE FOR RESIDUE I4B A 401' 
# 
loop_
_struct_site_gen.id 
_struct_site_gen.site_id 
_struct_site_gen.pdbx_num_res 
_struct_site_gen.label_comp_id 
_struct_site_gen.label_asym_id 
_struct_site_gen.label_seq_id 
_struct_site_gen.pdbx_auth_ins_code 
_struct_site_gen.auth_comp_id 
_struct_site_gen.auth_asym_id 
_struct_site_gen.auth_seq_id 
_struct_site_gen.label_atom_id 
_struct_site_gen.label_alt_id 
_struct_site_gen.symmetry 
_struct_site_gen.details 
1  99A 17 ILE A 78  ? ILE A 78  . ? 1_555 ? 
2  99A 17 LEU A 84  ? LEU A 84  . ? 1_555 ? 
3  99A 17 VAL A 87  ? VAL A 87  . ? 1_555 ? 
4  99A 17 TYR A 88  ? TYR A 88  . ? 1_555 ? 
5  99A 17 ALA A 99  ? ALA A 99  . ? 1_555 ? 
6  99A 17 MET A 102 ? MET A 102 . ? 1_555 ? 
7  99A 17 VAL A 103 ? VAL A 103 . ? 1_555 ? 
8  99A 17 THR A 109 ? THR A 109 . ? 1_555 ? 
9  99A 17 GLY A 110 ? GLY A 110 . ? 1_555 ? 
10 99A 17 VAL A 111 ? VAL A 111 . ? 1_555 ? 
11 99A 17 ALA A 112 ? ALA A 112 . ? 1_555 ? 
12 99A 17 GLY A 113 ? GLY A 113 . ? 1_555 ? 
13 99A 17 PHE A 114 ? PHE A 114 . ? 1_555 ? 
14 99A 17 LEU A 118 ? LEU A 118 . ? 1_555 ? 
15 99A 17 LEU A 121 ? LEU A 121 . ? 1_555 ? 
16 99A 17 LEU A 133 ? LEU A 133 . ? 1_555 ? 
17 99A 17 PHE A 153 ? PHE A 153 . ? 1_555 ? 
18 AC1 4  LYS A 124 ? LYS A 124 . ? 4_655 ? 
19 AC1 4  THR A 142 ? THR A 142 . ? 1_555 ? 
20 AC1 4  ASN A 144 ? ASN A 144 . ? 1_555 ? 
21 AC1 4  ARG A 145 ? ARG A 145 . ? 1_555 ? 
22 AC2 3  LYS A 135 ? LYS A 135 . ? 3_665 ? 
23 AC2 3  HOH F .   ? HOH A 200 . ? 1_555 ? 
24 AC2 3  HOH F .   ? HOH A 215 . ? 1_555 ? 
25 AC3 4  ASP A 72  ? ASP A 72  . ? 5_555 ? 
26 AC3 4  TYR A 88  ? TYR A 88  . ? 1_555 ? 
27 AC3 4  ALA A 93  ? ALA A 93  . ? 1_555 ? 
28 AC3 4  HOH F .   ? HOH A 185 . ? 5_555 ? 
29 AC4 3  ALA A 99  ? ALA A 99  . ? 1_555 ? 
30 AC4 3  LEU A 118 ? LEU A 118 . ? 1_555 ? 
31 AC4 3  LEU A 133 ? LEU A 133 . ? 1_555 ? 
# 
_pdbx_validate_symm_contact.id                1 
_pdbx_validate_symm_contact.PDB_model_num     1 
_pdbx_validate_symm_contact.auth_atom_id_1    O1 
_pdbx_validate_symm_contact.auth_asym_id_1    A 
_pdbx_validate_symm_contact.auth_comp_id_1    HED 
_pdbx_validate_symm_contact.auth_seq_id_1     170 
_pdbx_validate_symm_contact.PDB_ins_code_1    ? 
_pdbx_validate_symm_contact.label_alt_id_1    ? 
_pdbx_validate_symm_contact.site_symmetry_1   1_555 
_pdbx_validate_symm_contact.auth_atom_id_2    O1 
_pdbx_validate_symm_contact.auth_asym_id_2    A 
_pdbx_validate_symm_contact.auth_comp_id_2    HED 
_pdbx_validate_symm_contact.auth_seq_id_2     170 
_pdbx_validate_symm_contact.PDB_ins_code_2    ? 
_pdbx_validate_symm_contact.label_alt_id_2    ? 
_pdbx_validate_symm_contact.site_symmetry_2   5_555 
_pdbx_validate_symm_contact.dist              1.67 
# 
loop_
_pdbx_validate_rmsd_angle.id 
_pdbx_validate_rmsd_angle.PDB_model_num 
_pdbx_validate_rmsd_angle.auth_atom_id_1 
_pdbx_validate_rmsd_angle.auth_asym_id_1 
_pdbx_validate_rmsd_angle.auth_comp_id_1 
_pdbx_validate_rmsd_angle.auth_seq_id_1 
_pdbx_validate_rmsd_angle.PDB_ins_code_1 
_pdbx_validate_rmsd_angle.label_alt_id_1 
_pdbx_validate_rmsd_angle.auth_atom_id_2 
_pdbx_validate_rmsd_angle.auth_asym_id_2 
_pdbx_validate_rmsd_angle.auth_comp_id_2 
_pdbx_validate_rmsd_angle.auth_seq_id_2 
_pdbx_validate_rmsd_angle.PDB_ins_code_2 
_pdbx_validate_rmsd_angle.label_alt_id_2 
_pdbx_validate_rmsd_angle.auth_atom_id_3 
_pdbx_validate_rmsd_angle.auth_asym_id_3 
_pdbx_validate_rmsd_angle.auth_comp_id_3 
_pdbx_validate_rmsd_angle.auth_seq_id_3 
_pdbx_validate_rmsd_angle.PDB_ins_code_3 
_pdbx_validate_rmsd_angle.label_alt_id_3 
_pdbx_validate_rmsd_angle.angle_value 
_pdbx_validate_rmsd_angle.angle_target_value 
_pdbx_validate_rmsd_angle.angle_deviation 
_pdbx_validate_rmsd_angle.angle_standard_deviation 
_pdbx_validate_rmsd_angle.linker_flag 
1  1 NE A ARG 8   ? ? CZ A ARG 8   ? ? NH1 A ARG 8   ? ? 123.84 120.30 3.54  0.50 N 
2  1 CB A ASP 10  ? ? CG A ASP 10  ? ? OD1 A ASP 10  ? ? 123.87 118.30 5.57  0.90 N 
3  1 CB A ASP 47  ? ? CG A ASP 47  ? ? OD1 A ASP 47  ? ? 126.30 118.30 8.00  0.90 N 
4  1 CB A ASP 47  ? ? CG A ASP 47  ? ? OD2 A ASP 47  ? ? 110.63 118.30 -7.67 0.90 N 
5  1 CB A ASP 70  ? ? CG A ASP 70  ? ? OD1 A ASP 70  ? ? 125.15 118.30 6.85  0.90 N 
6  1 CB A ASP 70  ? ? CG A ASP 70  ? ? OD2 A ASP 70  ? ? 110.90 118.30 -7.40 0.90 N 
7  1 CB A ASP 72  ? ? CG A ASP 72  ? ? OD2 A ASP 72  ? ? 124.34 118.30 6.04  0.90 N 
8  1 NE A ARG 76  ? ? CZ A ARG 76  ? ? NH1 A ARG 76  ? ? 123.80 120.30 3.50  0.50 N 
9  1 NE A ARG 80  ? ? CZ A ARG 80  ? ? NH1 A ARG 80  ? ? 125.38 120.30 5.08  0.50 N 
10 1 NE A ARG 80  ? ? CZ A ARG 80  ? ? NH2 A ARG 80  ? ? 115.70 120.30 -4.60 0.50 N 
11 1 CB A ASP 92  ? ? CG A ASP 92  ? ? OD1 A ASP 92  ? ? 112.44 118.30 -5.86 0.90 N 
12 1 NE A ARG 125 ? ? CZ A ARG 125 ? ? NH1 A ARG 125 ? ? 123.31 120.30 3.01  0.50 N 
13 1 CB A ASP 159 ? ? CG A ASP 159 ? ? OD1 A ASP 159 ? ? 112.61 118.30 -5.69 0.90 N 
14 1 CB A ASP 159 ? ? CG A ASP 159 ? ? OD2 A ASP 159 ? ? 124.25 118.30 5.95  0.90 N 
# 
loop_
_pdbx_validate_torsion.id 
_pdbx_validate_torsion.PDB_model_num 
_pdbx_validate_torsion.auth_comp_id 
_pdbx_validate_torsion.auth_asym_id 
_pdbx_validate_torsion.auth_seq_id 
_pdbx_validate_torsion.PDB_ins_code 
_pdbx_validate_torsion.label_alt_id 
_pdbx_validate_torsion.phi 
_pdbx_validate_torsion.psi 
1 1 ASP A 20 ? ? -77.80  -168.79 
2 1 ILE A 29 ? ? -103.44 73.99   
# 
loop_
_pdbx_unobs_or_zero_occ_residues.id 
_pdbx_unobs_or_zero_occ_residues.PDB_model_num 
_pdbx_unobs_or_zero_occ_residues.polymer_flag 
_pdbx_unobs_or_zero_occ_residues.occupancy_flag 
_pdbx_unobs_or_zero_occ_residues.auth_asym_id 
_pdbx_unobs_or_zero_occ_residues.auth_comp_id 
_pdbx_unobs_or_zero_occ_residues.auth_seq_id 
_pdbx_unobs_or_zero_occ_residues.PDB_ins_code 
_pdbx_unobs_or_zero_occ_residues.label_asym_id 
_pdbx_unobs_or_zero_occ_residues.label_comp_id 
_pdbx_unobs_or_zero_occ_residues.label_seq_id 
1 1 Y 1 A ASN 163 ? A ASN 163 
2 1 Y 1 A LEU 164 ? A LEU 164 
# 
loop_
_chem_comp_atom.comp_id 
_chem_comp_atom.atom_id 
_chem_comp_atom.type_symbol 
_chem_comp_atom.pdbx_aromatic_flag 
_chem_comp_atom.pdbx_stereo_config 
_chem_comp_atom.pdbx_ordinal 
ALA N      N  N N 1   
ALA CA     C  N S 2   
ALA C      C  N N 3   
ALA O      O  N N 4   
ALA CB     C  N N 5   
ALA OXT    O  N N 6   
ALA H      H  N N 7   
ALA H2     H  N N 8   
ALA HA     H  N N 9   
ALA HB1    H  N N 10  
ALA HB2    H  N N 11  
ALA HB3    H  N N 12  
ALA HXT    H  N N 13  
ARG N      N  N N 14  
ARG CA     C  N S 15  
ARG C      C  N N 16  
ARG O      O  N N 17  
ARG CB     C  N N 18  
ARG CG     C  N N 19  
ARG CD     C  N N 20  
ARG NE     N  N N 21  
ARG CZ     C  N N 22  
ARG NH1    N  N N 23  
ARG NH2    N  N N 24  
ARG OXT    O  N N 25  
ARG H      H  N N 26  
ARG H2     H  N N 27  
ARG HA     H  N N 28  
ARG HB2    H  N N 29  
ARG HB3    H  N N 30  
ARG HG2    H  N N 31  
ARG HG3    H  N N 32  
ARG HD2    H  N N 33  
ARG HD3    H  N N 34  
ARG HE     H  N N 35  
ARG HH11   H  N N 36  
ARG HH12   H  N N 37  
ARG HH21   H  N N 38  
ARG HH22   H  N N 39  
ARG HXT    H  N N 40  
ASN N      N  N N 41  
ASN CA     C  N S 42  
ASN C      C  N N 43  
ASN O      O  N N 44  
ASN CB     C  N N 45  
ASN CG     C  N N 46  
ASN OD1    O  N N 47  
ASN ND2    N  N N 48  
ASN OXT    O  N N 49  
ASN H      H  N N 50  
ASN H2     H  N N 51  
ASN HA     H  N N 52  
ASN HB2    H  N N 53  
ASN HB3    H  N N 54  
ASN HD21   H  N N 55  
ASN HD22   H  N N 56  
ASN HXT    H  N N 57  
ASP N      N  N N 58  
ASP CA     C  N S 59  
ASP C      C  N N 60  
ASP O      O  N N 61  
ASP CB     C  N N 62  
ASP CG     C  N N 63  
ASP OD1    O  N N 64  
ASP OD2    O  N N 65  
ASP OXT    O  N N 66  
ASP H      H  N N 67  
ASP H2     H  N N 68  
ASP HA     H  N N 69  
ASP HB2    H  N N 70  
ASP HB3    H  N N 71  
ASP HD2    H  N N 72  
ASP HXT    H  N N 73  
CL  CL     CL N N 74  
CYS N      N  N N 75  
CYS CA     C  N R 76  
CYS C      C  N N 77  
CYS O      O  N N 78  
CYS CB     C  N N 79  
CYS SG     S  N N 80  
CYS OXT    O  N N 81  
CYS H      H  N N 82  
CYS H2     H  N N 83  
CYS HA     H  N N 84  
CYS HB2    H  N N 85  
CYS HB3    H  N N 86  
CYS HG     H  N N 87  
CYS HXT    H  N N 88  
GLN N      N  N N 89  
GLN CA     C  N S 90  
GLN C      C  N N 91  
GLN O      O  N N 92  
GLN CB     C  N N 93  
GLN CG     C  N N 94  
GLN CD     C  N N 95  
GLN OE1    O  N N 96  
GLN NE2    N  N N 97  
GLN OXT    O  N N 98  
GLN H      H  N N 99  
GLN H2     H  N N 100 
GLN HA     H  N N 101 
GLN HB2    H  N N 102 
GLN HB3    H  N N 103 
GLN HG2    H  N N 104 
GLN HG3    H  N N 105 
GLN HE21   H  N N 106 
GLN HE22   H  N N 107 
GLN HXT    H  N N 108 
GLU N      N  N N 109 
GLU CA     C  N S 110 
GLU C      C  N N 111 
GLU O      O  N N 112 
GLU CB     C  N N 113 
GLU CG     C  N N 114 
GLU CD     C  N N 115 
GLU OE1    O  N N 116 
GLU OE2    O  N N 117 
GLU OXT    O  N N 118 
GLU H      H  N N 119 
GLU H2     H  N N 120 
GLU HA     H  N N 121 
GLU HB2    H  N N 122 
GLU HB3    H  N N 123 
GLU HG2    H  N N 124 
GLU HG3    H  N N 125 
GLU HE2    H  N N 126 
GLU HXT    H  N N 127 
GLY N      N  N N 128 
GLY CA     C  N N 129 
GLY C      C  N N 130 
GLY O      O  N N 131 
GLY OXT    O  N N 132 
GLY H      H  N N 133 
GLY H2     H  N N 134 
GLY HA2    H  N N 135 
GLY HA3    H  N N 136 
GLY HXT    H  N N 137 
HED C1     C  N N 138 
HED O1     O  N N 139 
HED C2     C  N N 140 
HED S3     S  N N 141 
HED S4     S  N N 142 
HED C5     C  N N 143 
HED C6     C  N N 144 
HED O6     O  N N 145 
HED H11    H  N N 146 
HED H12    H  N N 147 
HED HO1    H  N N 148 
HED H21    H  N N 149 
HED H22    H  N N 150 
HED H51    H  N N 151 
HED H52    H  N N 152 
HED H61    H  N N 153 
HED H62    H  N N 154 
HED HO6    H  N N 155 
HIS N      N  N N 156 
HIS CA     C  N S 157 
HIS C      C  N N 158 
HIS O      O  N N 159 
HIS CB     C  N N 160 
HIS CG     C  Y N 161 
HIS ND1    N  Y N 162 
HIS CD2    C  Y N 163 
HIS CE1    C  Y N 164 
HIS NE2    N  Y N 165 
HIS OXT    O  N N 166 
HIS H      H  N N 167 
HIS H2     H  N N 168 
HIS HA     H  N N 169 
HIS HB2    H  N N 170 
HIS HB3    H  N N 171 
HIS HD1    H  N N 172 
HIS HD2    H  N N 173 
HIS HE1    H  N N 174 
HIS HE2    H  N N 175 
HIS HXT    H  N N 176 
HOH O      O  N N 177 
HOH H1     H  N N 178 
HOH H2     H  N N 179 
I4B C1     C  Y N 180 
I4B C2     C  Y N 181 
I4B C3     C  Y N 182 
I4B C4     C  Y N 183 
I4B C5     C  Y N 184 
I4B C6     C  Y N 185 
I4B "C1'"  C  N N 186 
I4B "C2'"  C  N N 187 
I4B "C3'"  C  N N 188 
I4B "C4'"  C  N N 189 
I4B H2     H  N N 190 
I4B H3     H  N N 191 
I4B H4     H  N N 192 
I4B H5     H  N N 193 
I4B H6     H  N N 194 
I4B "H1'1" H  N N 195 
I4B "H1'2" H  N N 196 
I4B "H2'"  H  N N 197 
I4B "H3'1" H  N N 198 
I4B "H3'2" H  N N 199 
I4B "H3'3" H  N N 200 
I4B "H4'1" H  N N 201 
I4B "H4'2" H  N N 202 
I4B "H4'3" H  N N 203 
ILE N      N  N N 204 
ILE CA     C  N S 205 
ILE C      C  N N 206 
ILE O      O  N N 207 
ILE CB     C  N S 208 
ILE CG1    C  N N 209 
ILE CG2    C  N N 210 
ILE CD1    C  N N 211 
ILE OXT    O  N N 212 
ILE H      H  N N 213 
ILE H2     H  N N 214 
ILE HA     H  N N 215 
ILE HB     H  N N 216 
ILE HG12   H  N N 217 
ILE HG13   H  N N 218 
ILE HG21   H  N N 219 
ILE HG22   H  N N 220 
ILE HG23   H  N N 221 
ILE HD11   H  N N 222 
ILE HD12   H  N N 223 
ILE HD13   H  N N 224 
ILE HXT    H  N N 225 
LEU N      N  N N 226 
LEU CA     C  N S 227 
LEU C      C  N N 228 
LEU O      O  N N 229 
LEU CB     C  N N 230 
LEU CG     C  N N 231 
LEU CD1    C  N N 232 
LEU CD2    C  N N 233 
LEU OXT    O  N N 234 
LEU H      H  N N 235 
LEU H2     H  N N 236 
LEU HA     H  N N 237 
LEU HB2    H  N N 238 
LEU HB3    H  N N 239 
LEU HG     H  N N 240 
LEU HD11   H  N N 241 
LEU HD12   H  N N 242 
LEU HD13   H  N N 243 
LEU HD21   H  N N 244 
LEU HD22   H  N N 245 
LEU HD23   H  N N 246 
LEU HXT    H  N N 247 
LYS N      N  N N 248 
LYS CA     C  N S 249 
LYS C      C  N N 250 
LYS O      O  N N 251 
LYS CB     C  N N 252 
LYS CG     C  N N 253 
LYS CD     C  N N 254 
LYS CE     C  N N 255 
LYS NZ     N  N N 256 
LYS OXT    O  N N 257 
LYS H      H  N N 258 
LYS H2     H  N N 259 
LYS HA     H  N N 260 
LYS HB2    H  N N 261 
LYS HB3    H  N N 262 
LYS HG2    H  N N 263 
LYS HG3    H  N N 264 
LYS HD2    H  N N 265 
LYS HD3    H  N N 266 
LYS HE2    H  N N 267 
LYS HE3    H  N N 268 
LYS HZ1    H  N N 269 
LYS HZ2    H  N N 270 
LYS HZ3    H  N N 271 
LYS HXT    H  N N 272 
MET N      N  N N 273 
MET CA     C  N S 274 
MET C      C  N N 275 
MET O      O  N N 276 
MET CB     C  N N 277 
MET CG     C  N N 278 
MET SD     S  N N 279 
MET CE     C  N N 280 
MET OXT    O  N N 281 
MET H      H  N N 282 
MET H2     H  N N 283 
MET HA     H  N N 284 
MET HB2    H  N N 285 
MET HB3    H  N N 286 
MET HG2    H  N N 287 
MET HG3    H  N N 288 
MET HE1    H  N N 289 
MET HE2    H  N N 290 
MET HE3    H  N N 291 
MET HXT    H  N N 292 
PHE N      N  N N 293 
PHE CA     C  N S 294 
PHE C      C  N N 295 
PHE O      O  N N 296 
PHE CB     C  N N 297 
PHE CG     C  Y N 298 
PHE CD1    C  Y N 299 
PHE CD2    C  Y N 300 
PHE CE1    C  Y N 301 
PHE CE2    C  Y N 302 
PHE CZ     C  Y N 303 
PHE OXT    O  N N 304 
PHE H      H  N N 305 
PHE H2     H  N N 306 
PHE HA     H  N N 307 
PHE HB2    H  N N 308 
PHE HB3    H  N N 309 
PHE HD1    H  N N 310 
PHE HD2    H  N N 311 
PHE HE1    H  N N 312 
PHE HE2    H  N N 313 
PHE HZ     H  N N 314 
PHE HXT    H  N N 315 
PRO N      N  N N 316 
PRO CA     C  N S 317 
PRO C      C  N N 318 
PRO O      O  N N 319 
PRO CB     C  N N 320 
PRO CG     C  N N 321 
PRO CD     C  N N 322 
PRO OXT    O  N N 323 
PRO H      H  N N 324 
PRO HA     H  N N 325 
PRO HB2    H  N N 326 
PRO HB3    H  N N 327 
PRO HG2    H  N N 328 
PRO HG3    H  N N 329 
PRO HD2    H  N N 330 
PRO HD3    H  N N 331 
PRO HXT    H  N N 332 
SER N      N  N N 333 
SER CA     C  N S 334 
SER C      C  N N 335 
SER O      O  N N 336 
SER CB     C  N N 337 
SER OG     O  N N 338 
SER OXT    O  N N 339 
SER H      H  N N 340 
SER H2     H  N N 341 
SER HA     H  N N 342 
SER HB2    H  N N 343 
SER HB3    H  N N 344 
SER HG     H  N N 345 
SER HXT    H  N N 346 
THR N      N  N N 347 
THR CA     C  N S 348 
THR C      C  N N 349 
THR O      O  N N 350 
THR CB     C  N R 351 
THR OG1    O  N N 352 
THR CG2    C  N N 353 
THR OXT    O  N N 354 
THR H      H  N N 355 
THR H2     H  N N 356 
THR HA     H  N N 357 
THR HB     H  N N 358 
THR HG1    H  N N 359 
THR HG21   H  N N 360 
THR HG22   H  N N 361 
THR HG23   H  N N 362 
THR HXT    H  N N 363 
TRP N      N  N N 364 
TRP CA     C  N S 365 
TRP C      C  N N 366 
TRP O      O  N N 367 
TRP CB     C  N N 368 
TRP CG     C  Y N 369 
TRP CD1    C  Y N 370 
TRP CD2    C  Y N 371 
TRP NE1    N  Y N 372 
TRP CE2    C  Y N 373 
TRP CE3    C  Y N 374 
TRP CZ2    C  Y N 375 
TRP CZ3    C  Y N 376 
TRP CH2    C  Y N 377 
TRP OXT    O  N N 378 
TRP H      H  N N 379 
TRP H2     H  N N 380 
TRP HA     H  N N 381 
TRP HB2    H  N N 382 
TRP HB3    H  N N 383 
TRP HD1    H  N N 384 
TRP HE1    H  N N 385 
TRP HE3    H  N N 386 
TRP HZ2    H  N N 387 
TRP HZ3    H  N N 388 
TRP HH2    H  N N 389 
TRP HXT    H  N N 390 
TYR N      N  N N 391 
TYR CA     C  N S 392 
TYR C      C  N N 393 
TYR O      O  N N 394 
TYR CB     C  N N 395 
TYR CG     C  Y N 396 
TYR CD1    C  Y N 397 
TYR CD2    C  Y N 398 
TYR CE1    C  Y N 399 
TYR CE2    C  Y N 400 
TYR CZ     C  Y N 401 
TYR OH     O  N N 402 
TYR OXT    O  N N 403 
TYR H      H  N N 404 
TYR H2     H  N N 405 
TYR HA     H  N N 406 
TYR HB2    H  N N 407 
TYR HB3    H  N N 408 
TYR HD1    H  N N 409 
TYR HD2    H  N N 410 
TYR HE1    H  N N 411 
TYR HE2    H  N N 412 
TYR HH     H  N N 413 
TYR HXT    H  N N 414 
VAL N      N  N N 415 
VAL CA     C  N S 416 
VAL C      C  N N 417 
VAL O      O  N N 418 
VAL CB     C  N N 419 
VAL CG1    C  N N 420 
VAL CG2    C  N N 421 
VAL OXT    O  N N 422 
VAL H      H  N N 423 
VAL H2     H  N N 424 
VAL HA     H  N N 425 
VAL HB     H  N N 426 
VAL HG11   H  N N 427 
VAL HG12   H  N N 428 
VAL HG13   H  N N 429 
VAL HG21   H  N N 430 
VAL HG22   H  N N 431 
VAL HG23   H  N N 432 
VAL HXT    H  N N 433 
# 
loop_
_chem_comp_bond.comp_id 
_chem_comp_bond.atom_id_1 
_chem_comp_bond.atom_id_2 
_chem_comp_bond.value_order 
_chem_comp_bond.pdbx_aromatic_flag 
_chem_comp_bond.pdbx_stereo_config 
_chem_comp_bond.pdbx_ordinal 
ALA N     CA     sing N N 1   
ALA N     H      sing N N 2   
ALA N     H2     sing N N 3   
ALA CA    C      sing N N 4   
ALA CA    CB     sing N N 5   
ALA CA    HA     sing N N 6   
ALA C     O      doub N N 7   
ALA C     OXT    sing N N 8   
ALA CB    HB1    sing N N 9   
ALA CB    HB2    sing N N 10  
ALA CB    HB3    sing N N 11  
ALA OXT   HXT    sing N N 12  
ARG N     CA     sing N N 13  
ARG N     H      sing N N 14  
ARG N     H2     sing N N 15  
ARG CA    C      sing N N 16  
ARG CA    CB     sing N N 17  
ARG CA    HA     sing N N 18  
ARG C     O      doub N N 19  
ARG C     OXT    sing N N 20  
ARG CB    CG     sing N N 21  
ARG CB    HB2    sing N N 22  
ARG CB    HB3    sing N N 23  
ARG CG    CD     sing N N 24  
ARG CG    HG2    sing N N 25  
ARG CG    HG3    sing N N 26  
ARG CD    NE     sing N N 27  
ARG CD    HD2    sing N N 28  
ARG CD    HD3    sing N N 29  
ARG NE    CZ     sing N N 30  
ARG NE    HE     sing N N 31  
ARG CZ    NH1    sing N N 32  
ARG CZ    NH2    doub N N 33  
ARG NH1   HH11   sing N N 34  
ARG NH1   HH12   sing N N 35  
ARG NH2   HH21   sing N N 36  
ARG NH2   HH22   sing N N 37  
ARG OXT   HXT    sing N N 38  
ASN N     CA     sing N N 39  
ASN N     H      sing N N 40  
ASN N     H2     sing N N 41  
ASN CA    C      sing N N 42  
ASN CA    CB     sing N N 43  
ASN CA    HA     sing N N 44  
ASN C     O      doub N N 45  
ASN C     OXT    sing N N 46  
ASN CB    CG     sing N N 47  
ASN CB    HB2    sing N N 48  
ASN CB    HB3    sing N N 49  
ASN CG    OD1    doub N N 50  
ASN CG    ND2    sing N N 51  
ASN ND2   HD21   sing N N 52  
ASN ND2   HD22   sing N N 53  
ASN OXT   HXT    sing N N 54  
ASP N     CA     sing N N 55  
ASP N     H      sing N N 56  
ASP N     H2     sing N N 57  
ASP CA    C      sing N N 58  
ASP CA    CB     sing N N 59  
ASP CA    HA     sing N N 60  
ASP C     O      doub N N 61  
ASP C     OXT    sing N N 62  
ASP CB    CG     sing N N 63  
ASP CB    HB2    sing N N 64  
ASP CB    HB3    sing N N 65  
ASP CG    OD1    doub N N 66  
ASP CG    OD2    sing N N 67  
ASP OD2   HD2    sing N N 68  
ASP OXT   HXT    sing N N 69  
CYS N     CA     sing N N 70  
CYS N     H      sing N N 71  
CYS N     H2     sing N N 72  
CYS CA    C      sing N N 73  
CYS CA    CB     sing N N 74  
CYS CA    HA     sing N N 75  
CYS C     O      doub N N 76  
CYS C     OXT    sing N N 77  
CYS CB    SG     sing N N 78  
CYS CB    HB2    sing N N 79  
CYS CB    HB3    sing N N 80  
CYS SG    HG     sing N N 81  
CYS OXT   HXT    sing N N 82  
GLN N     CA     sing N N 83  
GLN N     H      sing N N 84  
GLN N     H2     sing N N 85  
GLN CA    C      sing N N 86  
GLN CA    CB     sing N N 87  
GLN CA    HA     sing N N 88  
GLN C     O      doub N N 89  
GLN C     OXT    sing N N 90  
GLN CB    CG     sing N N 91  
GLN CB    HB2    sing N N 92  
GLN CB    HB3    sing N N 93  
GLN CG    CD     sing N N 94  
GLN CG    HG2    sing N N 95  
GLN CG    HG3    sing N N 96  
GLN CD    OE1    doub N N 97  
GLN CD    NE2    sing N N 98  
GLN NE2   HE21   sing N N 99  
GLN NE2   HE22   sing N N 100 
GLN OXT   HXT    sing N N 101 
GLU N     CA     sing N N 102 
GLU N     H      sing N N 103 
GLU N     H2     sing N N 104 
GLU CA    C      sing N N 105 
GLU CA    CB     sing N N 106 
GLU CA    HA     sing N N 107 
GLU C     O      doub N N 108 
GLU C     OXT    sing N N 109 
GLU CB    CG     sing N N 110 
GLU CB    HB2    sing N N 111 
GLU CB    HB3    sing N N 112 
GLU CG    CD     sing N N 113 
GLU CG    HG2    sing N N 114 
GLU CG    HG3    sing N N 115 
GLU CD    OE1    doub N N 116 
GLU CD    OE2    sing N N 117 
GLU OE2   HE2    sing N N 118 
GLU OXT   HXT    sing N N 119 
GLY N     CA     sing N N 120 
GLY N     H      sing N N 121 
GLY N     H2     sing N N 122 
GLY CA    C      sing N N 123 
GLY CA    HA2    sing N N 124 
GLY CA    HA3    sing N N 125 
GLY C     O      doub N N 126 
GLY C     OXT    sing N N 127 
GLY OXT   HXT    sing N N 128 
HED C1    O1     sing N N 129 
HED C1    C2     sing N N 130 
HED C1    H11    sing N N 131 
HED C1    H12    sing N N 132 
HED O1    HO1    sing N N 133 
HED C2    S3     sing N N 134 
HED C2    H21    sing N N 135 
HED C2    H22    sing N N 136 
HED S3    S4     sing N N 137 
HED S4    C5     sing N N 138 
HED C5    C6     sing N N 139 
HED C5    H51    sing N N 140 
HED C5    H52    sing N N 141 
HED C6    O6     sing N N 142 
HED C6    H61    sing N N 143 
HED C6    H62    sing N N 144 
HED O6    HO6    sing N N 145 
HIS N     CA     sing N N 146 
HIS N     H      sing N N 147 
HIS N     H2     sing N N 148 
HIS CA    C      sing N N 149 
HIS CA    CB     sing N N 150 
HIS CA    HA     sing N N 151 
HIS C     O      doub N N 152 
HIS C     OXT    sing N N 153 
HIS CB    CG     sing N N 154 
HIS CB    HB2    sing N N 155 
HIS CB    HB3    sing N N 156 
HIS CG    ND1    sing Y N 157 
HIS CG    CD2    doub Y N 158 
HIS ND1   CE1    doub Y N 159 
HIS ND1   HD1    sing N N 160 
HIS CD2   NE2    sing Y N 161 
HIS CD2   HD2    sing N N 162 
HIS CE1   NE2    sing Y N 163 
HIS CE1   HE1    sing N N 164 
HIS NE2   HE2    sing N N 165 
HIS OXT   HXT    sing N N 166 
HOH O     H1     sing N N 167 
HOH O     H2     sing N N 168 
I4B C1    C2     doub Y N 169 
I4B C1    C6     sing Y N 170 
I4B C1    "C1'"  sing N N 171 
I4B C2    C3     sing Y N 172 
I4B C2    H2     sing N N 173 
I4B C3    C4     doub Y N 174 
I4B C3    H3     sing N N 175 
I4B C4    C5     sing Y N 176 
I4B C4    H4     sing N N 177 
I4B C5    C6     doub Y N 178 
I4B C5    H5     sing N N 179 
I4B C6    H6     sing N N 180 
I4B "C1'" "C2'"  sing N N 181 
I4B "C1'" "H1'1" sing N N 182 
I4B "C1'" "H1'2" sing N N 183 
I4B "C2'" "C3'"  sing N N 184 
I4B "C2'" "C4'"  sing N N 185 
I4B "C2'" "H2'"  sing N N 186 
I4B "C3'" "H3'1" sing N N 187 
I4B "C3'" "H3'2" sing N N 188 
I4B "C3'" "H3'3" sing N N 189 
I4B "C4'" "H4'1" sing N N 190 
I4B "C4'" "H4'2" sing N N 191 
I4B "C4'" "H4'3" sing N N 192 
ILE N     CA     sing N N 193 
ILE N     H      sing N N 194 
ILE N     H2     sing N N 195 
ILE CA    C      sing N N 196 
ILE CA    CB     sing N N 197 
ILE CA    HA     sing N N 198 
ILE C     O      doub N N 199 
ILE C     OXT    sing N N 200 
ILE CB    CG1    sing N N 201 
ILE CB    CG2    sing N N 202 
ILE CB    HB     sing N N 203 
ILE CG1   CD1    sing N N 204 
ILE CG1   HG12   sing N N 205 
ILE CG1   HG13   sing N N 206 
ILE CG2   HG21   sing N N 207 
ILE CG2   HG22   sing N N 208 
ILE CG2   HG23   sing N N 209 
ILE CD1   HD11   sing N N 210 
ILE CD1   HD12   sing N N 211 
ILE CD1   HD13   sing N N 212 
ILE OXT   HXT    sing N N 213 
LEU N     CA     sing N N 214 
LEU N     H      sing N N 215 
LEU N     H2     sing N N 216 
LEU CA    C      sing N N 217 
LEU CA    CB     sing N N 218 
LEU CA    HA     sing N N 219 
LEU C     O      doub N N 220 
LEU C     OXT    sing N N 221 
LEU CB    CG     sing N N 222 
LEU CB    HB2    sing N N 223 
LEU CB    HB3    sing N N 224 
LEU CG    CD1    sing N N 225 
LEU CG    CD2    sing N N 226 
LEU CG    HG     sing N N 227 
LEU CD1   HD11   sing N N 228 
LEU CD1   HD12   sing N N 229 
LEU CD1   HD13   sing N N 230 
LEU CD2   HD21   sing N N 231 
LEU CD2   HD22   sing N N 232 
LEU CD2   HD23   sing N N 233 
LEU OXT   HXT    sing N N 234 
LYS N     CA     sing N N 235 
LYS N     H      sing N N 236 
LYS N     H2     sing N N 237 
LYS CA    C      sing N N 238 
LYS CA    CB     sing N N 239 
LYS CA    HA     sing N N 240 
LYS C     O      doub N N 241 
LYS C     OXT    sing N N 242 
LYS CB    CG     sing N N 243 
LYS CB    HB2    sing N N 244 
LYS CB    HB3    sing N N 245 
LYS CG    CD     sing N N 246 
LYS CG    HG2    sing N N 247 
LYS CG    HG3    sing N N 248 
LYS CD    CE     sing N N 249 
LYS CD    HD2    sing N N 250 
LYS CD    HD3    sing N N 251 
LYS CE    NZ     sing N N 252 
LYS CE    HE2    sing N N 253 
LYS CE    HE3    sing N N 254 
LYS NZ    HZ1    sing N N 255 
LYS NZ    HZ2    sing N N 256 
LYS NZ    HZ3    sing N N 257 
LYS OXT   HXT    sing N N 258 
MET N     CA     sing N N 259 
MET N     H      sing N N 260 
MET N     H2     sing N N 261 
MET CA    C      sing N N 262 
MET CA    CB     sing N N 263 
MET CA    HA     sing N N 264 
MET C     O      doub N N 265 
MET C     OXT    sing N N 266 
MET CB    CG     sing N N 267 
MET CB    HB2    sing N N 268 
MET CB    HB3    sing N N 269 
MET CG    SD     sing N N 270 
MET CG    HG2    sing N N 271 
MET CG    HG3    sing N N 272 
MET SD    CE     sing N N 273 
MET CE    HE1    sing N N 274 
MET CE    HE2    sing N N 275 
MET CE    HE3    sing N N 276 
MET OXT   HXT    sing N N 277 
PHE N     CA     sing N N 278 
PHE N     H      sing N N 279 
PHE N     H2     sing N N 280 
PHE CA    C      sing N N 281 
PHE CA    CB     sing N N 282 
PHE CA    HA     sing N N 283 
PHE C     O      doub N N 284 
PHE C     OXT    sing N N 285 
PHE CB    CG     sing N N 286 
PHE CB    HB2    sing N N 287 
PHE CB    HB3    sing N N 288 
PHE CG    CD1    doub Y N 289 
PHE CG    CD2    sing Y N 290 
PHE CD1   CE1    sing Y N 291 
PHE CD1   HD1    sing N N 292 
PHE CD2   CE2    doub Y N 293 
PHE CD2   HD2    sing N N 294 
PHE CE1   CZ     doub Y N 295 
PHE CE1   HE1    sing N N 296 
PHE CE2   CZ     sing Y N 297 
PHE CE2   HE2    sing N N 298 
PHE CZ    HZ     sing N N 299 
PHE OXT   HXT    sing N N 300 
PRO N     CA     sing N N 301 
PRO N     CD     sing N N 302 
PRO N     H      sing N N 303 
PRO CA    C      sing N N 304 
PRO CA    CB     sing N N 305 
PRO CA    HA     sing N N 306 
PRO C     O      doub N N 307 
PRO C     OXT    sing N N 308 
PRO CB    CG     sing N N 309 
PRO CB    HB2    sing N N 310 
PRO CB    HB3    sing N N 311 
PRO CG    CD     sing N N 312 
PRO CG    HG2    sing N N 313 
PRO CG    HG3    sing N N 314 
PRO CD    HD2    sing N N 315 
PRO CD    HD3    sing N N 316 
PRO OXT   HXT    sing N N 317 
SER N     CA     sing N N 318 
SER N     H      sing N N 319 
SER N     H2     sing N N 320 
SER CA    C      sing N N 321 
SER CA    CB     sing N N 322 
SER CA    HA     sing N N 323 
SER C     O      doub N N 324 
SER C     OXT    sing N N 325 
SER CB    OG     sing N N 326 
SER CB    HB2    sing N N 327 
SER CB    HB3    sing N N 328 
SER OG    HG     sing N N 329 
SER OXT   HXT    sing N N 330 
THR N     CA     sing N N 331 
THR N     H      sing N N 332 
THR N     H2     sing N N 333 
THR CA    C      sing N N 334 
THR CA    CB     sing N N 335 
THR CA    HA     sing N N 336 
THR C     O      doub N N 337 
THR C     OXT    sing N N 338 
THR CB    OG1    sing N N 339 
THR CB    CG2    sing N N 340 
THR CB    HB     sing N N 341 
THR OG1   HG1    sing N N 342 
THR CG2   HG21   sing N N 343 
THR CG2   HG22   sing N N 344 
THR CG2   HG23   sing N N 345 
THR OXT   HXT    sing N N 346 
TRP N     CA     sing N N 347 
TRP N     H      sing N N 348 
TRP N     H2     sing N N 349 
TRP CA    C      sing N N 350 
TRP CA    CB     sing N N 351 
TRP CA    HA     sing N N 352 
TRP C     O      doub N N 353 
TRP C     OXT    sing N N 354 
TRP CB    CG     sing N N 355 
TRP CB    HB2    sing N N 356 
TRP CB    HB3    sing N N 357 
TRP CG    CD1    doub Y N 358 
TRP CG    CD2    sing Y N 359 
TRP CD1   NE1    sing Y N 360 
TRP CD1   HD1    sing N N 361 
TRP CD2   CE2    doub Y N 362 
TRP CD2   CE3    sing Y N 363 
TRP NE1   CE2    sing Y N 364 
TRP NE1   HE1    sing N N 365 
TRP CE2   CZ2    sing Y N 366 
TRP CE3   CZ3    doub Y N 367 
TRP CE3   HE3    sing N N 368 
TRP CZ2   CH2    doub Y N 369 
TRP CZ2   HZ2    sing N N 370 
TRP CZ3   CH2    sing Y N 371 
TRP CZ3   HZ3    sing N N 372 
TRP CH2   HH2    sing N N 373 
TRP OXT   HXT    sing N N 374 
TYR N     CA     sing N N 375 
TYR N     H      sing N N 376 
TYR N     H2     sing N N 377 
TYR CA    C      sing N N 378 
TYR CA    CB     sing N N 379 
TYR CA    HA     sing N N 380 
TYR C     O      doub N N 381 
TYR C     OXT    sing N N 382 
TYR CB    CG     sing N N 383 
TYR CB    HB2    sing N N 384 
TYR CB    HB3    sing N N 385 
TYR CG    CD1    doub Y N 386 
TYR CG    CD2    sing Y N 387 
TYR CD1   CE1    sing Y N 388 
TYR CD1   HD1    sing N N 389 
TYR CD2   CE2    doub Y N 390 
TYR CD2   HD2    sing N N 391 
TYR CE1   CZ     doub Y N 392 
TYR CE1   HE1    sing N N 393 
TYR CE2   CZ     sing Y N 394 
TYR CE2   HE2    sing N N 395 
TYR CZ    OH     sing N N 396 
TYR OH    HH     sing N N 397 
TYR OXT   HXT    sing N N 398 
VAL N     CA     sing N N 399 
VAL N     H      sing N N 400 
VAL N     H2     sing N N 401 
VAL CA    C      sing N N 402 
VAL CA    CB     sing N N 403 
VAL CA    HA     sing N N 404 
VAL C     O      doub N N 405 
VAL C     OXT    sing N N 406 
VAL CB    CG1    sing N N 407 
VAL CB    CG2    sing N N 408 
VAL CB    HB     sing N N 409 
VAL CG1   HG11   sing N N 410 
VAL CG1   HG12   sing N N 411 
VAL CG1   HG13   sing N N 412 
VAL CG2   HG21   sing N N 413 
VAL CG2   HG22   sing N N 414 
VAL CG2   HG23   sing N N 415 
VAL OXT   HXT    sing N N 416 
# 
_atom_sites.entry_id                    184L 
_atom_sites.fract_transf_matrix[1][1]   0.01683265 
_atom_sites.fract_transf_matrix[1][2]   0.00858583 
_atom_sites.fract_transf_matrix[1][3]   -0.00155956 
_atom_sites.fract_transf_matrix[2][1]   0.00379209 
_atom_sites.fract_transf_matrix[2][2]   0.01539113 
_atom_sites.fract_transf_matrix[2][3]   0.01040445 
_atom_sites.fract_transf_matrix[3][1]   0.00374104 
_atom_sites.fract_transf_matrix[3][2]   -0.00597622 
_atom_sites.fract_transf_matrix[3][3]   0.00747704 
_atom_sites.fract_transf_vector[1]      0.679058 
_atom_sites.fract_transf_vector[2]      0.220157 
_atom_sites.fract_transf_vector[3]      0.100218 
# 
loop_
_atom_type.symbol 
C  
CL 
N  
O  
S  
# 
loop_
_atom_site.group_PDB 
_atom_site.id 
_atom_site.type_symbol 
_atom_site.label_atom_id 
_atom_site.label_alt_id 
_atom_site.label_comp_id 
_atom_site.label_asym_id 
_atom_site.label_entity_id 
_atom_site.label_seq_id 
_atom_site.pdbx_PDB_ins_code 
_atom_site.Cartn_x 
_atom_site.Cartn_y 
_atom_site.Cartn_z 
_atom_site.occupancy 
_atom_site.B_iso_or_equiv 
_atom_site.pdbx_formal_charge 
_atom_site.auth_seq_id 
_atom_site.auth_comp_id 
_atom_site.auth_asym_id 
_atom_site.auth_atom_id 
_atom_site.pdbx_PDB_model_num 
ATOM   1    N  N     . MET A 1 1   ? 5.144   -11.201 -12.357 1.00 31.02  ? 1   MET A N     1 
ATOM   2    C  CA    . MET A 1 1   ? 4.932   -10.156 -11.384 1.00 26.81  ? 1   MET A CA    1 
ATOM   3    C  C     . MET A 1 1   ? 3.855   -10.612 -10.420 1.00 21.41  ? 1   MET A C     1 
ATOM   4    O  O     . MET A 1 1   ? 3.023   -11.414 -10.766 1.00 21.45  ? 1   MET A O     1 
ATOM   5    C  CB    . MET A 1 1   ? 4.546   -8.835  -12.127 1.00 21.38  ? 1   MET A CB    1 
ATOM   6    C  CG    . MET A 1 1   ? 4.168   -7.690  -11.223 1.00 40.87  ? 1   MET A CG    1 
ATOM   7    S  SD    . MET A 1 1   ? 5.645   -6.886  -10.615 1.00 33.84  ? 1   MET A SD    1 
ATOM   8    C  CE    . MET A 1 1   ? 6.358   -6.710  -12.263 1.00 34.49  ? 1   MET A CE    1 
ATOM   9    N  N     . ASN A 1 2   ? 3.896   -10.111 -9.218  1.00 17.03  ? 2   ASN A N     1 
ATOM   10   C  CA    . ASN A 1 2   ? 2.885   -10.400 -8.216  1.00 15.60  ? 2   ASN A CA    1 
ATOM   11   C  C     . ASN A 1 2   ? 2.861   -9.235  -7.225  1.00 10.90  ? 2   ASN A C     1 
ATOM   12   O  O     . ASN A 1 2   ? 3.711   -8.336  -7.329  1.00 14.36  ? 2   ASN A O     1 
ATOM   13   C  CB    . ASN A 1 2   ? 3.057   -11.759 -7.492  1.00 13.23  ? 2   ASN A CB    1 
ATOM   14   C  CG    . ASN A 1 2   ? 4.374   -11.850 -6.794  1.00 17.43  ? 2   ASN A CG    1 
ATOM   15   O  OD1   . ASN A 1 2   ? 4.662   -11.050 -5.906  1.00 18.81  ? 2   ASN A OD1   1 
ATOM   16   N  ND2   . ASN A 1 2   ? 5.194   -12.800 -7.214  1.00 15.17  ? 2   ASN A ND2   1 
ATOM   17   N  N     . ILE A 1 3   ? 1.891   -9.301  -6.296  1.00 12.52  ? 3   ILE A N     1 
ATOM   18   C  CA    . ILE A 1 3   ? 1.698   -8.249  -5.287  1.00 14.93  ? 3   ILE A CA    1 
ATOM   19   C  C     . ILE A 1 3   ? 2.980   -7.912  -4.482  1.00 15.44  ? 3   ILE A C     1 
ATOM   20   O  O     . ILE A 1 3   ? 3.286   -6.739  -4.164  1.00 13.93  ? 3   ILE A O     1 
ATOM   21   C  CB    . ILE A 1 3   ? 0.444   -8.470  -4.383  1.00 10.84  ? 3   ILE A CB    1 
ATOM   22   C  CG1   . ILE A 1 3   ? 0.211   -7.260  -3.453  1.00 10.97  ? 3   ILE A CG1   1 
ATOM   23   C  CG2   . ILE A 1 3   ? 0.615   -9.762  -3.562  1.00 8.68   ? 3   ILE A CG2   1 
ATOM   24   C  CD1   . ILE A 1 3   ? -0.029  -5.898  -4.127  1.00 8.60   ? 3   ILE A CD1   1 
ATOM   25   N  N     . PHE A 1 4   ? 3.716   -8.950  -4.084  1.00 14.33  ? 4   PHE A N     1 
ATOM   26   C  CA    . PHE A 1 4   ? 4.929   -8.714  -3.321  1.00 14.13  ? 4   PHE A CA    1 
ATOM   27   C  C     . PHE A 1 4   ? 5.955   -7.976  -4.134  1.00 12.58  ? 4   PHE A C     1 
ATOM   28   O  O     . PHE A 1 4   ? 6.581   -7.045  -3.691  1.00 18.50  ? 4   PHE A O     1 
ATOM   29   C  CB    . PHE A 1 4   ? 5.534   -10.047 -2.833  1.00 10.88  ? 4   PHE A CB    1 
ATOM   30   C  CG    . PHE A 1 4   ? 4.630   -10.673 -1.809  1.00 11.15  ? 4   PHE A CG    1 
ATOM   31   C  CD1   . PHE A 1 4   ? 4.729   -10.310 -0.465  1.00 20.23  ? 4   PHE A CD1   1 
ATOM   32   C  CD2   . PHE A 1 4   ? 3.667   -11.611 -2.179  1.00 13.60  ? 4   PHE A CD2   1 
ATOM   33   C  CE1   . PHE A 1 4   ? 3.938   -10.932 0.504   1.00 17.72  ? 4   PHE A CE1   1 
ATOM   34   C  CE2   . PHE A 1 4   ? 2.821   -12.182 -1.226  1.00 21.48  ? 4   PHE A CE2   1 
ATOM   35   C  CZ    . PHE A 1 4   ? 2.984   -11.878 0.127   1.00 20.37  ? 4   PHE A CZ    1 
ATOM   36   N  N     . GLU A 1 5   ? 6.167   -8.425  -5.357  1.00 13.24  ? 5   GLU A N     1 
ATOM   37   C  CA    . GLU A 1 5   ? 7.155   -7.762  -6.191  1.00 12.78  ? 5   GLU A CA    1 
ATOM   38   C  C     . GLU A 1 5   ? 6.709   -6.366  -6.492  1.00 15.83  ? 5   GLU A C     1 
ATOM   39   O  O     . GLU A 1 5   ? 7.530   -5.475  -6.623  1.00 16.06  ? 5   GLU A O     1 
ATOM   40   C  CB    . GLU A 1 5   ? 7.361   -8.441  -7.555  1.00 13.11  ? 5   GLU A CB    1 
ATOM   41   C  CG    . GLU A 1 5   ? 7.899   -9.888  -7.509  1.00 22.33  ? 5   GLU A CG    1 
ATOM   42   C  CD    . GLU A 1 5   ? 7.946   -10.533 -8.901  1.00 33.18  ? 5   GLU A CD    1 
ATOM   43   O  OE1   . GLU A 1 5   ? 7.920   -9.903  -9.944  1.00 100.00 ? 5   GLU A OE1   1 
ATOM   44   O  OE2   . GLU A 1 5   ? 8.075   -11.834 -8.851  1.00 56.11  ? 5   GLU A OE2   1 
ATOM   45   N  N     . MET A 1 6   ? 5.422   -6.232  -6.745  1.00 12.67  ? 6   MET A N     1 
ATOM   46   C  CA    . MET A 1 6   ? 4.915   -4.923  -7.087  1.00 11.12  ? 6   MET A CA    1 
ATOM   47   C  C     . MET A 1 6   ? 5.183   -3.944  -5.961  1.00 18.18  ? 6   MET A C     1 
ATOM   48   O  O     . MET A 1 6   ? 5.737   -2.850  -6.134  1.00 13.19  ? 6   MET A O     1 
ATOM   49   C  CB    . MET A 1 6   ? 3.406   -5.069  -7.293  1.00 12.71  ? 6   MET A CB    1 
ATOM   50   C  CG    . MET A 1 6   ? 2.753   -3.765  -7.735  1.00 13.79  ? 6   MET A CG    1 
ATOM   51   S  SD    . MET A 1 6   ? 0.952   -3.889  -7.470  1.00 14.58  ? 6   MET A SD    1 
ATOM   52   C  CE    . MET A 1 6   ? 0.216   -2.726  -8.687  1.00 18.19  ? 6   MET A CE    1 
ATOM   53   N  N     . LEU A 1 7   ? 4.795   -4.342  -4.757  1.00 13.13  ? 7   LEU A N     1 
ATOM   54   C  CA    . LEU A 1 7   ? 5.006   -3.450  -3.626  1.00 15.65  ? 7   LEU A CA    1 
ATOM   55   C  C     . LEU A 1 7   ? 6.490   -3.238  -3.298  1.00 18.61  ? 7   LEU A C     1 
ATOM   56   O  O     . LEU A 1 7   ? 6.906   -2.185  -2.818  1.00 18.42  ? 7   LEU A O     1 
ATOM   57   C  CB    . LEU A 1 7   ? 4.251   -3.945  -2.380  1.00 12.76  ? 7   LEU A CB    1 
ATOM   58   C  CG    . LEU A 1 7   ? 2.777   -3.542  -2.381  1.00 14.94  ? 7   LEU A CG    1 
ATOM   59   C  CD1   . LEU A 1 7   ? 2.007   -4.391  -1.366  1.00 18.55  ? 7   LEU A CD1   1 
ATOM   60   C  CD2   . LEU A 1 7   ? 2.634   -2.032  -2.114  1.00 16.25  ? 7   LEU A CD2   1 
ATOM   61   N  N     . ARG A 1 8   ? 7.297   -4.255  -3.519  1.00 12.05  ? 8   ARG A N     1 
ATOM   62   C  CA    . ARG A 1 8   ? 8.695   -4.102  -3.226  1.00 14.92  ? 8   ARG A CA    1 
ATOM   63   C  C     . ARG A 1 8   ? 9.258   -3.007  -4.135  1.00 21.89  ? 8   ARG A C     1 
ATOM   64   O  O     . ARG A 1 8   ? 10.118  -2.253  -3.724  1.00 18.99  ? 8   ARG A O     1 
ATOM   65   C  CB    . ARG A 1 8   ? 9.444   -5.429  -3.329  1.00 16.28  ? 8   ARG A CB    1 
ATOM   66   C  CG    . ARG A 1 8   ? 10.961  -5.272  -3.327  1.00 41.21  ? 8   ARG A CG    1 
ATOM   67   C  CD    . ARG A 1 8   ? 11.637  -5.274  -1.947  1.00 49.64  ? 8   ARG A CD    1 
ATOM   68   N  NE    . ARG A 1 8   ? 13.093  -5.081  -1.999  1.00 42.51  ? 8   ARG A NE    1 
ATOM   69   C  CZ    . ARG A 1 8   ? 13.736  -4.055  -2.606  1.00 49.49  ? 8   ARG A CZ    1 
ATOM   70   N  NH1   . ARG A 1 8   ? 13.107  -3.062  -3.271  1.00 33.87  ? 8   ARG A NH1   1 
ATOM   71   N  NH2   . ARG A 1 8   ? 15.065  -4.026  -2.546  1.00 68.28  ? 8   ARG A NH2   1 
ATOM   72   N  N     . ILE A 1 9   ? 8.734   -2.879  -5.362  1.00 13.36  ? 9   ILE A N     1 
ATOM   73   C  CA    . ILE A 1 9   ? 9.175   -1.822  -6.250  1.00 14.02  ? 9   ILE A CA    1 
ATOM   74   C  C     . ILE A 1 9   ? 8.701   -0.465  -5.780  1.00 15.62  ? 9   ILE A C     1 
ATOM   75   O  O     . ILE A 1 9   ? 9.438   0.518   -5.815  1.00 16.34  ? 9   ILE A O     1 
ATOM   76   C  CB    . ILE A 1 9   ? 8.665   -2.085  -7.674  1.00 18.89  ? 9   ILE A CB    1 
ATOM   77   C  CG1   . ILE A 1 9   ? 9.552   -3.144  -8.285  1.00 20.35  ? 9   ILE A CG1   1 
ATOM   78   C  CG2   . ILE A 1 9   ? 8.669   -0.847  -8.586  1.00 14.93  ? 9   ILE A CG2   1 
ATOM   79   C  CD1   . ILE A 1 9   ? 8.895   -3.832  -9.473  1.00 20.56  ? 9   ILE A CD1   1 
ATOM   80   N  N     . ASP A 1 10  ? 7.438   -0.384  -5.396  1.00 12.53  ? 10  ASP A N     1 
ATOM   81   C  CA    . ASP A 1 10  ? 6.865   0.876   -5.002  1.00 9.61   ? 10  ASP A CA    1 
ATOM   82   C  C     . ASP A 1 10  ? 7.356   1.435   -3.686  1.00 21.87  ? 10  ASP A C     1 
ATOM   83   O  O     . ASP A 1 10  ? 7.473   2.640   -3.521  1.00 16.91  ? 10  ASP A O     1 
ATOM   84   C  CB    . ASP A 1 10  ? 5.350   0.759   -4.973  1.00 11.13  ? 10  ASP A CB    1 
ATOM   85   C  CG    . ASP A 1 10  ? 4.803   0.821   -6.380  1.00 18.90  ? 10  ASP A CG    1 
ATOM   86   O  OD1   . ASP A 1 10  ? 5.389   1.342   -7.315  1.00 16.78  ? 10  ASP A OD1   1 
ATOM   87   O  OD2   . ASP A 1 10  ? 3.659   0.224   -6.503  1.00 15.02  ? 10  ASP A OD2   1 
ATOM   88   N  N     . GLU A 1 11  ? 7.649   0.562   -2.750  1.00 19.90  ? 11  GLU A N     1 
ATOM   89   C  CA    . GLU A 1 11  ? 8.095   0.953   -1.415  1.00 23.71  ? 11  GLU A CA    1 
ATOM   90   C  C     . GLU A 1 11  ? 9.625   0.916   -1.193  1.00 17.76  ? 11  GLU A C     1 
ATOM   91   O  O     . GLU A 1 11  ? 10.121  1.558   -0.279  1.00 23.13  ? 11  GLU A O     1 
ATOM   92   C  CB    . GLU A 1 11  ? 7.473   -0.018  -0.376  1.00 16.26  ? 11  GLU A CB    1 
ATOM   93   C  CG    . GLU A 1 11  ? 5.950   0.025   -0.382  1.00 14.14  ? 11  GLU A CG    1 
ATOM   94   C  CD    . GLU A 1 11  ? 5.314   1.322   0.067   1.00 17.86  ? 11  GLU A CD    1 
ATOM   95   O  OE1   . GLU A 1 11  ? 6.113   2.203   0.581   1.00 18.26  ? 11  GLU A OE1   1 
ATOM   96   O  OE2   . GLU A 1 11  ? 4.139   1.499   0.018   1.00 20.12  ? 11  GLU A OE2   1 
ATOM   97   N  N     . GLY A 1 12  ? 10.382  0.125   -1.924  1.00 20.27  ? 12  GLY A N     1 
ATOM   98   C  CA    . GLY A 1 12  ? 11.789  0.054   -1.610  1.00 16.44  ? 12  GLY A CA    1 
ATOM   99   C  C     . GLY A 1 12  ? 12.024  -0.829  -0.367  1.00 25.22  ? 12  GLY A C     1 
ATOM   100  O  O     . GLY A 1 12  ? 11.109  -1.416  0.202   1.00 20.26  ? 12  GLY A O     1 
ATOM   101  N  N     . LEU A 1 13  ? 13.275  -0.932  0.057   1.00 20.58  ? 13  LEU A N     1 
ATOM   102  C  CA    . LEU A 1 13  ? 13.633  -1.710  1.222   1.00 12.75  ? 13  LEU A CA    1 
ATOM   103  C  C     . LEU A 1 13  ? 14.701  -0.950  1.948   1.00 18.88  ? 13  LEU A C     1 
ATOM   104  O  O     . LEU A 1 13  ? 15.709  -0.638  1.343   1.00 20.06  ? 13  LEU A O     1 
ATOM   105  C  CB    . LEU A 1 13  ? 14.190  -3.060  0.777   1.00 18.47  ? 13  LEU A CB    1 
ATOM   106  C  CG    . LEU A 1 13  ? 14.927  -3.810  1.897   1.00 37.12  ? 13  LEU A CG    1 
ATOM   107  C  CD1   . LEU A 1 13  ? 13.981  -4.227  3.023   1.00 23.70  ? 13  LEU A CD1   1 
ATOM   108  C  CD2   . LEU A 1 13  ? 15.571  -5.050  1.300   1.00 34.15  ? 13  LEU A CD2   1 
ATOM   109  N  N     . ARG A 1 14  ? 14.444  -0.611  3.206   1.00 18.15  ? 14  ARG A N     1 
ATOM   110  C  CA    . ARG A 1 14  ? 15.386  0.118   4.047   1.00 19.43  ? 14  ARG A CA    1 
ATOM   111  C  C     . ARG A 1 14  ? 15.456  -0.563  5.383   1.00 22.77  ? 14  ARG A C     1 
ATOM   112  O  O     . ARG A 1 14  ? 14.399  -0.824  5.937   1.00 18.09  ? 14  ARG A O     1 
ATOM   113  C  CB    . ARG A 1 14  ? 15.028  1.587   4.195   1.00 21.25  ? 14  ARG A CB    1 
ATOM   114  C  CG    . ARG A 1 14  ? 15.013  2.154   2.782   1.00 28.17  ? 14  ARG A CG    1 
ATOM   115  C  CD    . ARG A 1 14  ? 14.993  3.662   2.700   1.00 32.03  ? 14  ARG A CD    1 
ATOM   116  N  NE    . ARG A 1 14  ? 16.139  4.322   3.309   1.00 100.00 ? 14  ARG A NE    1 
ATOM   117  C  CZ    . ARG A 1 14  ? 16.157  5.640   3.510   1.00 100.00 ? 14  ARG A CZ    1 
ATOM   118  N  NH1   . ARG A 1 14  ? 15.119  6.417   3.166   1.00 55.50  ? 14  ARG A NH1   1 
ATOM   119  N  NH2   . ARG A 1 14  ? 17.236  6.199   4.069   1.00 80.74  ? 14  ARG A NH2   1 
ATOM   120  N  N     . LEU A 1 15  ? 16.691  -0.844  5.856   1.00 20.00  ? 15  LEU A N     1 
ATOM   121  C  CA    . LEU A 1 15  ? 16.940  -1.587  7.087   1.00 18.99  ? 15  LEU A CA    1 
ATOM   122  C  C     . LEU A 1 15  ? 17.132  -0.740  8.315   1.00 24.64  ? 15  LEU A C     1 
ATOM   123  O  O     . LEU A 1 15  ? 17.320  -1.262  9.405   1.00 25.27  ? 15  LEU A O     1 
ATOM   124  C  CB    . LEU A 1 15  ? 18.077  -2.598  6.929   1.00 20.95  ? 15  LEU A CB    1 
ATOM   125  C  CG    . LEU A 1 15  ? 17.834  -3.646  5.829   1.00 27.12  ? 15  LEU A CG    1 
ATOM   126  C  CD1   . LEU A 1 15  ? 18.921  -4.710  5.862   1.00 38.59  ? 15  LEU A CD1   1 
ATOM   127  C  CD2   . LEU A 1 15  ? 16.485  -4.353  5.963   1.00 23.08  ? 15  LEU A CD2   1 
ATOM   128  N  N     . LYS A 1 16  ? 17.086  0.567   8.143   1.00 19.70  ? 16  LYS A N     1 
ATOM   129  C  CA    . LYS A 1 16  ? 17.204  1.484   9.266   1.00 20.23  ? 16  LYS A CA    1 
ATOM   130  C  C     . LYS A 1 16  ? 15.993  2.407   9.252   1.00 17.72  ? 16  LYS A C     1 
ATOM   131  O  O     . LYS A 1 16  ? 15.463  2.695   8.161   1.00 21.74  ? 16  LYS A O     1 
ATOM   132  C  CB    . LYS A 1 16  ? 18.540  2.238   9.210   1.00 23.71  ? 16  LYS A CB    1 
ATOM   133  C  CG    . LYS A 1 16  ? 18.484  3.632   9.792   1.00 100.00 ? 16  LYS A CG    1 
ATOM   134  C  CD    . LYS A 1 16  ? 18.802  3.644   11.280  1.00 100.00 ? 16  LYS A CD    1 
ATOM   135  C  CE    . LYS A 1 16  ? 17.570  3.603   12.177  1.00 100.00 ? 16  LYS A CE    1 
ATOM   136  N  NZ    . LYS A 1 16  ? 17.838  3.033   13.505  1.00 100.00 ? 16  LYS A NZ    1 
ATOM   137  N  N     . ILE A 1 17  ? 15.519  2.801   10.464  1.00 15.79  ? 17  ILE A N     1 
ATOM   138  C  CA    . ILE A 1 17  ? 14.352  3.705   10.532  1.00 13.71  ? 17  ILE A CA    1 
ATOM   139  C  C     . ILE A 1 17  ? 14.498  4.882   9.566   1.00 26.81  ? 17  ILE A C     1 
ATOM   140  O  O     . ILE A 1 17  ? 15.556  5.510   9.493   1.00 22.14  ? 17  ILE A O     1 
ATOM   141  C  CB    . ILE A 1 17  ? 14.065  4.223   11.958  1.00 15.09  ? 17  ILE A CB    1 
ATOM   142  C  CG1   . ILE A 1 17  ? 13.718  3.024   12.826  1.00 17.48  ? 17  ILE A CG1   1 
ATOM   143  C  CG2   . ILE A 1 17  ? 12.881  5.218   11.983  1.00 17.51  ? 17  ILE A CG2   1 
ATOM   144  C  CD1   . ILE A 1 17  ? 13.470  3.453   14.266  1.00 20.64  ? 17  ILE A CD1   1 
ATOM   145  N  N     . TYR A 1 18  ? 13.443  5.203   8.835   1.00 16.80  ? 18  TYR A N     1 
ATOM   146  C  CA    . TYR A 1 18  ? 13.516  6.353   7.947   1.00 18.80  ? 18  TYR A CA    1 
ATOM   147  C  C     . TYR A 1 18  ? 12.163  7.042   7.947   1.00 18.65  ? 18  TYR A C     1 
ATOM   148  O  O     . TYR A 1 18  ? 11.194  6.562   8.525   1.00 20.07  ? 18  TYR A O     1 
ATOM   149  C  CB    . TYR A 1 18  ? 13.997  5.940   6.537   1.00 15.28  ? 18  TYR A CB    1 
ATOM   150  C  CG    . TYR A 1 18  ? 12.973  5.087   5.818   1.00 24.82  ? 18  TYR A CG    1 
ATOM   151  C  CD1   . TYR A 1 18  ? 12.922  3.707   6.017   1.00 17.70  ? 18  TYR A CD1   1 
ATOM   152  C  CD2   . TYR A 1 18  ? 12.035  5.675   4.963   1.00 27.65  ? 18  TYR A CD2   1 
ATOM   153  C  CE1   . TYR A 1 18  ? 11.976  2.931   5.347   1.00 24.56  ? 18  TYR A CE1   1 
ATOM   154  C  CE2   . TYR A 1 18  ? 11.087  4.918   4.269   1.00 19.56  ? 18  TYR A CE2   1 
ATOM   155  C  CZ    . TYR A 1 18  ? 11.059  3.536   4.477   1.00 29.90  ? 18  TYR A CZ    1 
ATOM   156  O  OH    . TYR A 1 18  ? 10.138  2.757   3.808   1.00 25.98  ? 18  TYR A OH    1 
ATOM   157  N  N     . LYS A 1 19  ? 12.078  8.199   7.311   1.00 23.44  ? 19  LYS A N     1 
ATOM   158  C  CA    . LYS A 1 19  ? 10.810  8.911   7.249   1.00 17.64  ? 19  LYS A CA    1 
ATOM   159  C  C     . LYS A 1 19  ? 10.228  8.720   5.872   1.00 24.35  ? 19  LYS A C     1 
ATOM   160  O  O     . LYS A 1 19  ? 10.950  8.804   4.842   1.00 21.34  ? 19  LYS A O     1 
ATOM   161  C  CB    . LYS A 1 19  ? 10.951  10.387  7.510   1.00 17.60  ? 19  LYS A CB    1 
ATOM   162  C  CG    . LYS A 1 19  ? 11.247  10.668  8.959   1.00 16.69  ? 19  LYS A CG    1 
ATOM   163  C  CD    . LYS A 1 19  ? 11.107  12.152  9.242   1.00 29.72  ? 19  LYS A CD    1 
ATOM   164  C  CE    . LYS A 1 19  ? 11.882  12.621  10.473  1.00 34.80  ? 19  LYS A CE    1 
ATOM   165  N  NZ    . LYS A 1 19  ? 11.810  14.086  10.713  1.00 40.37  ? 19  LYS A NZ    1 
ATOM   166  N  N     . ASP A 1 20  ? 8.944   8.422   5.859   1.00 19.03  ? 20  ASP A N     1 
ATOM   167  C  CA    . ASP A 1 20  ? 8.331   8.191   4.591   1.00 20.87  ? 20  ASP A CA    1 
ATOM   168  C  C     . ASP A 1 20  ? 8.027   9.492   3.835   1.00 26.95  ? 20  ASP A C     1 
ATOM   169  O  O     . ASP A 1 20  ? 8.456   10.569  4.268   1.00 19.14  ? 20  ASP A O     1 
ATOM   170  C  CB    . ASP A 1 20  ? 7.157   7.237   4.663   1.00 14.09  ? 20  ASP A CB    1 
ATOM   171  C  CG    . ASP A 1 20  ? 5.917   7.863   5.202   1.00 22.18  ? 20  ASP A CG    1 
ATOM   172  O  OD1   . ASP A 1 20  ? 6.043   9.070   5.680   1.00 18.93  ? 20  ASP A OD1   1 
ATOM   173  O  OD2   . ASP A 1 20  ? 4.905   7.225   5.323   1.00 25.82  ? 20  ASP A OD2   1 
ATOM   174  N  N     . THR A 1 21  ? 7.236   9.375   2.737   1.00 22.28  ? 21  THR A N     1 
ATOM   175  C  CA    . THR A 1 21  ? 6.927   10.538  1.900   1.00 21.38  ? 21  THR A CA    1 
ATOM   176  C  C     . THR A 1 21  ? 6.142   11.517  2.675   1.00 21.77  ? 21  THR A C     1 
ATOM   177  O  O     . THR A 1 21  ? 6.167   12.682  2.349   1.00 24.16  ? 21  THR A O     1 
ATOM   178  C  CB    . THR A 1 21  ? 6.174   10.199  0.600   1.00 26.55  ? 21  THR A CB    1 
ATOM   179  O  OG1   . THR A 1 21  ? 4.913   9.761   0.988   1.00 29.09  ? 21  THR A OG1   1 
ATOM   180  C  CG2   . THR A 1 21  ? 6.816   9.002   -0.097  1.00 26.07  ? 21  THR A CG2   1 
ATOM   181  N  N     . GLU A 1 22  ? 5.470   11.050  3.728   1.00 22.00  ? 22  GLU A N     1 
ATOM   182  C  CA    . GLU A 1 22  ? 4.677   11.976  4.536   1.00 14.87  ? 22  GLU A CA    1 
ATOM   183  C  C     . GLU A 1 22  ? 5.428   12.448  5.757   1.00 25.69  ? 22  GLU A C     1 
ATOM   184  O  O     . GLU A 1 22  ? 4.924   13.252  6.529   1.00 27.93  ? 22  GLU A O     1 
ATOM   185  C  CB    . GLU A 1 22  ? 3.324   11.416  4.989   1.00 15.64  ? 22  GLU A CB    1 
ATOM   186  C  CG    . GLU A 1 22  ? 2.471   10.746  3.884   1.00 29.46  ? 22  GLU A CG    1 
ATOM   187  C  CD    . GLU A 1 22  ? 1.774   11.721  2.963   1.00 43.99  ? 22  GLU A CD    1 
ATOM   188  O  OE1   . GLU A 1 22  ? 1.410   12.805  3.594   1.00 63.90  ? 22  GLU A OE1   1 
ATOM   189  O  OE2   . GLU A 1 22  ? 1.600   11.523  1.755   1.00 83.01  ? 22  GLU A OE2   1 
ATOM   190  N  N     . GLY A 1 23  ? 6.643   11.957  5.923   1.00 19.13  ? 23  GLY A N     1 
ATOM   191  C  CA    . GLY A 1 23  ? 7.424   12.356  7.086   1.00 14.99  ? 23  GLY A CA    1 
ATOM   192  C  C     . GLY A 1 23  ? 7.262   11.430  8.291   1.00 26.51  ? 23  GLY A C     1 
ATOM   193  O  O     . GLY A 1 23  ? 7.695   11.794  9.381   1.00 22.91  ? 23  GLY A O     1 
ATOM   194  N  N     . TYR A 1 24  ? 6.660   10.240  8.084   1.00 24.71  ? 24  TYR A N     1 
ATOM   195  C  CA    . TYR A 1 24  ? 6.425   9.293   9.184   1.00 20.39  ? 24  TYR A CA    1 
ATOM   196  C  C     . TYR A 1 24  ? 7.475   8.211   9.275   1.00 17.37  ? 24  TYR A C     1 
ATOM   197  O  O     . TYR A 1 24  ? 7.906   7.683   8.229   1.00 19.28  ? 24  TYR A O     1 
ATOM   198  C  CB    . TYR A 1 24  ? 5.080   8.599   9.052   1.00 27.36  ? 24  TYR A CB    1 
ATOM   199  C  CG    . TYR A 1 24  ? 3.918   9.531   9.099   1.00 21.68  ? 24  TYR A CG    1 
ATOM   200  C  CD1   . TYR A 1 24  ? 3.855   10.541  10.055  1.00 30.49  ? 24  TYR A CD1   1 
ATOM   201  C  CD2   . TYR A 1 24  ? 2.886   9.393   8.172   1.00 24.88  ? 24  TYR A CD2   1 
ATOM   202  C  CE1   . TYR A 1 24  ? 2.758   11.402  10.096  1.00 45.41  ? 24  TYR A CE1   1 
ATOM   203  C  CE2   . TYR A 1 24  ? 1.807   10.277  8.169   1.00 31.45  ? 24  TYR A CE2   1 
ATOM   204  C  CZ    . TYR A 1 24  ? 1.742   11.276  9.150   1.00 46.22  ? 24  TYR A CZ    1 
ATOM   205  O  OH    . TYR A 1 24  ? 0.650   12.113  9.213   1.00 54.17  ? 24  TYR A OH    1 
ATOM   206  N  N     . TYR A 1 25  ? 7.856   7.898   10.549  1.00 13.71  ? 25  TYR A N     1 
ATOM   207  C  CA    . TYR A 1 25  ? 8.845   6.882   10.832  1.00 13.64  ? 25  TYR A CA    1 
ATOM   208  C  C     . TYR A 1 25  ? 8.370   5.533   10.299  1.00 13.87  ? 25  TYR A C     1 
ATOM   209  O  O     . TYR A 1 25  ? 7.297   5.059   10.644  1.00 14.91  ? 25  TYR A O     1 
ATOM   210  C  CB    . TYR A 1 25  ? 9.199   6.800   12.322  1.00 19.12  ? 25  TYR A CB    1 
ATOM   211  C  CG    . TYR A 1 25  ? 9.999   8.007   12.781  1.00 21.40  ? 25  TYR A CG    1 
ATOM   212  C  CD1   . TYR A 1 25  ? 11.195  8.336   12.143  1.00 26.05  ? 25  TYR A CD1   1 
ATOM   213  C  CD2   . TYR A 1 25  ? 9.568   8.830   13.826  1.00 22.50  ? 25  TYR A CD2   1 
ATOM   214  C  CE1   . TYR A 1 25  ? 11.975  9.413   12.566  1.00 32.51  ? 25  TYR A CE1   1 
ATOM   215  C  CE2   . TYR A 1 25  ? 10.303  9.947   14.235  1.00 22.16  ? 25  TYR A CE2   1 
ATOM   216  C  CZ    . TYR A 1 25  ? 11.523  10.228  13.608  1.00 33.36  ? 25  TYR A CZ    1 
ATOM   217  O  OH    . TYR A 1 25  ? 12.301  11.308  14.007  1.00 35.31  ? 25  TYR A OH    1 
ATOM   218  N  N     . THR A 1 26  ? 9.218   4.956   9.449   1.00 13.27  ? 26  THR A N     1 
ATOM   219  C  CA    . THR A 1 26  ? 8.942   3.735   8.760   1.00 14.58  ? 26  THR A CA    1 
ATOM   220  C  C     . THR A 1 26  ? 10.203  2.934   8.763   1.00 16.73  ? 26  THR A C     1 
ATOM   221  O  O     . THR A 1 26  ? 11.269  3.476   9.021   1.00 18.95  ? 26  THR A O     1 
ATOM   222  C  CB    . THR A 1 26  ? 8.582   4.179   7.284   1.00 19.17  ? 26  THR A CB    1 
ATOM   223  O  OG1   . THR A 1 26  ? 7.431   4.962   7.367   1.00 18.24  ? 26  THR A OG1   1 
ATOM   224  C  CG2   . THR A 1 26  ? 8.259   3.032   6.329   1.00 9.45   ? 26  THR A CG2   1 
ATOM   225  N  N     . ILE A 1 27  ? 10.092  1.655   8.425   1.00 16.98  ? 27  ILE A N     1 
ATOM   226  C  CA    . ILE A 1 27  ? 11.268  0.799   8.276   1.00 13.28  ? 27  ILE A CA    1 
ATOM   227  C  C     . ILE A 1 27  ? 10.914  -0.325  7.267   1.00 16.01  ? 27  ILE A C     1 
ATOM   228  O  O     . ILE A 1 27  ? 9.747   -0.599  7.062   1.00 17.78  ? 27  ILE A O     1 
ATOM   229  C  CB    . ILE A 1 27  ? 11.686  0.149   9.637   1.00 18.44  ? 27  ILE A CB    1 
ATOM   230  C  CG1   . ILE A 1 27  ? 13.153  -0.409  9.557   1.00 17.44  ? 27  ILE A CG1   1 
ATOM   231  C  CG2   . ILE A 1 27  ? 10.616  -0.920  10.037  1.00 15.95  ? 27  ILE A CG2   1 
ATOM   232  C  CD1   . ILE A 1 27  ? 13.969  -0.363  10.841  1.00 20.35  ? 27  ILE A CD1   1 
ATOM   233  N  N     . GLY A 1 28  ? 11.896  -1.030  6.728   1.00 12.12  ? 28  GLY A N     1 
ATOM   234  C  CA    . GLY A 1 28  ? 11.639  -2.190  5.908   1.00 16.89  ? 28  GLY A CA    1 
ATOM   235  C  C     . GLY A 1 28  ? 11.054  -1.870  4.559   1.00 22.45  ? 28  GLY A C     1 
ATOM   236  O  O     . GLY A 1 28  ? 11.574  -1.034  3.819   1.00 15.14  ? 28  GLY A O     1 
ATOM   237  N  N     . ILE A 1 29  ? 10.016  -2.623  4.247   1.00 12.91  ? 29  ILE A N     1 
ATOM   238  C  CA    . ILE A 1 29  ? 9.323   -2.411  2.992   1.00 13.84  ? 29  ILE A CA    1 
ATOM   239  C  C     . ILE A 1 29  ? 8.017   -1.669  3.253   1.00 14.87  ? 29  ILE A C     1 
ATOM   240  O  O     . ILE A 1 29  ? 6.916   -2.224  3.250   1.00 17.56  ? 29  ILE A O     1 
ATOM   241  C  CB    . ILE A 1 29  ? 9.115   -3.705  2.214   1.00 16.00  ? 29  ILE A CB    1 
ATOM   242  C  CG1   . ILE A 1 29  ? 10.495  -4.426  2.085   1.00 18.80  ? 29  ILE A CG1   1 
ATOM   243  C  CG2   . ILE A 1 29  ? 8.509   -3.378  0.831   1.00 18.95  ? 29  ILE A CG2   1 
ATOM   244  C  CD1   . ILE A 1 29  ? 10.437  -5.923  1.744   1.00 21.69  ? 29  ILE A CD1   1 
ATOM   245  N  N     . GLY A 1 30  ? 8.168   -0.371  3.542   1.00 15.58  ? 30  GLY A N     1 
ATOM   246  C  CA    . GLY A 1 30  ? 7.011   0.458   3.796   1.00 9.41   ? 30  GLY A CA    1 
ATOM   247  C  C     . GLY A 1 30  ? 6.240   0.152   5.073   1.00 19.53  ? 30  GLY A C     1 
ATOM   248  O  O     . GLY A 1 30  ? 5.065   0.445   5.153   1.00 18.52  ? 30  GLY A O     1 
ATOM   249  N  N     . HIS A 1 31  ? 6.887   -0.388  6.089   1.00 14.15  ? 31  HIS A N     1 
ATOM   250  C  CA    . HIS A 1 31  ? 6.165   -0.664  7.301   1.00 9.13   ? 31  HIS A CA    1 
ATOM   251  C  C     . HIS A 1 31  ? 6.135   0.577   8.189   1.00 14.25  ? 31  HIS A C     1 
ATOM   252  O  O     . HIS A 1 31  ? 7.116   0.966   8.821   1.00 13.66  ? 31  HIS A O     1 
ATOM   253  C  CB    . HIS A 1 31  ? 6.901   -1.798  8.029   1.00 9.60   ? 31  HIS A CB    1 
ATOM   254  C  CG    . HIS A 1 31  ? 6.193   -2.114  9.298   1.00 14.99  ? 31  HIS A CG    1 
ATOM   255  N  ND1   . HIS A 1 31  ? 5.066   -2.929  9.291   1.00 15.95  ? 31  HIS A ND1   1 
ATOM   256  C  CD2   . HIS A 1 31  ? 6.421   -1.711  10.585  1.00 15.39  ? 31  HIS A CD2   1 
ATOM   257  C  CE1   . HIS A 1 31  ? 4.590   -2.986  10.534  1.00 15.74  ? 31  HIS A CE1   1 
ATOM   258  N  NE2   . HIS A 1 31  ? 5.379   -2.272  11.340  1.00 15.98  ? 31  HIS A NE2   1 
ATOM   259  N  N     . LEU A 1 32  ? 4.960   1.197   8.291   1.00 15.74  ? 32  LEU A N     1 
ATOM   260  C  CA    . LEU A 1 32  ? 4.810   2.378   9.112   1.00 16.49  ? 32  LEU A CA    1 
ATOM   261  C  C     . LEU A 1 32  ? 4.948   2.051   10.558  1.00 18.49  ? 32  LEU A C     1 
ATOM   262  O  O     . LEU A 1 32  ? 4.343   1.121   11.057  1.00 16.82  ? 32  LEU A O     1 
ATOM   263  C  CB    . LEU A 1 32  ? 3.435   2.983   8.899   1.00 20.59  ? 32  LEU A CB    1 
ATOM   264  C  CG    . LEU A 1 32  ? 3.139   4.115   9.892   1.00 41.76  ? 32  LEU A CG    1 
ATOM   265  C  CD1   . LEU A 1 32  ? 4.132   5.237   9.614   1.00 26.35  ? 32  LEU A CD1   1 
ATOM   266  C  CD2   . LEU A 1 32  ? 1.714   4.641   9.660   1.00 26.66  ? 32  LEU A CD2   1 
ATOM   267  N  N     . LEU A 1 33  ? 5.757   2.795   11.238  1.00 14.57  ? 33  LEU A N     1 
ATOM   268  C  CA    . LEU A 1 33  ? 5.918   2.476   12.632  1.00 21.08  ? 33  LEU A CA    1 
ATOM   269  C  C     . LEU A 1 33  ? 5.026   3.322   13.519  1.00 26.32  ? 33  LEU A C     1 
ATOM   270  O  O     . LEU A 1 33  ? 4.445   2.837   14.498  1.00 22.50  ? 33  LEU A O     1 
ATOM   271  C  CB    . LEU A 1 33  ? 7.378   2.698   13.073  1.00 21.76  ? 33  LEU A CB    1 
ATOM   272  C  CG    . LEU A 1 33  ? 8.327   1.637   12.529  1.00 18.33  ? 33  LEU A CG    1 
ATOM   273  C  CD1   . LEU A 1 33  ? 9.747   2.171   12.728  1.00 20.08  ? 33  LEU A CD1   1 
ATOM   274  C  CD2   . LEU A 1 33  ? 8.142   0.324   13.309  1.00 12.53  ? 33  LEU A CD2   1 
ATOM   275  N  N     . THR A 1 34  ? 4.981   4.619   13.199  1.00 21.10  ? 34  THR A N     1 
ATOM   276  C  CA    . THR A 1 34  ? 4.204   5.579   13.987  1.00 33.54  ? 34  THR A CA    1 
ATOM   277  C  C     . THR A 1 34  ? 4.122   6.938   13.316  1.00 25.43  ? 34  THR A C     1 
ATOM   278  O  O     . THR A 1 34  ? 5.042   7.333   12.592  1.00 23.76  ? 34  THR A O     1 
ATOM   279  C  CB    . THR A 1 34  ? 4.750   5.803   15.449  1.00 27.01  ? 34  THR A CB    1 
ATOM   280  O  OG1   . THR A 1 34  ? 3.891   6.664   16.196  1.00 31.75  ? 34  THR A OG1   1 
ATOM   281  C  CG2   . THR A 1 34  ? 6.161   6.382   15.493  1.00 22.32  ? 34  THR A CG2   1 
ATOM   282  N  N     . LYS A 1 35  ? 3.021   7.645   13.609  1.00 24.57  ? 35  LYS A N     1 
ATOM   283  C  CA    . LYS A 1 35  ? 2.801   8.989   13.088  1.00 37.97  ? 35  LYS A CA    1 
ATOM   284  C  C     . LYS A 1 35  ? 3.303   10.005  14.065  1.00 34.40  ? 35  LYS A C     1 
ATOM   285  O  O     . LYS A 1 35  ? 3.257   11.204  13.841  1.00 48.14  ? 35  LYS A O     1 
ATOM   286  C  CB    . LYS A 1 35  ? 1.354   9.306   12.773  1.00 27.46  ? 35  LYS A CB    1 
ATOM   287  C  CG    . LYS A 1 35  ? 0.720   8.281   11.851  1.00 34.08  ? 35  LYS A CG    1 
ATOM   288  C  CD    . LYS A 1 35  ? -0.648  8.681   11.361  1.00 32.67  ? 35  LYS A CD    1 
ATOM   289  C  CE    . LYS A 1 35  ? -0.972  7.985   10.059  1.00 38.21  ? 35  LYS A CE    1 
ATOM   290  N  NZ    . LYS A 1 35  ? -2.352  8.251   9.633   1.00 100.00 ? 35  LYS A NZ    1 
ATOM   291  N  N     . SER A 1 36  ? 3.793   9.505   15.163  1.00 34.36  ? 36  SER A N     1 
ATOM   292  C  CA    . SER A 1 36  ? 4.317   10.410  16.130  1.00 33.72  ? 36  SER A CA    1 
ATOM   293  C  C     . SER A 1 36  ? 5.713   10.869  15.738  1.00 27.71  ? 36  SER A C     1 
ATOM   294  O  O     . SER A 1 36  ? 6.532   10.171  15.133  1.00 24.37  ? 36  SER A O     1 
ATOM   295  C  CB    . SER A 1 36  ? 4.178   9.916   17.553  1.00 62.20  ? 36  SER A CB    1 
ATOM   296  O  OG    . SER A 1 36  ? 5.433   9.980   18.186  1.00 44.67  ? 36  SER A OG    1 
ATOM   297  N  N     . PRO A 1 37  ? 5.980   12.110  16.058  1.00 28.57  ? 37  PRO A N     1 
ATOM   298  C  CA    . PRO A 1 37  ? 7.223   12.740  15.704  1.00 26.72  ? 37  PRO A CA    1 
ATOM   299  C  C     . PRO A 1 37  ? 8.421   12.298  16.518  1.00 32.45  ? 37  PRO A C     1 
ATOM   300  O  O     . PRO A 1 37  ? 9.549   12.697  16.250  1.00 44.00  ? 37  PRO A O     1 
ATOM   301  C  CB    . PRO A 1 37  ? 6.987   14.231  15.844  1.00 35.56  ? 37  PRO A CB    1 
ATOM   302  C  CG    . PRO A 1 37  ? 5.668   14.405  16.551  1.00 35.84  ? 37  PRO A CG    1 
ATOM   303  C  CD    . PRO A 1 37  ? 4.968   13.058  16.553  1.00 37.92  ? 37  PRO A CD    1 
ATOM   304  N  N     . SER A 1 38  ? 8.183   11.456  17.509  1.00 35.67  ? 38  SER A N     1 
ATOM   305  C  CA    . SER A 1 38  ? 9.284   10.990  18.339  1.00 37.62  ? 38  SER A CA    1 
ATOM   306  C  C     . SER A 1 38  ? 9.966   9.751   17.809  1.00 34.04  ? 38  SER A C     1 
ATOM   307  O  O     . SER A 1 38  ? 9.348   8.696   17.606  1.00 28.96  ? 38  SER A O     1 
ATOM   308  C  CB    . SER A 1 38  ? 8.916   10.706  19.799  1.00 30.46  ? 38  SER A CB    1 
ATOM   309  O  OG    . SER A 1 38  ? 10.118  10.377  20.495  1.00 100.00 ? 38  SER A OG    1 
ATOM   310  N  N     . LEU A 1 39  ? 11.266  9.872   17.677  1.00 25.92  ? 39  LEU A N     1 
ATOM   311  C  CA    . LEU A 1 39  ? 12.038  8.763   17.229  1.00 34.97  ? 39  LEU A CA    1 
ATOM   312  C  C     . LEU A 1 39  ? 12.087  7.672   18.277  1.00 25.42  ? 39  LEU A C     1 
ATOM   313  O  O     . LEU A 1 39  ? 12.284  6.500   17.988  1.00 24.34  ? 39  LEU A O     1 
ATOM   314  C  CB    . LEU A 1 39  ? 13.430  9.213   16.770  1.00 27.39  ? 39  LEU A CB    1 
ATOM   315  C  CG    . LEU A 1 39  ? 14.348  8.048   16.431  1.00 43.98  ? 39  LEU A CG    1 
ATOM   316  C  CD1   . LEU A 1 39  ? 13.851  7.298   15.184  1.00 26.72  ? 39  LEU A CD1   1 
ATOM   317  C  CD2   . LEU A 1 39  ? 15.762  8.571   16.216  1.00 34.37  ? 39  LEU A CD2   1 
ATOM   318  N  N     . ASN A 1 40  ? 11.880  8.060   19.515  1.00 26.21  ? 40  ASN A N     1 
ATOM   319  C  CA    . ASN A 1 40  ? 11.924  7.050   20.550  1.00 28.41  ? 40  ASN A CA    1 
ATOM   320  C  C     . ASN A 1 40  ? 10.677  6.239   20.523  1.00 19.92  ? 40  ASN A C     1 
ATOM   321  O  O     . ASN A 1 40  ? 10.728  5.031   20.717  1.00 25.10  ? 40  ASN A O     1 
ATOM   322  C  CB    . ASN A 1 40  ? 12.192  7.612   21.947  1.00 50.55  ? 40  ASN A CB    1 
ATOM   323  C  CG    . ASN A 1 40  ? 13.572  8.215   21.993  1.00 100.00 ? 40  ASN A CG    1 
ATOM   324  O  OD1   . ASN A 1 40  ? 14.582  7.491   21.903  1.00 67.30  ? 40  ASN A OD1   1 
ATOM   325  N  ND2   . ASN A 1 40  ? 13.607  9.546   21.972  1.00 100.00 ? 40  ASN A ND2   1 
ATOM   326  N  N     . ALA A 1 41  ? 9.583   6.918   20.229  1.00 22.49  ? 41  ALA A N     1 
ATOM   327  C  CA    . ALA A 1 41  ? 8.329   6.230   20.089  1.00 23.97  ? 41  ALA A CA    1 
ATOM   328  C  C     . ALA A 1 41  ? 8.425   5.247   18.930  1.00 36.81  ? 41  ALA A C     1 
ATOM   329  O  O     . ALA A 1 41  ? 7.919   4.140   18.980  1.00 24.57  ? 41  ALA A O     1 
ATOM   330  C  CB    . ALA A 1 41  ? 7.231   7.232   19.836  1.00 19.55  ? 41  ALA A CB    1 
ATOM   331  N  N     . ALA A 1 42  ? 9.126   5.655   17.894  1.00 20.54  ? 42  ALA A N     1 
ATOM   332  C  CA    . ALA A 1 42  ? 9.324   4.803   16.740  1.00 17.92  ? 42  ALA A CA    1 
ATOM   333  C  C     . ALA A 1 42  ? 10.194  3.618   17.097  1.00 16.75  ? 42  ALA A C     1 
ATOM   334  O  O     . ALA A 1 42  ? 9.927   2.464   16.690  1.00 21.52  ? 42  ALA A O     1 
ATOM   335  C  CB    . ALA A 1 42  ? 9.961   5.595   15.609  1.00 22.10  ? 42  ALA A CB    1 
ATOM   336  N  N     . LYS A 1 43  ? 11.274  3.855   17.841  1.00 17.22  ? 43  LYS A N     1 
ATOM   337  C  CA    . LYS A 1 43  ? 12.144  2.731   18.204  1.00 16.78  ? 43  LYS A CA    1 
ATOM   338  C  C     . LYS A 1 43  ? 11.430  1.743   19.123  1.00 18.89  ? 43  LYS A C     1 
ATOM   339  O  O     . LYS A 1 43  ? 11.613  0.546   19.048  1.00 25.97  ? 43  LYS A O     1 
ATOM   340  C  CB    . LYS A 1 43  ? 13.369  3.192   18.948  1.00 20.56  ? 43  LYS A CB    1 
ATOM   341  C  CG    . LYS A 1 43  ? 14.474  3.541   17.992  1.00 29.29  ? 43  LYS A CG    1 
ATOM   342  C  CD    . LYS A 1 43  ? 15.335  4.694   18.485  1.00 42.64  ? 43  LYS A CD    1 
ATOM   343  C  CE    . LYS A 1 43  ? 16.749  4.719   17.905  1.00 85.89  ? 43  LYS A CE    1 
ATOM   344  N  NZ    . LYS A 1 43  ? 17.789  4.209   18.817  1.00 96.53  ? 43  LYS A NZ    1 
ATOM   345  N  N     . SER A 1 44  ? 10.539  2.251   19.938  1.00 20.27  ? 44  SER A N     1 
ATOM   346  C  CA    . SER A 1 44  ? 9.791   1.387   20.831  1.00 24.79  ? 44  SER A CA    1 
ATOM   347  C  C     . SER A 1 44  ? 8.850   0.503   20.011  1.00 20.38  ? 44  SER A C     1 
ATOM   348  O  O     . SER A 1 44  ? 8.793   -0.709  20.193  1.00 19.77  ? 44  SER A O     1 
ATOM   349  C  CB    . SER A 1 44  ? 9.141   2.236   21.966  1.00 19.80  ? 44  SER A CB    1 
ATOM   350  O  OG    . SER A 1 44  ? 7.997   1.641   22.527  1.00 50.26  ? 44  SER A OG    1 
ATOM   351  N  N     . GLU A 1 45  ? 8.128   1.130   19.081  1.00 16.87  ? 45  GLU A N     1 
ATOM   352  C  CA    . GLU A 1 45  ? 7.226   0.395   18.247  1.00 14.04  ? 45  GLU A CA    1 
ATOM   353  C  C     . GLU A 1 45  ? 8.001   -0.639  17.445  1.00 16.61  ? 45  GLU A C     1 
ATOM   354  O  O     . GLU A 1 45  ? 7.539   -1.745  17.228  1.00 17.11  ? 45  GLU A O     1 
ATOM   355  C  CB    . GLU A 1 45  ? 6.557   1.339   17.262  1.00 14.83  ? 45  GLU A CB    1 
ATOM   356  C  CG    . GLU A 1 45  ? 5.474   2.159   17.937  1.00 16.75  ? 45  GLU A CG    1 
ATOM   357  C  CD    . GLU A 1 45  ? 4.368   1.282   18.488  1.00 29.60  ? 45  GLU A CD    1 
ATOM   358  O  OE1   . GLU A 1 45  ? 3.766   0.426   17.888  1.00 22.31  ? 45  GLU A OE1   1 
ATOM   359  O  OE2   . GLU A 1 45  ? 4.055   1.581   19.683  1.00 25.97  ? 45  GLU A OE2   1 
ATOM   360  N  N     . LEU A 1 46  ? 9.186   -0.293  16.986  1.00 13.88  ? 46  LEU A N     1 
ATOM   361  C  CA    . LEU A 1 46  ? 9.979   -1.260  16.239  1.00 18.31  ? 46  LEU A CA    1 
ATOM   362  C  C     . LEU A 1 46  ? 10.342  -2.500  17.101  1.00 22.51  ? 46  LEU A C     1 
ATOM   363  O  O     . LEU A 1 46  ? 10.234  -3.670  16.716  1.00 17.51  ? 46  LEU A O     1 
ATOM   364  C  CB    . LEU A 1 46  ? 11.271  -0.567  15.720  1.00 14.27  ? 46  LEU A CB    1 
ATOM   365  C  CG    . LEU A 1 46  ? 12.173  -1.499  14.900  1.00 17.42  ? 46  LEU A CG    1 
ATOM   366  C  CD1   . LEU A 1 46  ? 11.389  -2.135  13.747  1.00 17.79  ? 46  LEU A CD1   1 
ATOM   367  C  CD2   . LEU A 1 46  ? 13.379  -0.732  14.329  1.00 22.21  ? 46  LEU A CD2   1 
ATOM   368  N  N     . ASP A 1 47  ? 10.774  -2.236  18.311  1.00 14.09  ? 47  ASP A N     1 
ATOM   369  C  CA    . ASP A 1 47  ? 11.166  -3.322  19.149  1.00 12.56  ? 47  ASP A CA    1 
ATOM   370  C  C     . ASP A 1 47  ? 10.054  -4.248  19.452  1.00 20.43  ? 47  ASP A C     1 
ATOM   371  O  O     . ASP A 1 47  ? 10.263  -5.457  19.507  1.00 22.31  ? 47  ASP A O     1 
ATOM   372  C  CB    . ASP A 1 47  ? 11.841  -2.827  20.425  1.00 20.79  ? 47  ASP A CB    1 
ATOM   373  C  CG    . ASP A 1 47  ? 13.210  -2.204  20.198  1.00 20.94  ? 47  ASP A CG    1 
ATOM   374  O  OD1   . ASP A 1 47  ? 13.919  -2.360  19.222  1.00 24.26  ? 47  ASP A OD1   1 
ATOM   375  O  OD2   . ASP A 1 47  ? 13.523  -1.428  21.176  1.00 28.97  ? 47  ASP A OD2   1 
ATOM   376  N  N     . LYS A 1 48  ? 8.899   -3.655  19.624  1.00 13.31  ? 48  LYS A N     1 
ATOM   377  C  CA    . LYS A 1 48  ? 7.683   -4.407  19.906  1.00 12.57  ? 48  LYS A CA    1 
ATOM   378  C  C     . LYS A 1 48  ? 7.277   -5.266  18.674  1.00 16.19  ? 48  LYS A C     1 
ATOM   379  O  O     . LYS A 1 48  ? 6.785   -6.402  18.775  1.00 17.18  ? 48  LYS A O     1 
ATOM   380  C  CB    . LYS A 1 48  ? 6.572   -3.378  20.191  1.00 15.20  ? 48  LYS A CB    1 
ATOM   381  C  CG    . LYS A 1 48  ? 5.165   -3.964  20.284  1.00 17.11  ? 48  LYS A CG    1 
ATOM   382  C  CD    . LYS A 1 48  ? 4.144   -3.113  21.048  1.00 19.80  ? 48  LYS A CD    1 
ATOM   383  C  CE    . LYS A 1 48  ? 3.966   -1.719  20.514  1.00 20.68  ? 48  LYS A CE    1 
ATOM   384  N  NZ    . LYS A 1 48  ? 3.152   -1.805  19.315  1.00 20.39  ? 48  LYS A NZ    1 
ATOM   385  N  N     . ALA A 1 49  ? 7.490   -4.708  17.472  1.00 15.61  ? 49  ALA A N     1 
ATOM   386  C  CA    . ALA A 1 49  ? 7.107   -5.442  16.269  1.00 23.95  ? 49  ALA A CA    1 
ATOM   387  C  C     . ALA A 1 49  ? 8.033   -6.608  15.974  1.00 15.57  ? 49  ALA A C     1 
ATOM   388  O  O     . ALA A 1 49  ? 7.571   -7.606  15.480  1.00 16.78  ? 49  ALA A O     1 
ATOM   389  C  CB    . ALA A 1 49  ? 6.987   -4.508  15.055  1.00 15.63  ? 49  ALA A CB    1 
ATOM   390  N  N     . ILE A 1 50  ? 9.337   -6.424  16.239  1.00 11.94  ? 50  ILE A N     1 
ATOM   391  C  CA    . ILE A 1 50  ? 10.369  -7.422  16.000  1.00 19.91  ? 50  ILE A CA    1 
ATOM   392  C  C     . ILE A 1 50  ? 10.503  -8.402  17.146  1.00 26.27  ? 50  ILE A C     1 
ATOM   393  O  O     . ILE A 1 50  ? 10.856  -9.550  16.954  1.00 27.07  ? 50  ILE A O     1 
ATOM   394  C  CB    . ILE A 1 50  ? 11.741  -6.774  15.788  1.00 23.18  ? 50  ILE A CB    1 
ATOM   395  C  CG1   . ILE A 1 50  ? 11.608  -5.792  14.635  1.00 27.14  ? 50  ILE A CG1   1 
ATOM   396  C  CG2   . ILE A 1 50  ? 12.793  -7.841  15.458  1.00 19.36  ? 50  ILE A CG2   1 
ATOM   397  C  CD1   . ILE A 1 50  ? 10.987  -6.433  13.394  1.00 17.23  ? 50  ILE A CD1   1 
ATOM   398  N  N     . GLY A 1 51  ? 10.239  -7.946  18.346  1.00 18.01  ? 51  GLY A N     1 
ATOM   399  C  CA    . GLY A 1 51  ? 10.368  -8.831  19.490  1.00 19.40  ? 51  GLY A CA    1 
ATOM   400  C  C     . GLY A 1 51  ? 11.806  -8.904  20.011  1.00 25.36  ? 51  GLY A C     1 
ATOM   401  O  O     . GLY A 1 51  ? 12.257  -9.922  20.545  1.00 28.50  ? 51  GLY A O     1 
ATOM   402  N  N     . ARG A 1 52  ? 12.555  -7.828  19.826  1.00 30.00  ? 52  ARG A N     1 
ATOM   403  C  CA    . ARG A 1 52  ? 13.919  -7.737  20.335  1.00 22.12  ? 52  ARG A CA    1 
ATOM   404  C  C     . ARG A 1 52  ? 14.320  -6.301  20.362  1.00 30.89  ? 52  ARG A C     1 
ATOM   405  O  O     . ARG A 1 52  ? 13.640  -5.457  19.787  1.00 22.61  ? 52  ARG A O     1 
ATOM   406  C  CB    . ARG A 1 52  ? 14.951  -8.564  19.589  1.00 24.32  ? 52  ARG A CB    1 
ATOM   407  C  CG    . ARG A 1 52  ? 15.457  -7.943  18.314  1.00 19.63  ? 52  ARG A CG    1 
ATOM   408  C  CD    . ARG A 1 52  ? 16.087  -9.021  17.457  1.00 21.77  ? 52  ARG A CD    1 
ATOM   409  N  NE    . ARG A 1 52  ? 16.449  -8.530  16.148  1.00 21.87  ? 52  ARG A NE    1 
ATOM   410  C  CZ    . ARG A 1 52  ? 17.302  -7.560  15.933  1.00 32.29  ? 52  ARG A CZ    1 
ATOM   411  N  NH1   . ARG A 1 52  ? 17.988  -6.976  16.918  1.00 32.68  ? 52  ARG A NH1   1 
ATOM   412  N  NH2   . ARG A 1 52  ? 17.522  -7.193  14.680  1.00 33.45  ? 52  ARG A NH2   1 
ATOM   413  N  N     . ASN A 1 53  ? 15.417  -6.041  21.049  1.00 25.27  ? 53  ASN A N     1 
ATOM   414  C  CA    . ASN A 1 53  ? 15.981  -4.710  21.135  1.00 25.12  ? 53  ASN A CA    1 
ATOM   415  C  C     . ASN A 1 53  ? 16.755  -4.454  19.847  1.00 23.71  ? 53  ASN A C     1 
ATOM   416  O  O     . ASN A 1 53  ? 17.874  -4.943  19.662  1.00 32.14  ? 53  ASN A O     1 
ATOM   417  C  CB    . ASN A 1 53  ? 16.902  -4.627  22.369  1.00 40.44  ? 53  ASN A CB    1 
ATOM   418  C  CG    . ASN A 1 53  ? 16.544  -3.431  23.200  1.00 91.43  ? 53  ASN A CG    1 
ATOM   419  O  OD1   . ASN A 1 53  ? 15.626  -3.488  24.044  1.00 100.00 ? 53  ASN A OD1   1 
ATOM   420  N  ND2   . ASN A 1 53  ? 17.182  -2.323  22.853  1.00 40.76  ? 53  ASN A ND2   1 
ATOM   421  N  N     . THR A 1 54  ? 16.129  -3.737  18.901  1.00 20.21  ? 54  THR A N     1 
ATOM   422  C  CA    . THR A 1 54  ? 16.751  -3.578  17.605  1.00 17.64  ? 54  THR A CA    1 
ATOM   423  C  C     . THR A 1 54  ? 17.646  -2.400  17.524  1.00 17.85  ? 54  THR A C     1 
ATOM   424  O  O     . THR A 1 54  ? 18.500  -2.320  16.643  1.00 29.23  ? 54  THR A O     1 
ATOM   425  C  CB    . THR A 1 54  ? 15.674  -3.374  16.518  1.00 18.27  ? 54  THR A CB    1 
ATOM   426  O  OG1   . THR A 1 54  ? 15.042  -2.133  16.821  1.00 17.97  ? 54  THR A OG1   1 
ATOM   427  C  CG2   . THR A 1 54  ? 14.661  -4.532  16.562  1.00 20.18  ? 54  THR A CG2   1 
ATOM   428  N  N     . ASN A 1 55  ? 17.378  -1.439  18.374  1.00 22.38  ? 55  ASN A N     1 
ATOM   429  C  CA    . ASN A 1 55  ? 18.155  -0.250  18.273  1.00 21.77  ? 55  ASN A CA    1 
ATOM   430  C  C     . ASN A 1 55  ? 17.982  0.445   16.897  1.00 29.80  ? 55  ASN A C     1 
ATOM   431  O  O     . ASN A 1 55  ? 18.912  1.087   16.389  1.00 35.77  ? 55  ASN A O     1 
ATOM   432  C  CB    . ASN A 1 55  ? 19.631  -0.614  18.565  1.00 39.07  ? 55  ASN A CB    1 
ATOM   433  C  CG    . ASN A 1 55  ? 20.562  0.575   18.707  1.00 100.00 ? 55  ASN A CG    1 
ATOM   434  O  OD1   . ASN A 1 55  ? 20.180  1.618   19.279  1.00 49.83  ? 55  ASN A OD1   1 
ATOM   435  N  ND2   . ASN A 1 55  ? 21.789  0.410   18.198  1.00 100.00 ? 55  ASN A ND2   1 
ATOM   436  N  N     . GLY A 1 56  ? 16.793  0.337   16.301  1.00 24.59  ? 56  GLY A N     1 
ATOM   437  C  CA    . GLY A 1 56  ? 16.468  1.035   15.034  1.00 25.98  ? 56  GLY A CA    1 
ATOM   438  C  C     . GLY A 1 56  ? 16.948  0.407   13.759  1.00 25.15  ? 56  GLY A C     1 
ATOM   439  O  O     . GLY A 1 56  ? 16.779  0.977   12.692  1.00 26.12  ? 56  GLY A O     1 
ATOM   440  N  N     . VAL A 1 57  ? 17.550  -0.752  13.891  1.00 19.89  ? 57  VAL A N     1 
ATOM   441  C  CA    . VAL A 1 57  ? 18.049  -1.477  12.740  1.00 20.37  ? 57  VAL A CA    1 
ATOM   442  C  C     . VAL A 1 57  ? 17.542  -2.932  12.705  1.00 29.30  ? 57  VAL A C     1 
ATOM   443  O  O     . VAL A 1 57  ? 17.534  -3.589  13.737  1.00 20.67  ? 57  VAL A O     1 
ATOM   444  C  CB    . VAL A 1 57  ? 19.554  -1.444  12.850  1.00 26.66  ? 57  VAL A CB    1 
ATOM   445  C  CG1   . VAL A 1 57  ? 20.194  -2.199  11.710  1.00 24.21  ? 57  VAL A CG1   1 
ATOM   446  C  CG2   . VAL A 1 57  ? 19.971  0.017   12.878  1.00 36.57  ? 57  VAL A CG2   1 
ATOM   447  N  N     . ILE A 1 58  ? 17.167  -3.454  11.513  1.00 18.92  ? 58  ILE A N     1 
ATOM   448  C  CA    . ILE A 1 58  ? 16.713  -4.826  11.362  1.00 13.74  ? 58  ILE A CA    1 
ATOM   449  C  C     . ILE A 1 58  ? 17.400  -5.535  10.220  1.00 20.00  ? 58  ILE A C     1 
ATOM   450  O  O     . ILE A 1 58  ? 18.060  -4.907  9.394   1.00 22.79  ? 58  ILE A O     1 
ATOM   451  C  CB    . ILE A 1 58  ? 15.215  -4.895  11.110  1.00 18.29  ? 58  ILE A CB    1 
ATOM   452  C  CG1   . ILE A 1 58  ? 14.823  -4.167  9.806   1.00 17.20  ? 58  ILE A CG1   1 
ATOM   453  C  CG2   . ILE A 1 58  ? 14.435  -4.354  12.307  1.00 18.91  ? 58  ILE A CG2   1 
ATOM   454  C  CD1   . ILE A 1 58  ? 13.346  -4.367  9.437   1.00 18.09  ? 58  ILE A CD1   1 
ATOM   455  N  N     . THR A 1 59  ? 17.217  -6.857  10.155  1.00 14.64  ? 59  THR A N     1 
ATOM   456  C  CA    . THR A 1 59  ? 17.788  -7.601  9.067   1.00 16.61  ? 59  THR A CA    1 
ATOM   457  C  C     . THR A 1 59  ? 16.809  -7.715  7.947   1.00 21.86  ? 59  THR A C     1 
ATOM   458  O  O     . THR A 1 59  ? 15.634  -7.489  8.114   1.00 19.31  ? 59  THR A O     1 
ATOM   459  C  CB    . THR A 1 59  ? 18.016  -9.036  9.523   1.00 26.38  ? 59  THR A CB    1 
ATOM   460  O  OG1   . THR A 1 59  ? 16.765  -9.620  9.831   1.00 25.46  ? 59  THR A OG1   1 
ATOM   461  C  CG2   . THR A 1 59  ? 18.911  -9.028  10.754  1.00 25.70  ? 59  THR A CG2   1 
ATOM   462  N  N     . LYS A 1 60  ? 17.317  -8.140  6.817   1.00 24.73  ? 60  LYS A N     1 
ATOM   463  C  CA    . LYS A 1 60  ? 16.529  -8.390  5.625   1.00 17.92  ? 60  LYS A CA    1 
ATOM   464  C  C     . LYS A 1 60  ? 15.380  -9.355  5.871   1.00 18.50  ? 60  LYS A C     1 
ATOM   465  O  O     . LYS A 1 60  ? 14.252  -9.120  5.429   1.00 19.16  ? 60  LYS A O     1 
ATOM   466  C  CB    . LYS A 1 60  ? 17.430  -8.793  4.451   1.00 19.51  ? 60  LYS A CB    1 
ATOM   467  C  CG    . LYS A 1 60  ? 16.689  -9.035  3.123   1.00 36.35  ? 60  LYS A CG    1 
ATOM   468  C  CD    . LYS A 1 60  ? 17.357  -8.317  1.944   1.00 48.95  ? 60  LYS A CD    1 
ATOM   469  C  CE    . LYS A 1 60  ? 17.138  -8.940  0.561   1.00 100.00 ? 60  LYS A CE    1 
ATOM   470  N  NZ    . LYS A 1 60  ? 17.731  -8.160  -0.567  1.00 100.00 ? 60  LYS A NZ    1 
ATOM   471  N  N     . ASP A 1 61  ? 15.656  -10.436 6.638   1.00 18.15  ? 61  ASP A N     1 
ATOM   472  C  CA    . ASP A 1 61  ? 14.641  -11.425 6.967   1.00 17.83  ? 61  ASP A CA    1 
ATOM   473  C  C     . ASP A 1 61  ? 13.534  -10.811 7.783   1.00 18.26  ? 61  ASP A C     1 
ATOM   474  O  O     . ASP A 1 61  ? 12.375  -11.118 7.603   1.00 18.90  ? 61  ASP A O     1 
ATOM   475  C  CB    . ASP A 1 61  ? 15.201  -12.538 7.867   1.00 20.63  ? 61  ASP A CB    1 
ATOM   476  C  CG    . ASP A 1 61  ? 16.188  -13.415 7.208   1.00 85.09  ? 61  ASP A CG    1 
ATOM   477  O  OD1   . ASP A 1 61  ? 16.116  -13.382 5.905   1.00 61.51  ? 61  ASP A OD1   1 
ATOM   478  O  OD2   . ASP A 1 61  ? 16.977  -14.085 7.840   1.00 100.00 ? 61  ASP A OD2   1 
ATOM   479  N  N     . GLU A 1 62  ? 13.928  -9.998  8.749   1.00 17.68  ? 62  GLU A N     1 
ATOM   480  C  CA    . GLU A 1 62  ? 12.951  -9.376  9.601   1.00 13.11  ? 62  GLU A CA    1 
ATOM   481  C  C     . GLU A 1 62  ? 12.116  -8.426  8.763   1.00 18.31  ? 62  GLU A C     1 
ATOM   482  O  O     . GLU A 1 62  ? 10.944  -8.338  8.939   1.00 16.14  ? 62  GLU A O     1 
ATOM   483  C  CB    . GLU A 1 62  ? 13.693  -8.566  10.667  1.00 14.82  ? 62  GLU A CB    1 
ATOM   484  C  CG    . GLU A 1 62  ? 14.396  -9.521  11.669  1.00 26.41  ? 62  GLU A CG    1 
ATOM   485  C  CD    . GLU A 1 62  ? 15.236  -8.848  12.711  1.00 24.92  ? 62  GLU A CD    1 
ATOM   486  O  OE1   . GLU A 1 62  ? 15.760  -7.776  12.547  1.00 19.60  ? 62  GLU A OE1   1 
ATOM   487  O  OE2   . GLU A 1 62  ? 15.376  -9.569  13.781  1.00 25.65  ? 62  GLU A OE2   1 
ATOM   488  N  N     . ALA A 1 63  ? 12.740  -7.676  7.865   1.00 15.90  ? 63  ALA A N     1 
ATOM   489  C  CA    . ALA A 1 63  ? 11.975  -6.775  6.991   1.00 13.68  ? 63  ALA A CA    1 
ATOM   490  C  C     . ALA A 1 63  ? 10.933  -7.553  6.186   1.00 22.50  ? 63  ALA A C     1 
ATOM   491  O  O     . ALA A 1 63  ? 9.767   -7.130  6.043   1.00 16.60  ? 63  ALA A O     1 
ATOM   492  C  CB    . ALA A 1 63  ? 12.903  -6.036  6.033   1.00 16.42  ? 63  ALA A CB    1 
ATOM   493  N  N     . GLU A 1 64  ? 11.367  -8.697  5.634   1.00 13.72  ? 64  GLU A N     1 
ATOM   494  C  CA    . GLU A 1 64  ? 10.470  -9.513  4.847   1.00 13.00  ? 64  GLU A CA    1 
ATOM   495  C  C     . GLU A 1 64  ? 9.365   -10.108 5.654   1.00 16.29  ? 64  GLU A C     1 
ATOM   496  O  O     . GLU A 1 64  ? 8.265   -10.316 5.164   1.00 15.58  ? 64  GLU A O     1 
ATOM   497  C  CB    . GLU A 1 64  ? 11.238  -10.568 4.120   1.00 18.40  ? 64  GLU A CB    1 
ATOM   498  C  CG    . GLU A 1 64  ? 11.903  -9.853  2.952   1.00 21.55  ? 64  GLU A CG    1 
ATOM   499  C  CD    . GLU A 1 64  ? 12.889  -10.723 2.287   1.00 42.26  ? 64  GLU A CD    1 
ATOM   500  O  OE1   . GLU A 1 64  ? 13.279  -11.785 2.770   1.00 63.13  ? 64  GLU A OE1   1 
ATOM   501  O  OE2   . GLU A 1 64  ? 13.307  -10.175 1.174   1.00 38.99  ? 64  GLU A OE2   1 
ATOM   502  N  N     . LYS A 1 65  ? 9.652   -10.376 6.905   1.00 14.52  ? 65  LYS A N     1 
ATOM   503  C  CA    . LYS A 1 65  ? 8.610   -10.936 7.752   1.00 16.35  ? 65  LYS A CA    1 
ATOM   504  C  C     . LYS A 1 65  ? 7.510   -9.891  8.031   1.00 15.96  ? 65  LYS A C     1 
ATOM   505  O  O     . LYS A 1 65  ? 6.306   -10.160 7.902   1.00 15.13  ? 65  LYS A O     1 
ATOM   506  C  CB    . LYS A 1 65  ? 9.197   -11.505 9.037   1.00 18.01  ? 65  LYS A CB    1 
ATOM   507  C  CG    . LYS A 1 65  ? 8.111   -12.107 9.885   1.00 24.51  ? 65  LYS A CG    1 
ATOM   508  C  CD    . LYS A 1 65  ? 8.666   -13.063 10.907  1.00 57.43  ? 65  LYS A CD    1 
ATOM   509  C  CE    . LYS A 1 65  ? 7.606   -13.959 11.505  1.00 51.29  ? 65  LYS A CE    1 
ATOM   510  N  NZ    . LYS A 1 65  ? 8.077   -14.623 12.725  1.00 50.90  ? 65  LYS A NZ    1 
ATOM   511  N  N     . LEU A 1 66  ? 7.918   -8.666  8.356   1.00 14.32  ? 66  LEU A N     1 
ATOM   512  C  CA    . LEU A 1 66  ? 6.977   -7.579  8.541   1.00 10.24  ? 66  LEU A CA    1 
ATOM   513  C  C     . LEU A 1 66  ? 6.140   -7.396  7.270   1.00 14.23  ? 66  LEU A C     1 
ATOM   514  O  O     . LEU A 1 66  ? 4.916   -7.194  7.319   1.00 14.42  ? 66  LEU A O     1 
ATOM   515  C  CB    . LEU A 1 66  ? 7.650   -6.218  8.836   1.00 16.46  ? 66  LEU A CB    1 
ATOM   516  C  CG    . LEU A 1 66  ? 8.324   -6.175  10.202  1.00 17.40  ? 66  LEU A CG    1 
ATOM   517  C  CD1   . LEU A 1 66  ? 8.971   -4.804  10.414  1.00 20.96  ? 66  LEU A CD1   1 
ATOM   518  C  CD2   . LEU A 1 66  ? 7.324   -6.510  11.300  1.00 17.90  ? 66  LEU A CD2   1 
ATOM   519  N  N     . PHE A 1 67  ? 6.826   -7.470  6.131   1.00 11.00  ? 67  PHE A N     1 
ATOM   520  C  CA    . PHE A 1 67  ? 6.166   -7.277  4.822   1.00 14.51  ? 67  PHE A CA    1 
ATOM   521  C  C     . PHE A 1 67  ? 5.081   -8.319  4.569   1.00 18.16  ? 67  PHE A C     1 
ATOM   522  O  O     . PHE A 1 67  ? 3.943   -7.995  4.206   1.00 15.36  ? 67  PHE A O     1 
ATOM   523  C  CB    . PHE A 1 67  ? 7.234   -7.295  3.732   1.00 10.01  ? 67  PHE A CB    1 
ATOM   524  C  CG    . PHE A 1 67  ? 6.743   -7.059  2.313   1.00 13.14  ? 67  PHE A CG    1 
ATOM   525  C  CD1   . PHE A 1 67  ? 5.809   -6.054  2.030   1.00 15.24  ? 67  PHE A CD1   1 
ATOM   526  C  CD2   . PHE A 1 67  ? 7.363   -7.736  1.261   1.00 14.99  ? 67  PHE A CD2   1 
ATOM   527  C  CE1   . PHE A 1 67  ? 5.442   -5.766  0.713   1.00 14.72  ? 67  PHE A CE1   1 
ATOM   528  C  CE2   . PHE A 1 67  ? 7.016   -7.460  -0.067  1.00 23.30  ? 67  PHE A CE2   1 
ATOM   529  C  CZ    . PHE A 1 67  ? 6.032   -6.504  -0.322  1.00 16.77  ? 67  PHE A CZ    1 
ATOM   530  N  N     . ASN A 1 68  ? 5.431   -9.572  4.827   1.00 13.67  ? 68  ASN A N     1 
ATOM   531  C  CA    . ASN A 1 68  ? 4.459   -10.630 4.703   1.00 12.59  ? 68  ASN A CA    1 
ATOM   532  C  C     . ASN A 1 68  ? 3.238   -10.381 5.600   1.00 15.61  ? 68  ASN A C     1 
ATOM   533  O  O     . ASN A 1 68  ? 2.072   -10.575 5.232   1.00 16.00  ? 68  ASN A O     1 
ATOM   534  C  CB    . ASN A 1 68  ? 5.064   -12.008 5.039   1.00 19.29  ? 68  ASN A CB    1 
ATOM   535  C  CG    . ASN A 1 68  ? 5.838   -12.624 3.878   1.00 44.60  ? 68  ASN A CG    1 
ATOM   536  O  OD1   . ASN A 1 68  ? 5.283   -12.826 2.794   1.00 55.33  ? 68  ASN A OD1   1 
ATOM   537  N  ND2   . ASN A 1 68  ? 7.118   -12.948 4.093   1.00 39.44  ? 68  ASN A ND2   1 
ATOM   538  N  N     . GLN A 1 69  ? 3.481   -9.973  6.832   1.00 13.91  ? 69  GLN A N     1 
ATOM   539  C  CA    . GLN A 1 69  ? 2.353   -9.730  7.695   1.00 10.17  ? 69  GLN A CA    1 
ATOM   540  C  C     . GLN A 1 69  ? 1.498   -8.589  7.207   1.00 11.67  ? 69  GLN A C     1 
ATOM   541  O  O     . GLN A 1 69  ? 0.276   -8.611  7.347   1.00 17.64  ? 69  GLN A O     1 
ATOM   542  C  CB    . GLN A 1 69  ? 2.848   -9.287  9.096   1.00 12.27  ? 69  GLN A CB    1 
ATOM   543  C  CG    . GLN A 1 69  ? 3.469   -10.507 9.776   1.00 10.29  ? 69  GLN A CG    1 
ATOM   544  C  CD    . GLN A 1 69  ? 4.200   -10.194 11.053  1.00 20.47  ? 69  GLN A CD    1 
ATOM   545  O  OE1   . GLN A 1 69  ? 4.653   -11.113 11.702  1.00 21.17  ? 69  GLN A OE1   1 
ATOM   546  N  NE2   . GLN A 1 69  ? 4.295   -8.934  11.426  1.00 15.83  ? 69  GLN A NE2   1 
ATOM   547  N  N     . ASP A 1 70  ? 2.160   -7.538  6.726   1.00 11.77  ? 70  ASP A N     1 
ATOM   548  C  CA    . ASP A 1 70  ? 1.453   -6.345  6.255   1.00 9.96   ? 70  ASP A CA    1 
ATOM   549  C  C     . ASP A 1 70  ? 0.617   -6.613  5.007   1.00 15.55  ? 70  ASP A C     1 
ATOM   550  O  O     . ASP A 1 70  ? -0.482  -6.114  4.890   1.00 13.64  ? 70  ASP A O     1 
ATOM   551  C  CB    . ASP A 1 70  ? 2.418   -5.170  5.987   1.00 14.00  ? 70  ASP A CB    1 
ATOM   552  C  CG    . ASP A 1 70  ? 2.941   -4.621  7.280   1.00 18.57  ? 70  ASP A CG    1 
ATOM   553  O  OD1   . ASP A 1 70  ? 2.484   -4.868  8.384   1.00 14.88  ? 70  ASP A OD1   1 
ATOM   554  O  OD2   . ASP A 1 70  ? 3.968   -3.878  7.080   1.00 16.96  ? 70  ASP A OD2   1 
ATOM   555  N  N     . VAL A 1 71  ? 1.136   -7.424  4.090   1.00 12.60  ? 71  VAL A N     1 
ATOM   556  C  CA    . VAL A 1 71  ? 0.359   -7.730  2.913   1.00 12.81  ? 71  VAL A CA    1 
ATOM   557  C  C     . VAL A 1 71  ? -0.867  -8.536  3.310   1.00 18.89  ? 71  VAL A C     1 
ATOM   558  O  O     . VAL A 1 71  ? -1.984  -8.269  2.894   1.00 15.18  ? 71  VAL A O     1 
ATOM   559  C  CB    . VAL A 1 71  ? 1.213   -8.443  1.871   1.00 17.49  ? 71  VAL A CB    1 
ATOM   560  C  CG1   . VAL A 1 71  ? 0.320   -8.897  0.702   1.00 16.04  ? 71  VAL A CG1   1 
ATOM   561  C  CG2   . VAL A 1 71  ? 2.290   -7.508  1.311   1.00 10.65  ? 71  VAL A CG2   1 
ATOM   562  N  N     . ASP A 1 72  ? -0.658  -9.518  4.155   1.00 13.47  ? 72  ASP A N     1 
ATOM   563  C  CA    . ASP A 1 72  ? -1.749  -10.383 4.617   1.00 17.67  ? 72  ASP A CA    1 
ATOM   564  C  C     . ASP A 1 72  ? -2.831  -9.527  5.287   1.00 13.72  ? 72  ASP A C     1 
ATOM   565  O  O     . ASP A 1 72  ? -4.048  -9.607  5.077   1.00 18.31  ? 72  ASP A O     1 
ATOM   566  C  CB    . ASP A 1 72  ? -1.115  -11.394 5.632   1.00 17.70  ? 72  ASP A CB    1 
ATOM   567  C  CG    . ASP A 1 72  ? -1.897  -12.651 6.000   1.00 30.98  ? 72  ASP A CG    1 
ATOM   568  O  OD1   . ASP A 1 72  ? -3.010  -12.764 5.381   1.00 43.42  ? 72  ASP A OD1   1 
ATOM   569  O  OD2   . ASP A 1 72  ? -1.506  -13.497 6.774   1.00 51.62  ? 72  ASP A OD2   1 
ATOM   570  N  N     . ALA A 1 73  ? -2.371  -8.634  6.104   1.00 15.23  ? 73  ALA A N     1 
ATOM   571  C  CA    . ALA A 1 73  ? -3.324  -7.792  6.777   1.00 14.49  ? 73  ALA A CA    1 
ATOM   572  C  C     . ALA A 1 73  ? -4.112  -6.903  5.828   1.00 15.50  ? 73  ALA A C     1 
ATOM   573  O  O     . ALA A 1 73  ? -5.278  -6.596  6.026   1.00 22.47  ? 73  ALA A O     1 
ATOM   574  C  CB    . ALA A 1 73  ? -2.594  -6.916  7.795   1.00 17.00  ? 73  ALA A CB    1 
ATOM   575  N  N     . ALA A 1 74  ? -3.473  -6.384  4.820   1.00 18.04  ? 74  ALA A N     1 
ATOM   576  C  CA    . ALA A 1 74  ? -4.204  -5.503  3.906   1.00 25.52  ? 74  ALA A CA    1 
ATOM   577  C  C     . ALA A 1 74  ? -5.332  -6.258  3.220   1.00 23.13  ? 74  ALA A C     1 
ATOM   578  O  O     . ALA A 1 74  ? -6.467  -5.783  3.125   1.00 20.36  ? 74  ALA A O     1 
ATOM   579  C  CB    . ALA A 1 74  ? -3.272  -4.873  2.871   1.00 15.71  ? 74  ALA A CB    1 
ATOM   580  N  N     . VAL A 1 75  ? -4.996  -7.444  2.744   1.00 12.85  ? 75  VAL A N     1 
ATOM   581  C  CA    . VAL A 1 75  ? -5.991  -8.255  2.076   1.00 19.28  ? 75  VAL A CA    1 
ATOM   582  C  C     . VAL A 1 75  ? -7.112  -8.583  3.036   1.00 20.33  ? 75  VAL A C     1 
ATOM   583  O  O     . VAL A 1 75  ? -8.308  -8.432  2.717   1.00 20.23  ? 75  VAL A O     1 
ATOM   584  C  CB    . VAL A 1 75  ? -5.402  -9.573  1.609   1.00 25.53  ? 75  VAL A CB    1 
ATOM   585  C  CG1   . VAL A 1 75  ? -6.515  -10.357 0.909   1.00 28.28  ? 75  VAL A CG1   1 
ATOM   586  C  CG2   . VAL A 1 75  ? -4.317  -9.291  0.605   1.00 18.61  ? 75  VAL A CG2   1 
ATOM   587  N  N     . ARG A 1 76  ? -6.695  -9.074  4.203   1.00 16.66  ? 76  ARG A N     1 
ATOM   588  C  CA    . ARG A 1 76  ? -7.682  -9.414  5.184   1.00 19.19  ? 76  ARG A CA    1 
ATOM   589  C  C     . ARG A 1 76  ? -8.570  -8.196  5.510   1.00 24.09  ? 76  ARG A C     1 
ATOM   590  O  O     . ARG A 1 76  ? -9.798  -8.312  5.689   1.00 23.90  ? 76  ARG A O     1 
ATOM   591  C  CB    . ARG A 1 76  ? -7.110  -10.179 6.401   1.00 16.18  ? 76  ARG A CB    1 
ATOM   592  C  CG    . ARG A 1 76  ? -7.126  -11.704 6.151   1.00 42.39  ? 76  ARG A CG    1 
ATOM   593  C  CD    . ARG A 1 76  ? -6.483  -12.571 7.249   1.00 86.71  ? 76  ARG A CD    1 
ATOM   594  N  NE    . ARG A 1 76  ? -5.041  -12.289 7.370   1.00 100.00 ? 76  ARG A NE    1 
ATOM   595  C  CZ    . ARG A 1 76  ? -4.407  -11.613 8.344   1.00 100.00 ? 76  ARG A CZ    1 
ATOM   596  N  NH1   . ARG A 1 76  ? -5.021  -11.148 9.464   1.00 100.00 ? 76  ARG A NH1   1 
ATOM   597  N  NH2   . ARG A 1 76  ? -3.055  -11.456 8.282   1.00 100.00 ? 76  ARG A NH2   1 
ATOM   598  N  N     . GLY A 1 77  ? -7.982  -6.997  5.520   1.00 16.29  ? 77  GLY A N     1 
ATOM   599  C  CA    . GLY A 1 77  ? -8.742  -5.759  5.741   1.00 18.75  ? 77  GLY A CA    1 
ATOM   600  C  C     . GLY A 1 77  ? -9.788  -5.496  4.639   1.00 25.09  ? 77  GLY A C     1 
ATOM   601  O  O     . GLY A 1 77  ? -10.943 -5.114  4.858   1.00 25.98  ? 77  GLY A O     1 
ATOM   602  N  N     . ILE A 1 78  ? -9.375  -5.692  3.417   1.00 17.34  ? 78  ILE A N     1 
ATOM   603  C  CA    . ILE A 1 78  ? -10.300 -5.511  2.315   1.00 14.75  ? 78  ILE A CA    1 
ATOM   604  C  C     . ILE A 1 78  ? -11.479 -6.481  2.469   1.00 27.48  ? 78  ILE A C     1 
ATOM   605  O  O     . ILE A 1 78  ? -12.650 -6.126  2.325   1.00 21.10  ? 78  ILE A O     1 
ATOM   606  C  CB    . ILE A 1 78  ? -9.572  -5.820  0.983   1.00 19.11  ? 78  ILE A CB    1 
ATOM   607  C  CG1   . ILE A 1 78  ? -8.637  -4.646  0.600   1.00 10.92  ? 78  ILE A CG1   1 
ATOM   608  C  CG2   . ILE A 1 78  ? -10.587 -6.061  -0.154  1.00 15.44  ? 78  ILE A CG2   1 
ATOM   609  C  CD1   . ILE A 1 78  ? -7.709  -5.004  -0.561  1.00 16.88  ? 78  ILE A CD1   1 
ATOM   610  N  N     . LEU A 1 79  ? -11.152 -7.755  2.755   1.00 20.53  ? 79  LEU A N     1 
ATOM   611  C  CA    . LEU A 1 79  ? -12.214 -8.750  2.826   1.00 20.41  ? 79  LEU A CA    1 
ATOM   612  C  C     . LEU A 1 79  ? -13.191 -8.530  3.914   1.00 28.56  ? 79  LEU A C     1 
ATOM   613  O  O     . LEU A 1 79  ? -14.287 -9.023  3.847   1.00 29.25  ? 79  LEU A O     1 
ATOM   614  C  CB    . LEU A 1 79  ? -11.645 -10.160 2.912   1.00 17.89  ? 79  LEU A CB    1 
ATOM   615  C  CG    . LEU A 1 79  ? -10.807 -10.517 1.664   1.00 32.16  ? 79  LEU A CG    1 
ATOM   616  C  CD1   . LEU A 1 79  ? -10.184 -11.882 1.874   1.00 23.64  ? 79  LEU A CD1   1 
ATOM   617  C  CD2   . LEU A 1 79  ? -11.648 -10.602 0.400   1.00 27.47  ? 79  LEU A CD2   1 
ATOM   618  N  N     . ARG A 1 80  ? -12.774 -7.829  4.942   1.00 20.65  ? 80  ARG A N     1 
ATOM   619  C  CA    . ARG A 1 80  ? -13.636 -7.548  6.080   1.00 24.50  ? 80  ARG A CA    1 
ATOM   620  C  C     . ARG A 1 80  ? -14.405 -6.265  5.855   1.00 36.61  ? 80  ARG A C     1 
ATOM   621  O  O     . ARG A 1 80  ? -15.198 -5.886  6.703   1.00 35.47  ? 80  ARG A O     1 
ATOM   622  C  CB    . ARG A 1 80  ? -12.820 -7.309  7.355   1.00 24.94  ? 80  ARG A CB    1 
ATOM   623  C  CG    . ARG A 1 80  ? -12.015 -8.487  7.873   1.00 100.00 ? 80  ARG A CG    1 
ATOM   624  C  CD    . ARG A 1 80  ? -11.627 -8.314  9.347   1.00 100.00 ? 80  ARG A CD    1 
ATOM   625  N  NE    . ARG A 1 80  ? -10.218 -7.951  9.563   1.00 100.00 ? 80  ARG A NE    1 
ATOM   626  C  CZ    . ARG A 1 80  ? -9.697  -6.693  9.661   1.00 100.00 ? 80  ARG A CZ    1 
ATOM   627  N  NH1   . ARG A 1 80  ? -10.410 -5.537  9.587   1.00 68.41  ? 80  ARG A NH1   1 
ATOM   628  N  NH2   . ARG A 1 80  ? -8.386  -6.627  9.854   1.00 100.00 ? 80  ARG A NH2   1 
ATOM   629  N  N     . ASN A 1 81  ? -14.095 -5.537  4.777   1.00 29.05  ? 81  ASN A N     1 
ATOM   630  C  CA    . ASN A 1 81  ? -14.764 -4.278  4.577   1.00 18.43  ? 81  ASN A CA    1 
ATOM   631  C  C     . ASN A 1 81  ? -15.928 -4.398  3.600   1.00 28.88  ? 81  ASN A C     1 
ATOM   632  O  O     . ASN A 1 81  ? -15.773 -4.756  2.433   1.00 29.89  ? 81  ASN A O     1 
ATOM   633  C  CB    . ASN A 1 81  ? -13.761 -3.175  4.246   1.00 16.52  ? 81  ASN A CB    1 
ATOM   634  C  CG    . ASN A 1 81  ? -14.405 -1.810  4.077   1.00 27.63  ? 81  ASN A CG    1 
ATOM   635  O  OD1   . ASN A 1 81  ? -15.500 -1.650  3.523   1.00 34.47  ? 81  ASN A OD1   1 
ATOM   636  N  ND2   . ASN A 1 81  ? -13.698 -0.788  4.524   1.00 31.76  ? 81  ASN A ND2   1 
ATOM   637  N  N     . ALA A 1 82  ? -17.124 -4.161  4.129   1.00 24.80  ? 82  ALA A N     1 
ATOM   638  C  CA    . ALA A 1 82  ? -18.360 -4.253  3.368   1.00 27.97  ? 82  ALA A CA    1 
ATOM   639  C  C     . ALA A 1 82  ? -18.357 -3.398  2.089   1.00 23.70  ? 82  ALA A C     1 
ATOM   640  O  O     . ALA A 1 82  ? -18.982 -3.725  1.077   1.00 32.08  ? 82  ALA A O     1 
ATOM   641  C  CB    . ALA A 1 82  ? -19.497 -3.808  4.272   1.00 35.99  ? 82  ALA A CB    1 
ATOM   642  N  N     . LYS A 1 83  ? -17.700 -2.262  2.142   1.00 22.00  ? 83  LYS A N     1 
ATOM   643  C  CA    . LYS A 1 83  ? -17.653 -1.429  0.974   1.00 22.60  ? 83  LYS A CA    1 
ATOM   644  C  C     . LYS A 1 83  ? -16.626 -1.939  -0.020  1.00 37.81  ? 83  LYS A C     1 
ATOM   645  O  O     . LYS A 1 83  ? -16.751 -1.811  -1.215  1.00 29.80  ? 83  LYS A O     1 
ATOM   646  C  CB    . LYS A 1 83  ? -17.213 -0.052  1.384   1.00 31.85  ? 83  LYS A CB    1 
ATOM   647  C  CG    . LYS A 1 83  ? -18.335 0.954   1.351   1.00 100.00 ? 83  LYS A CG    1 
ATOM   648  C  CD    . LYS A 1 83  ? -19.386 0.678   2.411   1.00 100.00 ? 83  LYS A CD    1 
ATOM   649  C  CE    . LYS A 1 83  ? -20.617 1.585   2.310   1.00 100.00 ? 83  LYS A CE    1 
ATOM   650  N  NZ    . LYS A 1 83  ? -21.816 0.939   1.737   1.00 100.00 ? 83  LYS A NZ    1 
ATOM   651  N  N     . LEU A 1 84  ? -15.548 -2.468  0.475   1.00 20.59  ? 84  LEU A N     1 
ATOM   652  C  CA    . LEU A 1 84  ? -14.480 -2.887  -0.416  1.00 15.15  ? 84  LEU A CA    1 
ATOM   653  C  C     . LEU A 1 84  ? -14.591 -4.261  -0.988  1.00 20.27  ? 84  LEU A C     1 
ATOM   654  O  O     . LEU A 1 84  ? -14.274 -4.473  -2.132  1.00 17.10  ? 84  LEU A O     1 
ATOM   655  C  CB    . LEU A 1 84  ? -13.130 -2.791  0.303   1.00 17.30  ? 84  LEU A CB    1 
ATOM   656  C  CG    . LEU A 1 84  ? -12.772 -1.368  0.769   1.00 28.59  ? 84  LEU A CG    1 
ATOM   657  C  CD1   . LEU A 1 84  ? -11.362 -1.345  1.359   1.00 21.34  ? 84  LEU A CD1   1 
ATOM   658  C  CD2   . LEU A 1 84  ? -12.842 -0.371  -0.389  1.00 25.00  ? 84  LEU A CD2   1 
ATOM   659  N  N     . LYS A 1 85  ? -14.969 -5.209  -0.163  1.00 16.82  ? 85  LYS A N     1 
ATOM   660  C  CA    . LYS A 1 85  ? -15.030 -6.589  -0.564  1.00 12.85  ? 85  LYS A CA    1 
ATOM   661  C  C     . LYS A 1 85  ? -15.726 -6.885  -1.894  1.00 13.59  ? 85  LYS A C     1 
ATOM   662  O  O     . LYS A 1 85  ? -15.228 -7.591  -2.771  1.00 14.08  ? 85  LYS A O     1 
ATOM   663  C  CB    . LYS A 1 85  ? -15.574 -7.426  0.582   1.00 16.88  ? 85  LYS A CB    1 
ATOM   664  C  CG    . LYS A 1 85  ? -15.552 -8.882  0.201   1.00 21.35  ? 85  LYS A CG    1 
ATOM   665  C  CD    . LYS A 1 85  ? -16.032 -9.794  1.293   1.00 28.79  ? 85  LYS A CD    1 
ATOM   666  C  CE    . LYS A 1 85  ? -15.838 -11.233 0.879   1.00 35.30  ? 85  LYS A CE    1 
ATOM   667  N  NZ    . LYS A 1 85  ? -16.953 -11.697 0.050   1.00 41.56  ? 85  LYS A NZ    1 
ATOM   668  N  N     . PRO A 1 86  ? -16.924 -6.374  -2.066  1.00 20.32  ? 86  PRO A N     1 
ATOM   669  C  CA    . PRO A 1 86  ? -17.649 -6.628  -3.308  1.00 31.39  ? 86  PRO A CA    1 
ATOM   670  C  C     . PRO A 1 86  ? -16.912 -6.113  -4.546  1.00 23.20  ? 86  PRO A C     1 
ATOM   671  O  O     . PRO A 1 86  ? -16.930 -6.750  -5.604  1.00 16.41  ? 86  PRO A O     1 
ATOM   672  C  CB    . PRO A 1 86  ? -18.994 -5.914  -3.173  1.00 28.18  ? 86  PRO A CB    1 
ATOM   673  C  CG    . PRO A 1 86  ? -18.974 -5.155  -1.850  1.00 37.22  ? 86  PRO A CG    1 
ATOM   674  C  CD    . PRO A 1 86  ? -17.676 -5.493  -1.141  1.00 23.64  ? 86  PRO A CD    1 
ATOM   675  N  N     . VAL A 1 87  ? -16.238 -4.987  -4.413  1.00 14.18  ? 87  VAL A N     1 
ATOM   676  C  CA    . VAL A 1 87  ? -15.516 -4.483  -5.557  1.00 16.67  ? 87  VAL A CA    1 
ATOM   677  C  C     . VAL A 1 87  ? -14.304 -5.376  -5.871  1.00 13.65  ? 87  VAL A C     1 
ATOM   678  O  O     . VAL A 1 87  ? -14.008 -5.809  -6.995  1.00 15.07  ? 87  VAL A O     1 
ATOM   679  C  CB    . VAL A 1 87  ? -15.097 -2.997  -5.370  1.00 20.18  ? 87  VAL A CB    1 
ATOM   680  C  CG1   . VAL A 1 87  ? -14.385 -2.504  -6.650  1.00 14.16  ? 87  VAL A CG1   1 
ATOM   681  C  CG2   . VAL A 1 87  ? -16.308 -2.109  -5.080  1.00 20.25  ? 87  VAL A CG2   1 
ATOM   682  N  N     . TYR A 1 88  ? -13.600 -5.683  -4.810  1.00 13.07  ? 88  TYR A N     1 
ATOM   683  C  CA    . TYR A 1 88  ? -12.403 -6.491  -4.936  1.00 12.38  ? 88  TYR A CA    1 
ATOM   684  C  C     . TYR A 1 88  ? -12.742 -7.841  -5.550  1.00 12.91  ? 88  TYR A C     1 
ATOM   685  O  O     . TYR A 1 88  ? -12.020 -8.384  -6.402  1.00 18.17  ? 88  TYR A O     1 
ATOM   686  C  CB    . TYR A 1 88  ? -11.843 -6.662  -3.486  1.00 16.84  ? 88  TYR A CB    1 
ATOM   687  C  CG    . TYR A 1 88  ? -10.603 -7.526  -3.396  1.00 20.69  ? 88  TYR A CG    1 
ATOM   688  C  CD1   . TYR A 1 88  ? -9.341  -6.985  -3.669  1.00 15.36  ? 88  TYR A CD1   1 
ATOM   689  C  CD2   . TYR A 1 88  ? -10.712 -8.879  -3.059  1.00 24.69  ? 88  TYR A CD2   1 
ATOM   690  C  CE1   . TYR A 1 88  ? -8.198  -7.777  -3.606  1.00 16.66  ? 88  TYR A CE1   1 
ATOM   691  C  CE2   . TYR A 1 88  ? -9.580  -9.686  -3.001  1.00 23.22  ? 88  TYR A CE2   1 
ATOM   692  C  CZ    . TYR A 1 88  ? -8.326  -9.117  -3.238  1.00 25.99  ? 88  TYR A CZ    1 
ATOM   693  O  OH    . TYR A 1 88  ? -7.214  -9.899  -3.187  1.00 22.28  ? 88  TYR A OH    1 
ATOM   694  N  N     . ASP A 1 89  ? -13.839 -8.441  -5.064  1.00 13.92  ? 89  ASP A N     1 
ATOM   695  C  CA    . ASP A 1 89  ? -14.218 -9.784  -5.581  1.00 13.35  ? 89  ASP A CA    1 
ATOM   696  C  C     . ASP A 1 89  ? -14.599 -9.725  -7.049  1.00 17.24  ? 89  ASP A C     1 
ATOM   697  O  O     . ASP A 1 89  ? -14.487 -10.707 -7.749  1.00 21.01  ? 89  ASP A O     1 
ATOM   698  C  CB    . ASP A 1 89  ? -15.410 -10.348 -4.810  1.00 15.54  ? 89  ASP A CB    1 
ATOM   699  C  CG    . ASP A 1 89  ? -15.077 -10.983 -3.486  1.00 22.70  ? 89  ASP A CG    1 
ATOM   700  O  OD1   . ASP A 1 89  ? -13.809 -11.203 -3.276  1.00 24.55  ? 89  ASP A OD1   1 
ATOM   701  O  OD2   . ASP A 1 89  ? -15.944 -11.294 -2.728  1.00 27.01  ? 89  ASP A OD2   1 
ATOM   702  N  N     . SER A 1 90  ? -15.032 -8.565  -7.537  1.00 15.77  ? 90  SER A N     1 
ATOM   703  C  CA    . SER A 1 90  ? -15.402 -8.462  -8.960  1.00 14.16  ? 90  SER A CA    1 
ATOM   704  C  C     . SER A 1 90  ? -14.215 -8.358  -9.896  1.00 16.20  ? 90  SER A C     1 
ATOM   705  O  O     . SER A 1 90  ? -14.357 -8.446  -11.132 1.00 15.39  ? 90  SER A O     1 
ATOM   706  C  CB    . SER A 1 90  ? -16.284 -7.221  -9.214  1.00 14.70  ? 90  SER A CB    1 
ATOM   707  O  OG    . SER A 1 90  ? -15.570 -5.993  -9.026  1.00 13.87  ? 90  SER A OG    1 
ATOM   708  N  N     . LEU A 1 91  ? -13.057 -8.024  -9.315  1.00 12.76  ? 91  LEU A N     1 
ATOM   709  C  CA    . LEU A 1 91  ? -11.868 -7.760  -10.122 1.00 13.17  ? 91  LEU A CA    1 
ATOM   710  C  C     . LEU A 1 91  ? -11.102 -8.988  -10.526 1.00 18.26  ? 91  LEU A C     1 
ATOM   711  O  O     . LEU A 1 91  ? -11.149 -9.980  -9.798  1.00 14.70  ? 91  LEU A O     1 
ATOM   712  C  CB    . LEU A 1 91  ? -10.898 -6.823  -9.360  1.00 14.94  ? 91  LEU A CB    1 
ATOM   713  C  CG    . LEU A 1 91  ? -11.480 -5.455  -9.015  1.00 19.02  ? 91  LEU A CG    1 
ATOM   714  C  CD1   . LEU A 1 91  ? -10.528 -4.757  -8.066  1.00 17.21  ? 91  LEU A CD1   1 
ATOM   715  C  CD2   . LEU A 1 91  ? -11.543 -4.619  -10.287 1.00 14.48  ? 91  LEU A CD2   1 
ATOM   716  N  N     . ASP A 1 92  ? -10.342 -8.860  -11.635 1.00 12.64  ? 92  ASP A N     1 
ATOM   717  C  CA    . ASP A 1 92  ? -9.419  -9.905  -12.065 1.00 10.30  ? 92  ASP A CA    1 
ATOM   718  C  C     . ASP A 1 92  ? -8.163  -9.864  -11.156 1.00 16.43  ? 92  ASP A C     1 
ATOM   719  O  O     . ASP A 1 92  ? -7.939  -8.910  -10.431 1.00 16.22  ? 92  ASP A O     1 
ATOM   720  C  CB    . ASP A 1 92  ? -8.951  -9.720  -13.496 1.00 14.10  ? 92  ASP A CB    1 
ATOM   721  C  CG    . ASP A 1 92  ? -8.347  -8.370  -13.675 1.00 15.39  ? 92  ASP A CG    1 
ATOM   722  O  OD1   . ASP A 1 92  ? -9.258  -7.434  -13.887 1.00 16.34  ? 92  ASP A OD1   1 
ATOM   723  O  OD2   . ASP A 1 92  ? -7.139  -8.195  -13.638 1.00 17.74  ? 92  ASP A OD2   1 
ATOM   724  N  N     . ALA A 1 93  ? -7.337  -10.888 -11.190 1.00 16.00  ? 93  ALA A N     1 
ATOM   725  C  CA    . ALA A 1 93  ? -6.171  -10.978 -10.340 1.00 16.45  ? 93  ALA A CA    1 
ATOM   726  C  C     . ALA A 1 93  ? -5.193  -9.789  -10.422 1.00 15.58  ? 93  ALA A C     1 
ATOM   727  O  O     . ALA A 1 93  ? -4.635  -9.360  -9.410  1.00 15.78  ? 93  ALA A O     1 
ATOM   728  C  CB    . ALA A 1 93  ? -5.469  -12.315 -10.623 1.00 15.04  ? 93  ALA A CB    1 
ATOM   729  N  N     . VAL A 1 94  ? -4.935  -9.268  -11.627 1.00 16.47  ? 94  VAL A N     1 
ATOM   730  C  CA    . VAL A 1 94  ? -4.011  -8.156  -11.761 1.00 11.92  ? 94  VAL A CA    1 
ATOM   731  C  C     . VAL A 1 94  ? -4.556  -6.939  -11.070 1.00 13.44  ? 94  VAL A C     1 
ATOM   732  O  O     . VAL A 1 94  ? -3.889  -6.298  -10.279 1.00 14.91  ? 94  VAL A O     1 
ATOM   733  C  CB    . VAL A 1 94  ? -3.651  -7.869  -13.202 1.00 16.10  ? 94  VAL A CB    1 
ATOM   734  C  CG1   . VAL A 1 94  ? -2.732  -6.667  -13.263 1.00 20.22  ? 94  VAL A CG1   1 
ATOM   735  C  CG2   . VAL A 1 94  ? -2.872  -9.050  -13.760 1.00 16.93  ? 94  VAL A CG2   1 
ATOM   736  N  N     . ARG A 1 95  ? -5.795  -6.624  -11.388 1.00 12.58  ? 95  ARG A N     1 
ATOM   737  C  CA    . ARG A 1 95  ? -6.418  -5.466  -10.776 1.00 10.36  ? 95  ARG A CA    1 
ATOM   738  C  C     . ARG A 1 95  ? -6.546  -5.634  -9.270  1.00 16.38  ? 95  ARG A C     1 
ATOM   739  O  O     . ARG A 1 95  ? -6.478  -4.661  -8.556  1.00 17.94  ? 95  ARG A O     1 
ATOM   740  C  CB    . ARG A 1 95  ? -7.711  -5.065  -11.443 1.00 12.69  ? 95  ARG A CB    1 
ATOM   741  C  CG    . ARG A 1 95  ? -7.516  -4.662  -12.905 1.00 9.10   ? 95  ARG A CG    1 
ATOM   742  C  CD    . ARG A 1 95  ? -8.839  -4.211  -13.529 1.00 13.58  ? 95  ARG A CD    1 
ATOM   743  N  NE    . ARG A 1 95  ? -8.658  -3.566  -14.823 1.00 13.25  ? 95  ARG A NE    1 
ATOM   744  C  CZ    . ARG A 1 95  ? -8.737  -4.222  -15.990 1.00 21.05  ? 95  ARG A CZ    1 
ATOM   745  N  NH1   . ARG A 1 95  ? -8.944  -5.541  -16.053 1.00 17.88  ? 95  ARG A NH1   1 
ATOM   746  N  NH2   . ARG A 1 95  ? -8.603  -3.537  -17.130 1.00 17.86  ? 95  ARG A NH2   1 
ATOM   747  N  N     . ARG A 1 96  ? -6.757  -6.848  -8.750  1.00 17.20  ? 96  ARG A N     1 
ATOM   748  C  CA    . ARG A 1 96  ? -6.776  -7.047  -7.312  1.00 10.42  ? 96  ARG A CA    1 
ATOM   749  C  C     . ARG A 1 96  ? -5.464  -6.590  -6.714  1.00 10.92  ? 96  ARG A C     1 
ATOM   750  O  O     . ARG A 1 96  ? -5.448  -5.984  -5.630  1.00 15.08  ? 96  ARG A O     1 
ATOM   751  C  CB    . ARG A 1 96  ? -6.942  -8.514  -6.964  1.00 9.58   ? 96  ARG A CB    1 
ATOM   752  C  CG    . ARG A 1 96  ? -8.401  -8.881  -7.127  1.00 11.78  ? 96  ARG A CG    1 
ATOM   753  C  CD    . ARG A 1 96  ? -8.624  -10.370 -6.835  1.00 18.68  ? 96  ARG A CD    1 
ATOM   754  N  NE    . ARG A 1 96  ? -10.006 -10.683 -7.177  1.00 33.79  ? 96  ARG A NE    1 
ATOM   755  C  CZ    . ARG A 1 96  ? -10.603 -11.846 -6.950  1.00 35.98  ? 96  ARG A CZ    1 
ATOM   756  N  NH1   . ARG A 1 96  ? -9.950  -12.809 -6.360  1.00 33.51  ? 96  ARG A NH1   1 
ATOM   757  N  NH2   . ARG A 1 96  ? -11.887 -12.040 -7.298  1.00 23.15  ? 96  ARG A NH2   1 
ATOM   758  N  N     . ALA A 1 97  ? -4.372  -6.849  -7.403  1.00 13.54  ? 97  ALA A N     1 
ATOM   759  C  CA    . ALA A 1 97  ? -3.099  -6.412  -6.874  1.00 11.22  ? 97  ALA A CA    1 
ATOM   760  C  C     . ALA A 1 97  ? -3.034  -4.895  -6.759  1.00 18.18  ? 97  ALA A C     1 
ATOM   761  O  O     . ALA A 1 97  ? -2.494  -4.370  -5.774  1.00 12.78  ? 97  ALA A O     1 
ATOM   762  C  CB    . ALA A 1 97  ? -1.975  -6.957  -7.745  1.00 9.41   ? 97  ALA A CB    1 
ATOM   763  N  N     . ALA A 1 98  ? -3.580  -4.174  -7.753  1.00 12.76  ? 98  ALA A N     1 
ATOM   764  C  CA    . ALA A 1 98  ? -3.604  -2.702  -7.681  1.00 9.25   ? 98  ALA A CA    1 
ATOM   765  C  C     . ALA A 1 98  ? -4.415  -2.212  -6.464  1.00 16.97  ? 98  ALA A C     1 
ATOM   766  O  O     . ALA A 1 98  ? -4.072  -1.229  -5.785  1.00 14.52  ? 98  ALA A O     1 
ATOM   767  C  CB    . ALA A 1 98  ? -4.244  -2.115  -8.913  1.00 12.23  ? 98  ALA A CB    1 
ATOM   768  N  N     . ALA A 1 99  ? -5.508  -2.921  -6.186  1.00 10.39  ? 99  ALA A N     1 
ATOM   769  C  CA    . ALA A 1 99  ? -6.362  -2.580  -5.055  1.00 11.14  ? 99  ALA A CA    1 
ATOM   770  C  C     . ALA A 1 99  ? -5.631  -2.808  -3.753  1.00 12.56  ? 99  ALA A C     1 
ATOM   771  O  O     . ALA A 1 99  ? -5.773  -2.017  -2.816  1.00 13.25  ? 99  ALA A O     1 
ATOM   772  C  CB    . ALA A 1 99  ? -7.682  -3.384  -5.031  1.00 9.01   ? 99  ALA A CB    1 
ATOM   773  N  N     . ILE A 1 100 ? -4.859  -3.906  -3.669  1.00 11.02  ? 100 ILE A N     1 
ATOM   774  C  CA    . ILE A 1 100 ? -4.145  -4.180  -2.426  1.00 13.92  ? 100 ILE A CA    1 
ATOM   775  C  C     . ILE A 1 100 ? -3.052  -3.093  -2.186  1.00 18.98  ? 100 ILE A C     1 
ATOM   776  O  O     . ILE A 1 100 ? -2.818  -2.590  -1.061  1.00 12.87  ? 100 ILE A O     1 
ATOM   777  C  CB    . ILE A 1 100 ? -3.525  -5.600  -2.445  1.00 17.01  ? 100 ILE A CB    1 
ATOM   778  C  CG1   . ILE A 1 100 ? -4.602  -6.726  -2.471  1.00 11.17  ? 100 ILE A CG1   1 
ATOM   779  C  CG2   . ILE A 1 100 ? -2.538  -5.745  -1.254  1.00 12.64  ? 100 ILE A CG2   1 
ATOM   780  C  CD1   . ILE A 1 100 ? -4.012  -8.040  -2.939  1.00 11.37  ? 100 ILE A CD1   1 
ATOM   781  N  N     . ASN A 1 101 ? -2.364  -2.720  -3.274  1.00 11.81  ? 101 ASN A N     1 
ATOM   782  C  CA    . ASN A 1 101 ? -1.300  -1.713  -3.207  1.00 9.29   ? 101 ASN A CA    1 
ATOM   783  C  C     . ASN A 1 101 ? -1.855  -0.439  -2.586  1.00 12.89  ? 101 ASN A C     1 
ATOM   784  O  O     . ASN A 1 101 ? -1.229  0.194   -1.724  1.00 14.19  ? 101 ASN A O     1 
ATOM   785  C  CB    . ASN A 1 101 ? -0.846  -1.427  -4.651  1.00 10.12  ? 101 ASN A CB    1 
ATOM   786  C  CG    . ASN A 1 101 ? 0.431   -0.642  -4.722  1.00 13.47  ? 101 ASN A CG    1 
ATOM   787  O  OD1   . ASN A 1 101 ? 0.519   0.433   -4.148  1.00 16.94  ? 101 ASN A OD1   1 
ATOM   788  N  ND2   . ASN A 1 101 ? 1.412   -1.157  -5.449  1.00 11.22  ? 101 ASN A ND2   1 
ATOM   789  N  N     . MET A 1 102 ? -3.038  -0.003  -3.064  1.00 11.10  ? 102 MET A N     1 
ATOM   790  C  CA    . MET A 1 102 ? -3.592  1.223   -2.530  1.00 15.78  ? 102 MET A CA    1 
ATOM   791  C  C     . MET A 1 102 ? -3.886  1.127   -1.032  1.00 18.23  ? 102 MET A C     1 
ATOM   792  O  O     . MET A 1 102 ? -3.610  2.050   -0.285  1.00 14.68  ? 102 MET A O     1 
ATOM   793  C  CB    . MET A 1 102 ? -4.867  1.635   -3.291  1.00 15.78  ? 102 MET A CB    1 
ATOM   794  C  CG    . MET A 1 102 ? -4.584  2.152   -4.709  1.00 14.45  ? 102 MET A CG    1 
ATOM   795  S  SD    . MET A 1 102 ? -6.084  2.845   -5.434  1.00 18.69  ? 102 MET A SD    1 
ATOM   796  C  CE    . MET A 1 102 ? -6.347  4.375   -4.511  1.00 16.30  ? 102 MET A CE    1 
ATOM   797  N  N     . VAL A 1 103 ? -4.484  -0.007  -0.594  1.00 14.58  ? 103 VAL A N     1 
ATOM   798  C  CA    . VAL A 1 103 ? -4.807  -0.167  0.838   1.00 12.71  ? 103 VAL A CA    1 
ATOM   799  C  C     . VAL A 1 103 ? -3.545  -0.224  1.658   1.00 13.16  ? 103 VAL A C     1 
ATOM   800  O  O     . VAL A 1 103 ? -3.492  0.349   2.728   1.00 21.75  ? 103 VAL A O     1 
ATOM   801  C  CB    . VAL A 1 103 ? -5.680  -1.396  1.135   1.00 15.11  ? 103 VAL A CB    1 
ATOM   802  C  CG1   . VAL A 1 103 ? -5.878  -1.612  2.649   1.00 18.09  ? 103 VAL A CG1   1 
ATOM   803  C  CG2   . VAL A 1 103 ? -7.044  -1.075  0.557   1.00 19.09  ? 103 VAL A CG2   1 
ATOM   804  N  N     . PHE A 1 104 ? -2.557  -0.945  1.153   1.00 13.85  ? 104 PHE A N     1 
ATOM   805  C  CA    . PHE A 1 104 ? -1.297  -1.077  1.813   1.00 11.34  ? 104 PHE A CA    1 
ATOM   806  C  C     . PHE A 1 104 ? -0.706  0.298   2.010   1.00 19.75  ? 104 PHE A C     1 
ATOM   807  O  O     . PHE A 1 104 ? -0.129  0.587   3.025   1.00 16.57  ? 104 PHE A O     1 
ATOM   808  C  CB    . PHE A 1 104 ? -0.324  -1.833  0.896   1.00 15.68  ? 104 PHE A CB    1 
ATOM   809  C  CG    . PHE A 1 104 ? 1.008   -2.148  1.562   1.00 18.20  ? 104 PHE A CG    1 
ATOM   810  C  CD1   . PHE A 1 104 ? 2.065   -1.238  1.500   1.00 15.96  ? 104 PHE A CD1   1 
ATOM   811  C  CD2   . PHE A 1 104 ? 1.238   -3.401  2.136   1.00 20.30  ? 104 PHE A CD2   1 
ATOM   812  C  CE1   . PHE A 1 104 ? 3.298   -1.550  2.083   1.00 23.11  ? 104 PHE A CE1   1 
ATOM   813  C  CE2   . PHE A 1 104 ? 2.475   -3.750  2.674   1.00 14.50  ? 104 PHE A CE2   1 
ATOM   814  C  CZ    . PHE A 1 104 ? 3.496   -2.799  2.676   1.00 15.64  ? 104 PHE A CZ    1 
ATOM   815  N  N     . GLN A 1 105 ? -0.818  1.167   1.016   1.00 18.76  ? 105 GLN A N     1 
ATOM   816  C  CA    . GLN A 1 105 ? -0.217  2.468   1.117   1.00 16.37  ? 105 GLN A CA    1 
ATOM   817  C  C     . GLN A 1 105 ? -1.020  3.430   2.000   1.00 25.92  ? 105 GLN A C     1 
ATOM   818  O  O     . GLN A 1 105 ? -0.500  4.250   2.756   1.00 22.03  ? 105 GLN A O     1 
ATOM   819  C  CB    . GLN A 1 105 ? -0.065  3.080   -0.325  1.00 16.34  ? 105 GLN A CB    1 
ATOM   820  C  CG    . GLN A 1 105 ? 0.522   4.529   -0.240  1.00 18.75  ? 105 GLN A CG    1 
ATOM   821  C  CD    . GLN A 1 105 ? 0.645   5.303   -1.554  1.00 21.78  ? 105 GLN A CD    1 
ATOM   822  O  OE1   . GLN A 1 105 ? 0.202   4.833   -2.606  1.00 20.78  ? 105 GLN A OE1   1 
ATOM   823  N  NE2   . GLN A 1 105 ? 1.299   6.476   -1.523  1.00 20.07  ? 105 GLN A NE2   1 
ATOM   824  N  N     . MET A 1 106 ? -2.324  3.413   1.838   1.00 19.12  ? 106 MET A N     1 
ATOM   825  C  CA    . MET A 1 106 ? -3.132  4.373   2.533   1.00 20.69  ? 106 MET A CA    1 
ATOM   826  C  C     . MET A 1 106 ? -4.130  3.876   3.562   1.00 22.60  ? 106 MET A C     1 
ATOM   827  O  O     . MET A 1 106 ? -4.788  4.670   4.188   1.00 24.35  ? 106 MET A O     1 
ATOM   828  C  CB    . MET A 1 106 ? -3.634  5.480   1.571   1.00 25.44  ? 106 MET A CB    1 
ATOM   829  C  CG    . MET A 1 106 ? -4.672  5.145   0.528   1.00 47.29  ? 106 MET A CG    1 
ATOM   830  S  SD    . MET A 1 106 ? -4.643  6.519   -0.663  1.00 49.30  ? 106 MET A SD    1 
ATOM   831  C  CE    . MET A 1 106 ? -4.939  5.685   -2.247  1.00 62.69  ? 106 MET A CE    1 
ATOM   832  N  N     . GLY A 1 107 ? -4.220  2.582   3.772   1.00 24.38  ? 107 GLY A N     1 
ATOM   833  C  CA    . GLY A 1 107 ? -5.149  2.080   4.727   1.00 18.87  ? 107 GLY A CA    1 
ATOM   834  C  C     . GLY A 1 107 ? -6.572  2.122   4.165   1.00 19.72  ? 107 GLY A C     1 
ATOM   835  O  O     . GLY A 1 107 ? -6.894  2.869   3.238   1.00 28.11  ? 107 GLY A O     1 
ATOM   836  N  N     . GLU A 1 108 ? -7.435  1.354   4.802   1.00 30.33  ? 108 GLU A N     1 
ATOM   837  C  CA    . GLU A 1 108 ? -8.864  1.240   4.466   1.00 64.33  ? 108 GLU A CA    1 
ATOM   838  C  C     . GLU A 1 108 ? -9.610  2.540   4.530   1.00 43.99  ? 108 GLU A C     1 
ATOM   839  O  O     . GLU A 1 108 ? -10.602 2.800   3.832   1.00 64.01  ? 108 GLU A O     1 
ATOM   840  C  CB    . GLU A 1 108 ? -9.580  0.359   5.501   1.00 39.24  ? 108 GLU A CB    1 
ATOM   841  C  CG    . GLU A 1 108 ? -9.491  -1.144  5.194   1.00 63.67  ? 108 GLU A CG    1 
ATOM   842  C  CD    . GLU A 1 108 ? -9.996  -2.000  6.325   1.00 100.00 ? 108 GLU A CD    1 
ATOM   843  O  OE1   . GLU A 1 108 ? -11.290 -1.886  6.533   1.00 64.25  ? 108 GLU A OE1   1 
ATOM   844  O  OE2   . GLU A 1 108 ? -9.260  -2.719  6.982   1.00 100.00 ? 108 GLU A OE2   1 
ATOM   845  N  N     . THR A 1 109 ? -9.113  3.311   5.454   1.00 45.29  ? 109 THR A N     1 
ATOM   846  C  CA    . THR A 1 109 ? -9.639  4.605   5.752   1.00 66.17  ? 109 THR A CA    1 
ATOM   847  C  C     . THR A 1 109 ? -9.114  5.628   4.769   1.00 90.83  ? 109 THR A C     1 
ATOM   848  O  O     . THR A 1 109 ? -9.749  6.630   4.441   1.00 67.14  ? 109 THR A O     1 
ATOM   849  C  CB    . THR A 1 109 ? -9.209  4.913   7.198   1.00 95.35  ? 109 THR A CB    1 
ATOM   850  O  OG1   . THR A 1 109 ? -10.325 4.901   8.062   1.00 100.00 ? 109 THR A OG1   1 
ATOM   851  C  CG2   . THR A 1 109 ? -8.378  6.189   7.331   1.00 72.99  ? 109 THR A CG2   1 
ATOM   852  N  N     . GLY A 1 110 ? -7.915  5.372   4.307   1.00 44.50  ? 110 GLY A N     1 
ATOM   853  C  CA    . GLY A 1 110 ? -7.324  6.300   3.387   1.00 36.29  ? 110 GLY A CA    1 
ATOM   854  C  C     . GLY A 1 110 ? -8.089  6.260   2.089   1.00 71.92  ? 110 GLY A C     1 
ATOM   855  O  O     . GLY A 1 110 ? -8.092  7.199   1.308   1.00 46.32  ? 110 GLY A O     1 
ATOM   856  N  N     . VAL A 1 111 ? -8.766  5.162   1.848   1.00 28.41  ? 111 VAL A N     1 
ATOM   857  C  CA    . VAL A 1 111 ? -9.436  5.048   0.575   1.00 52.14  ? 111 VAL A CA    1 
ATOM   858  C  C     . VAL A 1 111 ? -10.913 5.106   0.699   1.00 88.52  ? 111 VAL A C     1 
ATOM   859  O  O     . VAL A 1 111 ? -11.655 4.664   -0.181  1.00 54.04  ? 111 VAL A O     1 
ATOM   860  C  CB    . VAL A 1 111 ? -8.998  3.791   -0.137  1.00 38.59  ? 111 VAL A CB    1 
ATOM   861  C  CG1   . VAL A 1 111 ? -7.478  3.760   -0.133  1.00 42.13  ? 111 VAL A CG1   1 
ATOM   862  C  CG2   . VAL A 1 111 ? -9.522  2.606   0.656   1.00 43.70  ? 111 VAL A CG2   1 
ATOM   863  N  N     . ALA A 1 112 ? -11.283 5.682   1.815   1.00 54.70  ? 112 ALA A N     1 
ATOM   864  C  CA    . ALA A 1 112 ? -12.654 5.852   2.170   1.00 100.00 ? 112 ALA A CA    1 
ATOM   865  C  C     . ALA A 1 112 ? -13.374 6.785   1.187   1.00 100.00 ? 112 ALA A C     1 
ATOM   866  O  O     . ALA A 1 112 ? -14.468 6.447   0.731   1.00 86.63  ? 112 ALA A O     1 
ATOM   867  C  CB    . ALA A 1 112 ? -12.777 6.314   3.619   1.00 100.00 ? 112 ALA A CB    1 
ATOM   868  N  N     . GLY A 1 113 ? -12.725 7.941   0.858   1.00 100.00 ? 113 GLY A N     1 
ATOM   869  C  CA    . GLY A 1 113 ? -13.235 8.987   -0.059  1.00 43.53  ? 113 GLY A CA    1 
ATOM   870  C  C     . GLY A 1 113 ? -13.254 8.586   -1.550  1.00 100.00 ? 113 GLY A C     1 
ATOM   871  O  O     . GLY A 1 113 ? -13.563 9.386   -2.436  1.00 32.20  ? 113 GLY A O     1 
ATOM   872  N  N     . PHE A 1 114 ? -12.940 7.326   -1.839  1.00 34.71  ? 114 PHE A N     1 
ATOM   873  C  CA    . PHE A 1 114 ? -12.915 6.799   -3.177  1.00 23.33  ? 114 PHE A CA    1 
ATOM   874  C  C     . PHE A 1 114 ? -14.199 6.145   -3.650  1.00 22.70  ? 114 PHE A C     1 
ATOM   875  O  O     . PHE A 1 114 ? -14.205 5.341   -4.581  1.00 23.04  ? 114 PHE A O     1 
ATOM   876  C  CB    . PHE A 1 114 ? -11.724 5.863   -3.316  1.00 24.09  ? 114 PHE A CB    1 
ATOM   877  C  CG    . PHE A 1 114 ? -10.397 6.607   -3.395  1.00 25.89  ? 114 PHE A CG    1 
ATOM   878  C  CD1   . PHE A 1 114 ? -9.739  7.034   -2.242  1.00 40.15  ? 114 PHE A CD1   1 
ATOM   879  C  CD2   . PHE A 1 114 ? -9.782  6.842   -4.628  1.00 27.59  ? 114 PHE A CD2   1 
ATOM   880  C  CE1   . PHE A 1 114 ? -8.509  7.683   -2.321  1.00 26.38  ? 114 PHE A CE1   1 
ATOM   881  C  CE2   . PHE A 1 114 ? -8.550  7.493   -4.735  1.00 28.60  ? 114 PHE A CE2   1 
ATOM   882  C  CZ    . PHE A 1 114 ? -7.925  7.920   -3.568  1.00 30.59  ? 114 PHE A CZ    1 
ATOM   883  N  N     . THR A 1 115 ? -15.308 6.547   -3.104  1.00 15.24  ? 115 THR A N     1 
ATOM   884  C  CA    . THR A 1 115 ? -16.596 5.991   -3.533  1.00 15.95  ? 115 THR A CA    1 
ATOM   885  C  C     . THR A 1 115 ? -16.898 5.956   -4.997  1.00 22.01  ? 115 THR A C     1 
ATOM   886  O  O     . THR A 1 115 ? -17.397 4.986   -5.519  1.00 21.68  ? 115 THR A O     1 
ATOM   887  C  CB    . THR A 1 115 ? -17.743 6.806   -2.978  1.00 41.58  ? 115 THR A CB    1 
ATOM   888  O  OG1   . THR A 1 115 ? -17.671 6.790   -1.587  1.00 36.68  ? 115 THR A OG1   1 
ATOM   889  C  CG2   . THR A 1 115 ? -19.017 6.098   -3.405  1.00 40.31  ? 115 THR A CG2   1 
ATOM   890  N  N     . ASN A 1 116 ? -16.760 7.076   -5.631  1.00 16.65  ? 116 ASN A N     1 
ATOM   891  C  CA    . ASN A 1 116 ? -17.032 7.134   -7.050  1.00 16.89  ? 116 ASN A CA    1 
ATOM   892  C  C     . ASN A 1 116 ? -16.108 6.228   -7.856  1.00 18.42  ? 116 ASN A C     1 
ATOM   893  O  O     . ASN A 1 116 ? -16.516 5.560   -8.829  1.00 20.87  ? 116 ASN A O     1 
ATOM   894  C  CB    . ASN A 1 116 ? -17.022 8.595   -7.601  1.00 15.07  ? 116 ASN A CB    1 
ATOM   895  C  CG    . ASN A 1 116 ? -17.973 9.453   -6.768  1.00 34.79  ? 116 ASN A CG    1 
ATOM   896  O  OD1   . ASN A 1 116 ? -19.045 8.968   -6.369  1.00 36.96  ? 116 ASN A OD1   1 
ATOM   897  N  ND2   . ASN A 1 116 ? -17.575 10.672  -6.391  1.00 26.56  ? 116 ASN A ND2   1 
ATOM   898  N  N     . SER A 1 117 ? -14.839 6.194   -7.491  1.00 14.08  ? 117 SER A N     1 
ATOM   899  C  CA    . SER A 1 117 ? -13.955 5.319   -8.244  1.00 13.18  ? 117 SER A CA    1 
ATOM   900  C  C     . SER A 1 117 ? -14.318 3.854   -8.004  1.00 14.90  ? 117 SER A C     1 
ATOM   901  O  O     . SER A 1 117 ? -14.220 3.020   -8.918  1.00 17.65  ? 117 SER A O     1 
ATOM   902  C  CB    . SER A 1 117 ? -12.496 5.473   -7.852  1.00 17.20  ? 117 SER A CB    1 
ATOM   903  O  OG    . SER A 1 117 ? -12.144 6.833   -7.770  1.00 34.25  ? 117 SER A OG    1 
ATOM   904  N  N     . LEU A 1 118 ? -14.693 3.527   -6.762  1.00 17.85  ? 118 LEU A N     1 
ATOM   905  C  CA    . LEU A 1 118 ? -15.074 2.148   -6.436  1.00 14.62  ? 118 LEU A CA    1 
ATOM   906  C  C     . LEU A 1 118 ? -16.208 1.763   -7.327  1.00 19.63  ? 118 LEU A C     1 
ATOM   907  O  O     . LEU A 1 118 ? -16.244 0.700   -7.925  1.00 19.13  ? 118 LEU A O     1 
ATOM   908  C  CB    . LEU A 1 118 ? -15.529 1.938   -4.972  1.00 22.01  ? 118 LEU A CB    1 
ATOM   909  C  CG    . LEU A 1 118 ? -14.355 1.924   -3.985  1.00 44.90  ? 118 LEU A CG    1 
ATOM   910  C  CD1   . LEU A 1 118 ? -14.881 2.068   -2.572  1.00 27.09  ? 118 LEU A CD1   1 
ATOM   911  C  CD2   . LEU A 1 118 ? -13.519 0.641   -4.094  1.00 25.33  ? 118 LEU A CD2   1 
ATOM   912  N  N     . ARG A 1 119 ? -17.177 2.625   -7.402  1.00 15.44  ? 119 ARG A N     1 
ATOM   913  C  CA    . ARG A 1 119 ? -18.317 2.260   -8.238  1.00 19.29  ? 119 ARG A CA    1 
ATOM   914  C  C     . ARG A 1 119 ? -17.944 2.034   -9.699  1.00 19.15  ? 119 ARG A C     1 
ATOM   915  O  O     . ARG A 1 119 ? -18.431 1.133   -10.366 1.00 18.72  ? 119 ARG A O     1 
ATOM   916  C  CB    . ARG A 1 119 ? -19.362 3.347   -8.122  1.00 20.80  ? 119 ARG A CB    1 
ATOM   917  C  CG    . ARG A 1 119 ? -20.613 3.011   -8.887  1.00 45.50  ? 119 ARG A CG    1 
ATOM   918  C  CD    . ARG A 1 119 ? -21.620 4.160   -8.835  1.00 100.00 ? 119 ARG A CD    1 
ATOM   919  N  NE    . ARG A 1 119 ? -21.274 5.254   -9.749  1.00 100.00 ? 119 ARG A NE    1 
ATOM   920  C  CZ    . ARG A 1 119 ? -20.935 6.486   -9.359  1.00 100.00 ? 119 ARG A CZ    1 
ATOM   921  N  NH1   . ARG A 1 119 ? -20.925 6.840   -8.064  1.00 100.00 ? 119 ARG A NH1   1 
ATOM   922  N  NH2   . ARG A 1 119 ? -20.626 7.390   -10.298 1.00 100.00 ? 119 ARG A NH2   1 
ATOM   923  N  N     . MET A 1 120 ? -17.068 2.907   -10.207 1.00 18.86  ? 120 MET A N     1 
ATOM   924  C  CA    . MET A 1 120 ? -16.637 2.811   -11.587 1.00 13.68  ? 120 MET A CA    1 
ATOM   925  C  C     . MET A 1 120 ? -15.852 1.537   -11.814 1.00 22.64  ? 120 MET A C     1 
ATOM   926  O  O     . MET A 1 120 ? -15.975 0.860   -12.828 1.00 19.79  ? 120 MET A O     1 
ATOM   927  C  CB    . MET A 1 120 ? -15.758 4.014   -11.993 1.00 19.67  ? 120 MET A CB    1 
ATOM   928  C  CG    . MET A 1 120 ? -16.576 5.259   -12.334 1.00 25.49  ? 120 MET A CG    1 
ATOM   929  S  SD    . MET A 1 120 ? -15.515 6.716   -12.484 1.00 29.50  ? 120 MET A SD    1 
ATOM   930  C  CE    . MET A 1 120 ? -16.588 7.970   -11.750 1.00 30.39  ? 120 MET A CE    1 
ATOM   931  N  N     . LEU A 1 121 ? -15.007 1.193   -10.868 1.00 13.44  ? 121 LEU A N     1 
ATOM   932  C  CA    . LEU A 1 121 ? -14.275 -0.065  -11.055 1.00 17.11  ? 121 LEU A CA    1 
ATOM   933  C  C     . LEU A 1 121 ? -15.264 -1.263  -11.030 1.00 13.90  ? 121 LEU A C     1 
ATOM   934  O  O     . LEU A 1 121 ? -15.154 -2.251  -11.775 1.00 14.92  ? 121 LEU A O     1 
ATOM   935  C  CB    . LEU A 1 121 ? -13.255 -0.218  -9.907  1.00 14.71  ? 121 LEU A CB    1 
ATOM   936  C  CG    . LEU A 1 121 ? -12.036 0.709   -9.989  1.00 18.88  ? 121 LEU A CG    1 
ATOM   937  C  CD1   . LEU A 1 121 ? -11.245 0.613   -8.677  1.00 24.61  ? 121 LEU A CD1   1 
ATOM   938  C  CD2   . LEU A 1 121 ? -11.119 0.285   -11.120 1.00 19.02  ? 121 LEU A CD2   1 
ATOM   939  N  N     . GLN A 1 122 ? -16.216 -1.158  -10.111 1.00 15.33  ? 122 GLN A N     1 
ATOM   940  C  CA    . GLN A 1 122 ? -17.152 -2.213  -10.016 1.00 20.33  ? 122 GLN A CA    1 
ATOM   941  C  C     . GLN A 1 122 ? -17.892 -2.401  -11.340 1.00 30.53  ? 122 GLN A C     1 
ATOM   942  O  O     . GLN A 1 122 ? -18.176 -3.515  -11.782 1.00 20.56  ? 122 GLN A O     1 
ATOM   943  C  CB    . GLN A 1 122 ? -18.092 -2.018  -8.853  1.00 15.62  ? 122 GLN A CB    1 
ATOM   944  C  CG    . GLN A 1 122 ? -19.073 -3.191  -8.883  1.00 37.46  ? 122 GLN A CG    1 
ATOM   945  C  CD    . GLN A 1 122 ? -19.686 -3.517  -7.552  1.00 100.00 ? 122 GLN A CD    1 
ATOM   946  O  OE1   . GLN A 1 122 ? -19.925 -2.614  -6.737  1.00 65.71  ? 122 GLN A OE1   1 
ATOM   947  N  NE2   . GLN A 1 122 ? -19.961 -4.806  -7.329  1.00 100.00 ? 122 GLN A NE2   1 
ATOM   948  N  N     . GLN A 1 123 ? -18.157 -1.303  -12.010 1.00 17.74  ? 123 GLN A N     1 
ATOM   949  C  CA    . GLN A 1 123 ? -18.848 -1.334  -13.282 1.00 18.38  ? 123 GLN A CA    1 
ATOM   950  C  C     . GLN A 1 123 ? -17.932 -1.642  -14.444 1.00 21.78  ? 123 GLN A C     1 
ATOM   951  O  O     . GLN A 1 123 ? -18.431 -1.667  -15.565 1.00 22.61  ? 123 GLN A O     1 
ATOM   952  C  CB    . GLN A 1 123 ? -19.466 0.055   -13.547 1.00 19.69  ? 123 GLN A CB    1 
ATOM   953  C  CG    . GLN A 1 123 ? -20.698 0.333   -12.676 1.00 25.47  ? 123 GLN A CG    1 
ATOM   954  C  CD    . GLN A 1 123 ? -21.465 1.565   -13.163 1.00 28.76  ? 123 GLN A CD    1 
ATOM   955  O  OE1   . GLN A 1 123 ? -22.461 1.428   -13.893 1.00 100.00 ? 123 GLN A OE1   1 
ATOM   956  N  NE2   . GLN A 1 123 ? -20.943 2.763   -12.859 1.00 55.54  ? 123 GLN A NE2   1 
ATOM   957  N  N     . LYS A 1 124 ? -16.589 -1.801  -14.200 1.00 12.86  ? 124 LYS A N     1 
ATOM   958  C  CA    . LYS A 1 124 ? -15.601 -2.100  -15.236 1.00 14.22  ? 124 LYS A CA    1 
ATOM   959  C  C     . LYS A 1 124 ? -15.425 -0.990  -16.271 1.00 18.01  ? 124 LYS A C     1 
ATOM   960  O  O     . LYS A 1 124 ? -15.091 -1.222  -17.441 1.00 17.24  ? 124 LYS A O     1 
ATOM   961  C  CB    . LYS A 1 124 ? -15.717 -3.508  -15.883 1.00 21.49  ? 124 LYS A CB    1 
ATOM   962  C  CG    . LYS A 1 124 ? -15.923 -4.613  -14.826 1.00 18.96  ? 124 LYS A CG    1 
ATOM   963  C  CD    . LYS A 1 124 ? -15.550 -6.012  -15.316 1.00 19.41  ? 124 LYS A CD    1 
ATOM   964  C  CE    . LYS A 1 124 ? -15.569 -7.043  -14.172 1.00 19.56  ? 124 LYS A CE    1 
ATOM   965  N  NZ    . LYS A 1 124 ? -14.401 -6.967  -13.308 1.00 31.35  ? 124 LYS A NZ    1 
ATOM   966  N  N     . ARG A 1 125 ? -15.643 0.229   -15.829 1.00 14.81  ? 125 ARG A N     1 
ATOM   967  C  CA    . ARG A 1 125 ? -15.439 1.394   -16.711 1.00 11.83  ? 125 ARG A CA    1 
ATOM   968  C  C     . ARG A 1 125 ? -14.029 1.894   -16.441 1.00 14.53  ? 125 ARG A C     1 
ATOM   969  O  O     . ARG A 1 125 ? -13.783 2.859   -15.694 1.00 18.56  ? 125 ARG A O     1 
ATOM   970  C  CB    . ARG A 1 125 ? -16.505 2.424   -16.359 1.00 20.10  ? 125 ARG A CB    1 
ATOM   971  C  CG    . ARG A 1 125 ? -17.935 1.949   -16.679 1.00 22.66  ? 125 ARG A CG    1 
ATOM   972  C  CD    . ARG A 1 125 ? -18.917 2.764   -15.854 1.00 29.94  ? 125 ARG A CD    1 
ATOM   973  N  NE    . ARG A 1 125 ? -20.054 3.398   -16.526 1.00 75.76  ? 125 ARG A NE    1 
ATOM   974  C  CZ    . ARG A 1 125 ? -21.233 2.810   -16.779 1.00 100.00 ? 125 ARG A CZ    1 
ATOM   975  N  NH1   . ARG A 1 125 ? -21.482 1.506   -16.524 1.00 88.19  ? 125 ARG A NH1   1 
ATOM   976  N  NH2   . ARG A 1 125 ? -22.169 3.525   -17.357 1.00 100.00 ? 125 ARG A NH2   1 
ATOM   977  N  N     . TRP A 1 126 ? -13.089 1.172   -17.006 1.00 18.92  ? 126 TRP A N     1 
ATOM   978  C  CA    . TRP A 1 126 ? -11.697 1.418   -16.729 1.00 19.62  ? 126 TRP A CA    1 
ATOM   979  C  C     . TRP A 1 126 ? -11.151 2.803   -16.977 1.00 29.34  ? 126 TRP A C     1 
ATOM   980  O  O     . TRP A 1 126 ? -10.443 3.355   -16.142 1.00 16.60  ? 126 TRP A O     1 
ATOM   981  C  CB    . TRP A 1 126 ? -10.800 0.306   -17.266 1.00 10.56  ? 126 TRP A CB    1 
ATOM   982  C  CG    . TRP A 1 126 ? -11.317 -1.099  -17.107 1.00 16.19  ? 126 TRP A CG    1 
ATOM   983  C  CD1   . TRP A 1 126 ? -11.557 -1.960  -18.126 1.00 13.38  ? 126 TRP A CD1   1 
ATOM   984  C  CD2   . TRP A 1 126 ? -11.638 -1.820  -15.909 1.00 18.23  ? 126 TRP A CD2   1 
ATOM   985  N  NE1   . TRP A 1 126 ? -11.970 -3.178  -17.657 1.00 13.99  ? 126 TRP A NE1   1 
ATOM   986  C  CE2   . TRP A 1 126 ? -12.026 -3.128  -16.306 1.00 15.48  ? 126 TRP A CE2   1 
ATOM   987  C  CE3   . TRP A 1 126 ? -11.567 -1.521  -14.544 1.00 16.06  ? 126 TRP A CE3   1 
ATOM   988  C  CZ2   . TRP A 1 126 ? -12.350 -4.111  -15.400 1.00 15.62  ? 126 TRP A CZ2   1 
ATOM   989  C  CZ3   . TRP A 1 126 ? -11.921 -2.493  -13.630 1.00 17.02  ? 126 TRP A CZ3   1 
ATOM   990  C  CH2   . TRP A 1 126 ? -12.308 -3.780  -14.060 1.00 16.27  ? 126 TRP A CH2   1 
ATOM   991  N  N     . ASP A 1 127 ? -11.399 3.358   -18.138 1.00 16.55  ? 127 ASP A N     1 
ATOM   992  C  CA    . ASP A 1 127 ? -10.851 4.679   -18.427 1.00 13.52  ? 127 ASP A CA    1 
ATOM   993  C  C     . ASP A 1 127 ? -11.423 5.752   -17.541 1.00 12.26  ? 127 ASP A C     1 
ATOM   994  O  O     . ASP A 1 127 ? -10.739 6.638   -17.035 1.00 23.04  ? 127 ASP A O     1 
ATOM   995  C  CB    . ASP A 1 127 ? -11.151 5.003   -19.888 1.00 19.79  ? 127 ASP A CB    1 
ATOM   996  C  CG    . ASP A 1 127 ? -10.172 4.317   -20.828 1.00 33.74  ? 127 ASP A CG    1 
ATOM   997  O  OD1   . ASP A 1 127 ? -9.583  3.296   -20.555 1.00 43.00  ? 127 ASP A OD1   1 
ATOM   998  O  OD2   . ASP A 1 127 ? -9.953  4.964   -21.940 1.00 58.52  ? 127 ASP A OD2   1 
ATOM   999  N  N     . GLU A 1 128 ? -12.726 5.639   -17.302 1.00 13.53  ? 128 GLU A N     1 
ATOM   1000 C  CA    . GLU A 1 128 ? -13.345 6.586   -16.442 1.00 18.68  ? 128 GLU A CA    1 
ATOM   1001 C  C     . GLU A 1 128 ? -12.799 6.508   -15.033 1.00 22.71  ? 128 GLU A C     1 
ATOM   1002 O  O     . GLU A 1 128 ? -12.526 7.521   -14.402 1.00 18.12  ? 128 GLU A O     1 
ATOM   1003 C  CB    . GLU A 1 128 ? -14.856 6.391   -16.459 1.00 27.01  ? 128 GLU A CB    1 
ATOM   1004 C  CG    . GLU A 1 128 ? -15.469 6.841   -17.808 1.00 37.61  ? 128 GLU A CG    1 
ATOM   1005 C  CD    . GLU A 1 128 ? -16.759 6.161   -18.228 1.00 100.00 ? 128 GLU A CD    1 
ATOM   1006 O  OE1   . GLU A 1 128 ? -17.716 6.237   -17.327 1.00 86.93  ? 128 GLU A OE1   1 
ATOM   1007 O  OE2   . GLU A 1 128 ? -16.909 5.658   -19.330 1.00 85.72  ? 128 GLU A OE2   1 
ATOM   1008 N  N     . ALA A 1 129 ? -12.637 5.289   -14.539 1.00 16.36  ? 129 ALA A N     1 
ATOM   1009 C  CA    . ALA A 1 129 ? -12.099 5.147   -13.196 1.00 12.01  ? 129 ALA A CA    1 
ATOM   1010 C  C     . ALA A 1 129 ? -10.711 5.771   -13.114 1.00 12.14  ? 129 ALA A C     1 
ATOM   1011 O  O     . ALA A 1 129 ? -10.342 6.431   -12.120 1.00 15.79  ? 129 ALA A O     1 
ATOM   1012 C  CB    . ALA A 1 129 ? -11.979 3.665   -12.857 1.00 11.59  ? 129 ALA A CB    1 
ATOM   1013 N  N     . ALA A 1 130 ? -9.938  5.521   -14.181 1.00 14.72  ? 130 ALA A N     1 
ATOM   1014 C  CA    . ALA A 1 130 ? -8.579  6.022   -14.247 1.00 13.47  ? 130 ALA A CA    1 
ATOM   1015 C  C     . ALA A 1 130 ? -8.585  7.525   -14.151 1.00 21.31  ? 130 ALA A C     1 
ATOM   1016 O  O     . ALA A 1 130 ? -7.781  8.139   -13.472 1.00 19.86  ? 130 ALA A O     1 
ATOM   1017 C  CB    . ALA A 1 130 ? -7.897  5.557   -15.514 1.00 13.07  ? 130 ALA A CB    1 
ATOM   1018 N  N     . VAL A 1 131 ? -9.503  8.137   -14.852 1.00 17.72  ? 131 VAL A N     1 
ATOM   1019 C  CA    . VAL A 1 131 ? -9.587  9.567   -14.755 1.00 15.62  ? 131 VAL A CA    1 
ATOM   1020 C  C     . VAL A 1 131 ? -10.006 9.997   -13.348 1.00 22.20  ? 131 VAL A C     1 
ATOM   1021 O  O     . VAL A 1 131 ? -9.461  10.889  -12.763 1.00 17.88  ? 131 VAL A O     1 
ATOM   1022 C  CB    . VAL A 1 131 ? -10.579 10.089  -15.801 1.00 22.73  ? 131 VAL A CB    1 
ATOM   1023 C  CG1   . VAL A 1 131 ? -10.970 11.519  -15.511 1.00 21.82  ? 131 VAL A CG1   1 
ATOM   1024 C  CG2   . VAL A 1 131 ? -9.900  10.097  -17.150 1.00 20.14  ? 131 VAL A CG2   1 
ATOM   1025 N  N     . ASN A 1 132 ? -10.996 9.362   -12.784 1.00 18.34  ? 132 ASN A N     1 
ATOM   1026 C  CA    . ASN A 1 132 ? -11.445 9.743   -11.463 1.00 11.62  ? 132 ASN A CA    1 
ATOM   1027 C  C     . ASN A 1 132 ? -10.360 9.516   -10.411 1.00 19.67  ? 132 ASN A C     1 
ATOM   1028 O  O     . ASN A 1 132 ? -10.158 10.302  -9.507  1.00 14.88  ? 132 ASN A O     1 
ATOM   1029 C  CB    . ASN A 1 132 ? -12.705 8.939   -11.073 1.00 13.09  ? 132 ASN A CB    1 
ATOM   1030 C  CG    . ASN A 1 132 ? -13.338 9.401   -9.772  1.00 19.01  ? 132 ASN A CG    1 
ATOM   1031 O  OD1   . ASN A 1 132 ? -13.086 8.907   -8.653  1.00 20.04  ? 132 ASN A OD1   1 
ATOM   1032 N  ND2   . ASN A 1 132 ? -14.088 10.463  -9.883  1.00 18.42  ? 132 ASN A ND2   1 
ATOM   1033 N  N     . LEU A 1 133 ? -9.633  8.434   -10.515 1.00 13.01  ? 133 LEU A N     1 
ATOM   1034 C  CA    . LEU A 1 133 ? -8.610  8.206   -9.475  1.00 13.36  ? 133 LEU A CA    1 
ATOM   1035 C  C     . LEU A 1 133 ? -7.530  9.308   -9.422  1.00 18.39  ? 133 LEU A C     1 
ATOM   1036 O  O     . LEU A 1 133 ? -6.947  9.568   -8.361  1.00 21.25  ? 133 LEU A O     1 
ATOM   1037 C  CB    . LEU A 1 133 ? -7.878  6.843   -9.702  1.00 16.46  ? 133 LEU A CB    1 
ATOM   1038 C  CG    . LEU A 1 133 ? -8.699  5.599   -9.320  1.00 17.53  ? 133 LEU A CG    1 
ATOM   1039 C  CD1   . LEU A 1 133 ? -8.085  4.332   -9.941  1.00 17.11  ? 133 LEU A CD1   1 
ATOM   1040 C  CD2   . LEU A 1 133 ? -8.804  5.458   -7.800  1.00 20.24  ? 133 LEU A CD2   1 
ATOM   1041 N  N     . ALA A 1 134 ? -7.193  9.905   -10.581 1.00 14.93  ? 134 ALA A N     1 
ATOM   1042 C  CA    . ALA A 1 134 ? -6.157  10.962  -10.686 1.00 17.12  ? 134 ALA A CA    1 
ATOM   1043 C  C     . ALA A 1 134 ? -6.527  12.283  -9.989  1.00 18.68  ? 134 ALA A C     1 
ATOM   1044 O  O     . ALA A 1 134 ? -5.651  13.114  -9.687  1.00 18.61  ? 134 ALA A O     1 
ATOM   1045 C  CB    . ALA A 1 134 ? -5.711  11.161  -12.130 1.00 17.40  ? 134 ALA A CB    1 
ATOM   1046 N  N     . LYS A 1 135 ? -7.832  12.471  -9.720  1.00 13.73  ? 135 LYS A N     1 
ATOM   1047 C  CA    . LYS A 1 135 ? -8.295  13.669  -9.018  1.00 18.19  ? 135 LYS A CA    1 
ATOM   1048 C  C     . LYS A 1 135 ? -8.265  13.432  -7.527  1.00 13.56  ? 135 LYS A C     1 
ATOM   1049 O  O     . LYS A 1 135 ? -9.298  13.249  -6.873  1.00 19.91  ? 135 LYS A O     1 
ATOM   1050 C  CB    . LYS A 1 135 ? -9.701  14.013  -9.430  1.00 20.83  ? 135 LYS A CB    1 
ATOM   1051 C  CG    . LYS A 1 135 ? -9.810  14.144  -10.935 1.00 17.56  ? 135 LYS A CG    1 
ATOM   1052 C  CD    . LYS A 1 135 ? -11.223 14.586  -11.232 1.00 35.36  ? 135 LYS A CD    1 
ATOM   1053 C  CE    . LYS A 1 135 ? -11.516 14.741  -12.708 1.00 96.65  ? 135 LYS A CE    1 
ATOM   1054 N  NZ    . LYS A 1 135 ? -12.956 14.902  -12.962 1.00 64.54  ? 135 LYS A NZ    1 
ATOM   1055 N  N     . SER A 1 136 ? -7.063  13.315  -7.011  1.00 12.80  ? 136 SER A N     1 
ATOM   1056 C  CA    . SER A 1 136 ? -6.938  12.964  -5.627  1.00 15.82  ? 136 SER A CA    1 
ATOM   1057 C  C     . SER A 1 136 ? -5.658  13.525  -5.061  1.00 16.15  ? 136 SER A C     1 
ATOM   1058 O  O     . SER A 1 136 ? -4.663  13.788  -5.770  1.00 15.12  ? 136 SER A O     1 
ATOM   1059 C  CB    . SER A 1 136 ? -6.966  11.424  -5.491  1.00 14.80  ? 136 SER A CB    1 
ATOM   1060 O  OG    . SER A 1 136 ? -5.844  10.875  -6.206  1.00 14.90  ? 136 SER A OG    1 
ATOM   1061 N  N     . ARG A 1 137 ? -5.670  13.693  -3.761  1.00 11.49  ? 137 ARG A N     1 
ATOM   1062 C  CA    . ARG A 1 137 ? -4.446  14.154  -3.159  1.00 13.36  ? 137 ARG A CA    1 
ATOM   1063 C  C     . ARG A 1 137 ? -3.339  13.120  -3.400  1.00 16.96  ? 137 ARG A C     1 
ATOM   1064 O  O     . ARG A 1 137 ? -2.184  13.437  -3.669  1.00 15.18  ? 137 ARG A O     1 
ATOM   1065 C  CB    . ARG A 1 137 ? -4.685  14.261  -1.666  1.00 16.34  ? 137 ARG A CB    1 
ATOM   1066 C  CG    . ARG A 1 137 ? -3.368  14.576  -0.985  1.00 14.06  ? 137 ARG A CG    1 
ATOM   1067 C  CD    . ARG A 1 137 ? -3.492  14.617  0.518   1.00 19.20  ? 137 ARG A CD    1 
ATOM   1068 N  NE    . ARG A 1 137 ? -2.277  15.137  1.135   1.00 31.99  ? 137 ARG A NE    1 
ATOM   1069 C  CZ    . ARG A 1 137 ? -1.262  14.378  1.544   1.00 100.00 ? 137 ARG A CZ    1 
ATOM   1070 N  NH1   . ARG A 1 137 ? -1.288  13.066  1.438   1.00 28.81  ? 137 ARG A NH1   1 
ATOM   1071 N  NH2   . ARG A 1 137 ? -0.188  14.940  2.086   1.00 40.45  ? 137 ARG A NH2   1 
ATOM   1072 N  N     . TRP A 1 138 ? -3.737  11.836  -3.315  1.00 16.30  ? 138 TRP A N     1 
ATOM   1073 C  CA    . TRP A 1 138 ? -2.830  10.678  -3.511  1.00 14.83  ? 138 TRP A CA    1 
ATOM   1074 C  C     . TRP A 1 138 ? -2.018  10.830  -4.766  1.00 15.31  ? 138 TRP A C     1 
ATOM   1075 O  O     . TRP A 1 138 ? -0.766  10.780  -4.800  1.00 16.79  ? 138 TRP A O     1 
ATOM   1076 C  CB    . TRP A 1 138 ? -3.711  9.436   -3.660  1.00 18.98  ? 138 TRP A CB    1 
ATOM   1077 C  CG    . TRP A 1 138 ? -3.000  8.195   -4.148  1.00 20.97  ? 138 TRP A CG    1 
ATOM   1078 C  CD1   . TRP A 1 138 ? -1.969  7.549   -3.515  1.00 19.75  ? 138 TRP A CD1   1 
ATOM   1079 C  CD2   . TRP A 1 138 ? -3.395  7.351   -5.259  1.00 9.64   ? 138 TRP A CD2   1 
ATOM   1080 N  NE1   . TRP A 1 138 ? -1.626  6.408   -4.225  1.00 14.37  ? 138 TRP A NE1   1 
ATOM   1081 C  CE2   . TRP A 1 138 ? -2.512  6.234   -5.274  1.00 13.77  ? 138 TRP A CE2   1 
ATOM   1082 C  CE3   . TRP A 1 138 ? -4.393  7.451   -6.227  1.00 11.97  ? 138 TRP A CE3   1 
ATOM   1083 C  CZ2   . TRP A 1 138 ? -2.604  5.204   -6.226  1.00 13.99  ? 138 TRP A CZ2   1 
ATOM   1084 C  CZ3   . TRP A 1 138 ? -4.472  6.456   -7.196  1.00 17.64  ? 138 TRP A CZ3   1 
ATOM   1085 C  CH2   . TRP A 1 138 ? -3.611  5.331   -7.166  1.00 20.42  ? 138 TRP A CH2   1 
ATOM   1086 N  N     . TYR A 1 139 ? -2.761  11.129  -5.828  1.00 14.63  ? 139 TYR A N     1 
ATOM   1087 C  CA    . TYR A 1 139 ? -2.110  11.297  -7.108  1.00 11.48  ? 139 TYR A CA    1 
ATOM   1088 C  C     . TYR A 1 139 ? -1.177  12.488  -7.131  1.00 26.85  ? 139 TYR A C     1 
ATOM   1089 O  O     . TYR A 1 139 ? -0.101  12.440  -7.750  1.00 17.73  ? 139 TYR A O     1 
ATOM   1090 C  CB    . TYR A 1 139 ? -3.180  11.520  -8.181  1.00 11.46  ? 139 TYR A CB    1 
ATOM   1091 C  CG    . TYR A 1 139 ? -2.587  11.686  -9.535  1.00 16.29  ? 139 TYR A CG    1 
ATOM   1092 C  CD1   . TYR A 1 139 ? -2.267  10.559  -10.288 1.00 17.43  ? 139 TYR A CD1   1 
ATOM   1093 C  CD2   . TYR A 1 139 ? -2.389  12.957  -10.077 1.00 21.94  ? 139 TYR A CD2   1 
ATOM   1094 C  CE1   . TYR A 1 139 ? -1.730  10.680  -11.565 1.00 26.11  ? 139 TYR A CE1   1 
ATOM   1095 C  CE2   . TYR A 1 139 ? -1.888  13.096  -11.370 1.00 37.96  ? 139 TYR A CE2   1 
ATOM   1096 C  CZ    . TYR A 1 139 ? -1.553  11.955  -12.103 1.00 86.96  ? 139 TYR A CZ    1 
ATOM   1097 O  OH    . TYR A 1 139 ? -1.059  12.077  -13.373 1.00 69.99  ? 139 TYR A OH    1 
ATOM   1098 N  N     . ASN A 1 140 ? -1.631  13.601  -6.523  1.00 18.53  ? 140 ASN A N     1 
ATOM   1099 C  CA    . ASN A 1 140 ? -0.810  14.838  -6.520  1.00 14.14  ? 140 ASN A CA    1 
ATOM   1100 C  C     . ASN A 1 140 ? 0.434   14.724  -5.645  1.00 17.27  ? 140 ASN A C     1 
ATOM   1101 O  O     . ASN A 1 140 ? 1.475   15.292  -5.935  1.00 20.26  ? 140 ASN A O     1 
ATOM   1102 C  CB    . ASN A 1 140 ? -1.649  16.083  -6.152  1.00 24.93  ? 140 ASN A CB    1 
ATOM   1103 C  CG    . ASN A 1 140 ? -2.572  16.465  -7.295  1.00 30.15  ? 140 ASN A CG    1 
ATOM   1104 O  OD1   . ASN A 1 140 ? -3.782  16.221  -7.242  1.00 29.82  ? 140 ASN A OD1   1 
ATOM   1105 N  ND2   . ASN A 1 140 ? -1.989  16.948  -8.380  1.00 20.01  ? 140 ASN A ND2   1 
ATOM   1106 N  N     . GLN A 1 141 ? 0.358   13.932  -4.591  1.00 14.10  ? 141 GLN A N     1 
ATOM   1107 C  CA    . GLN A 1 141 ? 1.510   13.777  -3.718  1.00 17.49  ? 141 GLN A CA    1 
ATOM   1108 C  C     . GLN A 1 141 ? 2.524   12.733  -4.191  1.00 20.91  ? 141 GLN A C     1 
ATOM   1109 O  O     . GLN A 1 141 ? 3.719   12.915  -3.990  1.00 21.81  ? 141 GLN A O     1 
ATOM   1110 C  CB    . GLN A 1 141 ? 1.060   13.390  -2.295  1.00 16.99  ? 141 GLN A CB    1 
ATOM   1111 C  CG    . GLN A 1 141 ? 0.277   14.540  -1.651  1.00 43.43  ? 141 GLN A CG    1 
ATOM   1112 C  CD    . GLN A 1 141 ? 0.976   15.895  -1.711  1.00 52.02  ? 141 GLN A CD    1 
ATOM   1113 O  OE1   . GLN A 1 141 ? 0.421   16.934  -2.179  1.00 27.56  ? 141 GLN A OE1   1 
ATOM   1114 N  NE2   . GLN A 1 141 ? 2.176   15.892  -1.151  1.00 23.27  ? 141 GLN A NE2   1 
ATOM   1115 N  N     . THR A 1 142 ? 2.059   11.611  -4.751  1.00 14.33  ? 142 THR A N     1 
ATOM   1116 C  CA    . THR A 1 142 ? 2.948   10.583  -5.209  1.00 10.84  ? 142 THR A CA    1 
ATOM   1117 C  C     . THR A 1 142 ? 2.505   10.220  -6.588  1.00 16.79  ? 142 THR A C     1 
ATOM   1118 O  O     . THR A 1 142 ? 1.959   9.166   -6.861  1.00 16.92  ? 142 THR A O     1 
ATOM   1119 C  CB    . THR A 1 142 ? 2.909   9.323   -4.260  1.00 18.52  ? 142 THR A CB    1 
ATOM   1120 O  OG1   . THR A 1 142 ? 1.573   8.840   -4.021  1.00 15.53  ? 142 THR A OG1   1 
ATOM   1121 C  CG2   . THR A 1 142 ? 3.549   9.669   -2.908  1.00 16.42  ? 142 THR A CG2   1 
ATOM   1122 N  N     . PRO A 1 143 ? 2.755   11.098  -7.488  1.00 16.69  ? 143 PRO A N     1 
ATOM   1123 C  CA    . PRO A 1 143 ? 2.323   10.905  -8.856  1.00 12.79  ? 143 PRO A CA    1 
ATOM   1124 C  C     . PRO A 1 143 ? 2.912   9.705   -9.617  1.00 14.16  ? 143 PRO A C     1 
ATOM   1125 O  O     . PRO A 1 143 ? 2.211   9.091   -10.410 1.00 16.72  ? 143 PRO A O     1 
ATOM   1126 C  CB    . PRO A 1 143 ? 2.771   12.182  -9.581  1.00 18.24  ? 143 PRO A CB    1 
ATOM   1127 C  CG    . PRO A 1 143 ? 3.761   12.908  -8.668  1.00 14.82  ? 143 PRO A CG    1 
ATOM   1128 C  CD    . PRO A 1 143 ? 3.570   12.326  -7.277  1.00 16.79  ? 143 PRO A CD    1 
ATOM   1129 N  N     . ASN A 1 144 ? 4.212   9.393   -9.482  1.00 12.69  ? 144 ASN A N     1 
ATOM   1130 C  CA    . ASN A 1 144 ? 4.787   8.268   -10.260 1.00 17.58  ? 144 ASN A CA    1 
ATOM   1131 C  C     . ASN A 1 144 ? 4.232   6.913   -9.840  1.00 16.41  ? 144 ASN A C     1 
ATOM   1132 O  O     . ASN A 1 144 ? 3.882   6.051   -10.654 1.00 14.46  ? 144 ASN A O     1 
ATOM   1133 C  CB    . ASN A 1 144 ? 6.306   8.246   -10.139 1.00 18.06  ? 144 ASN A CB    1 
ATOM   1134 C  CG    . ASN A 1 144 ? 6.945   9.406   -10.893 1.00 28.63  ? 144 ASN A CG    1 
ATOM   1135 O  OD1   . ASN A 1 144 ? 6.611   9.700   -12.028 1.00 44.93  ? 144 ASN A OD1   1 
ATOM   1136 N  ND2   . ASN A 1 144 ? 7.842   10.095  -10.254 1.00 41.85  ? 144 ASN A ND2   1 
ATOM   1137 N  N     . ARG A 1 145 ? 4.089   6.776   -8.526  1.00 13.51  ? 145 ARG A N     1 
ATOM   1138 C  CA    . ARG A 1 145 ? 3.493   5.574   -7.982  1.00 11.89  ? 145 ARG A CA    1 
ATOM   1139 C  C     . ARG A 1 145 ? 2.007   5.491   -8.386  1.00 17.43  ? 145 ARG A C     1 
ATOM   1140 O  O     . ARG A 1 145 ? 1.513   4.449   -8.823  1.00 17.06  ? 145 ARG A O     1 
ATOM   1141 C  CB    . ARG A 1 145 ? 3.593   5.535   -6.472  1.00 13.98  ? 145 ARG A CB    1 
ATOM   1142 C  CG    . ARG A 1 145 ? 3.079   4.196   -5.945  1.00 17.95  ? 145 ARG A CG    1 
ATOM   1143 C  CD    . ARG A 1 145 ? 2.999   4.185   -4.464  1.00 27.80  ? 145 ARG A CD    1 
ATOM   1144 N  NE    . ARG A 1 145 ? 2.518   2.916   -3.958  1.00 19.58  ? 145 ARG A NE    1 
ATOM   1145 C  CZ    . ARG A 1 145 ? 2.936   2.478   -2.791  1.00 19.13  ? 145 ARG A CZ    1 
ATOM   1146 N  NH1   . ARG A 1 145 ? 3.847   3.158   -2.138  1.00 18.58  ? 145 ARG A NH1   1 
ATOM   1147 N  NH2   . ARG A 1 145 ? 2.454   1.346   -2.280  1.00 14.87  ? 145 ARG A NH2   1 
ATOM   1148 N  N     . ALA A 1 146 ? 1.267   6.603   -8.226  1.00 17.53  ? 146 ALA A N     1 
ATOM   1149 C  CA    . ALA A 1 146 ? -0.160  6.619   -8.556  1.00 15.27  ? 146 ALA A CA    1 
ATOM   1150 C  C     . ALA A 1 146 ? -0.346  6.287   -10.022 1.00 15.15  ? 146 ALA A C     1 
ATOM   1151 O  O     . ALA A 1 146 ? -1.244  5.518   -10.372 1.00 13.96  ? 146 ALA A O     1 
ATOM   1152 C  CB    . ALA A 1 146 ? -0.831  7.924   -8.174  1.00 14.38  ? 146 ALA A CB    1 
ATOM   1153 N  N     . LYS A 1 147 ? 0.485   6.849   -10.897 1.00 15.53  ? 147 LYS A N     1 
ATOM   1154 C  CA    . LYS A 1 147 ? 0.361   6.504   -12.323 1.00 19.19  ? 147 LYS A CA    1 
ATOM   1155 C  C     . LYS A 1 147 ? 0.541   5.015   -12.581 1.00 21.04  ? 147 LYS A C     1 
ATOM   1156 O  O     . LYS A 1 147 ? -0.154  4.417   -13.432 1.00 15.17  ? 147 LYS A O     1 
ATOM   1157 C  CB    . LYS A 1 147 ? 1.344   7.232   -13.236 1.00 15.73  ? 147 LYS A CB    1 
ATOM   1158 C  CG    . LYS A 1 147 ? 1.089   8.726   -13.170 1.00 31.15  ? 147 LYS A CG    1 
ATOM   1159 C  CD    . LYS A 1 147 ? 2.115   9.556   -13.932 1.00 44.11  ? 147 LYS A CD    1 
ATOM   1160 C  CE    . LYS A 1 147 ? 2.066   11.031  -13.563 1.00 37.97  ? 147 LYS A CE    1 
ATOM   1161 N  NZ    . LYS A 1 147 ? 1.848   11.915  -14.719 1.00 100.00 ? 147 LYS A NZ    1 
ATOM   1162 N  N     . ARG A 1 148 ? 1.489   4.381   -11.853 1.00 15.80  ? 148 ARG A N     1 
ATOM   1163 C  CA    . ARG A 1 148 ? 1.679   2.933   -12.097 1.00 16.39  ? 148 ARG A CA    1 
ATOM   1164 C  C     . ARG A 1 148 ? 0.461   2.138   -11.693 1.00 12.08  ? 148 ARG A C     1 
ATOM   1165 O  O     . ARG A 1 148 ? 0.075   1.224   -12.402 1.00 16.02  ? 148 ARG A O     1 
ATOM   1166 C  CB    . ARG A 1 148 ? 2.882   2.317   -11.383 1.00 13.06  ? 148 ARG A CB    1 
ATOM   1167 C  CG    . ARG A 1 148 ? 4.212   2.832   -11.913 1.00 10.32  ? 148 ARG A CG    1 
ATOM   1168 C  CD    . ARG A 1 148 ? 5.371   2.052   -11.307 1.00 16.92  ? 148 ARG A CD    1 
ATOM   1169 N  NE    . ARG A 1 148 ? 5.628   2.404   -9.894  1.00 14.71  ? 148 ARG A NE    1 
ATOM   1170 C  CZ    . ARG A 1 148 ? 6.400   3.435   -9.471  1.00 29.52  ? 148 ARG A CZ    1 
ATOM   1171 N  NH1   . ARG A 1 148 ? 7.001   4.239   -10.366 1.00 15.95  ? 148 ARG A NH1   1 
ATOM   1172 N  NH2   . ARG A 1 148 ? 6.589   3.686   -8.172  1.00 15.67  ? 148 ARG A NH2   1 
ATOM   1173 N  N     . VAL A 1 149 ? -0.129  2.513   -10.539 1.00 12.29  ? 149 VAL A N     1 
ATOM   1174 C  CA    . VAL A 1 149 ? -1.285  1.760   -10.019 1.00 9.50   ? 149 VAL A CA    1 
ATOM   1175 C  C     . VAL A 1 149 ? -2.497  2.033   -10.894 1.00 14.92  ? 149 VAL A C     1 
ATOM   1176 O  O     . VAL A 1 149 ? -3.258  1.135   -11.237 1.00 15.56  ? 149 VAL A O     1 
ATOM   1177 C  CB    . VAL A 1 149 ? -1.558  2.156   -8.571  1.00 16.08  ? 149 VAL A CB    1 
ATOM   1178 C  CG1   . VAL A 1 149 ? -2.907  1.632   -8.068  1.00 11.72  ? 149 VAL A CG1   1 
ATOM   1179 C  CG2   . VAL A 1 149 ? -0.386  1.696   -7.708  1.00 17.88  ? 149 VAL A CG2   1 
ATOM   1180 N  N     . ILE A 1 150 ? -2.635  3.287   -11.296 1.00 14.19  ? 150 ILE A N     1 
ATOM   1181 C  CA    . ILE A 1 150 ? -3.718  3.668   -12.175 1.00 14.00  ? 150 ILE A CA    1 
ATOM   1182 C  C     . ILE A 1 150 ? -3.638  2.941   -13.521 1.00 15.88  ? 150 ILE A C     1 
ATOM   1183 O  O     . ILE A 1 150 ? -4.644  2.491   -14.051 1.00 16.50  ? 150 ILE A O     1 
ATOM   1184 C  CB    . ILE A 1 150 ? -3.774  5.184   -12.423 1.00 13.78  ? 150 ILE A CB    1 
ATOM   1185 C  CG1   . ILE A 1 150 ? -4.316  5.885   -11.167 1.00 16.48  ? 150 ILE A CG1   1 
ATOM   1186 C  CG2   . ILE A 1 150 ? -4.695  5.418   -13.631 1.00 18.77  ? 150 ILE A CG2   1 
ATOM   1187 C  CD1   . ILE A 1 150 ? -4.183  7.396   -11.237 1.00 17.04  ? 150 ILE A CD1   1 
ATOM   1188 N  N     . THR A 1 151 ? -2.455  2.875   -14.132 1.00 12.83  ? 151 THR A N     1 
ATOM   1189 C  CA    . THR A 1 151 ? -2.333  2.161   -15.420 1.00 21.15  ? 151 THR A CA    1 
ATOM   1190 C  C     . THR A 1 151 ? -2.704  0.690   -15.273 1.00 18.57  ? 151 THR A C     1 
ATOM   1191 O  O     . THR A 1 151 ? -3.224  0.041   -16.160 1.00 14.74  ? 151 THR A O     1 
ATOM   1192 C  CB    . THR A 1 151 ? -0.864  2.219   -15.817 1.00 21.69  ? 151 THR A CB    1 
ATOM   1193 O  OG1   . THR A 1 151 ? -0.601  3.537   -16.188 1.00 25.17  ? 151 THR A OG1   1 
ATOM   1194 C  CG2   . THR A 1 151 ? -0.573  1.301   -17.000 1.00 24.69  ? 151 THR A CG2   1 
ATOM   1195 N  N     . THR A 1 152 ? -2.378  0.168   -14.110 1.00 13.71  ? 152 THR A N     1 
ATOM   1196 C  CA    . THR A 1 152 ? -2.668  -1.204  -13.776 1.00 17.64  ? 152 THR A CA    1 
ATOM   1197 C  C     . THR A 1 152 ? -4.202  -1.413  -13.749 1.00 17.22  ? 152 THR A C     1 
ATOM   1198 O  O     . THR A 1 152 ? -4.741  -2.388  -14.280 1.00 17.01  ? 152 THR A O     1 
ATOM   1199 C  CB    . THR A 1 152 ? -1.981  -1.588  -12.407 1.00 14.91  ? 152 THR A CB    1 
ATOM   1200 O  OG1   . THR A 1 152 ? -0.580  -1.361  -12.495 1.00 12.93  ? 152 THR A OG1   1 
ATOM   1201 C  CG2   . THR A 1 152 ? -2.189  -3.067  -12.084 1.00 14.54  ? 152 THR A CG2   1 
ATOM   1202 N  N     . PHE A 1 153 ? -4.926  -0.503  -13.108 1.00 9.79   ? 153 PHE A N     1 
ATOM   1203 C  CA    . PHE A 1 153 ? -6.378  -0.685  -13.092 1.00 16.85  ? 153 PHE A CA    1 
ATOM   1204 C  C     . PHE A 1 153 ? -6.965  -0.464  -14.479 1.00 19.48  ? 153 PHE A C     1 
ATOM   1205 O  O     . PHE A 1 153 ? -7.965  -1.070  -14.872 1.00 17.35  ? 153 PHE A O     1 
ATOM   1206 C  CB    . PHE A 1 153 ? -7.040  0.339   -12.164 1.00 11.95  ? 153 PHE A CB    1 
ATOM   1207 C  CG    . PHE A 1 153 ? -7.070  0.033   -10.677 1.00 16.55  ? 153 PHE A CG    1 
ATOM   1208 C  CD1   . PHE A 1 153 ? -7.740  -1.090  -10.181 1.00 20.04  ? 153 PHE A CD1   1 
ATOM   1209 C  CD2   . PHE A 1 153 ? -6.519  0.917   -9.742  1.00 15.58  ? 153 PHE A CD2   1 
ATOM   1210 C  CE1   . PHE A 1 153 ? -7.849  -1.341  -8.805  1.00 14.89  ? 153 PHE A CE1   1 
ATOM   1211 C  CE2   . PHE A 1 153 ? -6.610  0.678   -8.362  1.00 14.88  ? 153 PHE A CE2   1 
ATOM   1212 C  CZ    . PHE A 1 153 ? -7.267  -0.465  -7.891  1.00 14.45  ? 153 PHE A CZ    1 
ATOM   1213 N  N     . ARG A 1 154 ? -6.372  0.491   -15.197 1.00 18.02  ? 154 ARG A N     1 
ATOM   1214 C  CA    . ARG A 1 154 ? -6.829  0.828   -16.543 1.00 15.53  ? 154 ARG A CA    1 
ATOM   1215 C  C     . ARG A 1 154 ? -6.632  -0.306  -17.512 1.00 20.22  ? 154 ARG A C     1 
ATOM   1216 O  O     . ARG A 1 154 ? -7.502  -0.579  -18.342 1.00 23.78  ? 154 ARG A O     1 
ATOM   1217 C  CB    . ARG A 1 154 ? -6.084  2.007   -17.155 1.00 18.00  ? 154 ARG A CB    1 
ATOM   1218 C  CG    . ARG A 1 154 ? -6.966  2.691   -18.198 1.00 24.07  ? 154 ARG A CG    1 
ATOM   1219 C  CD    . ARG A 1 154 ? -6.385  3.985   -18.787 1.00 25.01  ? 154 ARG A CD    1 
ATOM   1220 N  NE    . ARG A 1 154 ? -4.938  3.917   -18.951 1.00 52.42  ? 154 ARG A NE    1 
ATOM   1221 C  CZ    . ARG A 1 154 ? -4.275  3.342   -19.975 1.00 100.00 ? 154 ARG A CZ    1 
ATOM   1222 N  NH1   . ARG A 1 154 ? -4.900  2.747   -21.004 1.00 100.00 ? 154 ARG A NH1   1 
ATOM   1223 N  NH2   . ARG A 1 154 ? -2.938  3.379   -19.976 1.00 100.00 ? 154 ARG A NH2   1 
ATOM   1224 N  N     . THR A 1 155 ? -5.440  -0.914  -17.459 1.00 19.10  ? 155 THR A N     1 
ATOM   1225 C  CA    . THR A 1 155 ? -5.150  -1.955  -18.414 1.00 20.04  ? 155 THR A CA    1 
ATOM   1226 C  C     . THR A 1 155 ? -5.364  -3.378  -17.965 1.00 28.54  ? 155 THR A C     1 
ATOM   1227 O  O     . THR A 1 155 ? -5.466  -4.252  -18.805 1.00 30.16  ? 155 THR A O     1 
ATOM   1228 C  CB    . THR A 1 155 ? -3.705  -1.855  -18.929 1.00 18.47  ? 155 THR A CB    1 
ATOM   1229 O  OG1   . THR A 1 155 ? -2.798  -2.162  -17.872 1.00 21.94  ? 155 THR A OG1   1 
ATOM   1230 C  CG2   . THR A 1 155 ? -3.474  -0.477  -19.520 1.00 16.40  ? 155 THR A CG2   1 
ATOM   1231 N  N     . GLY A 1 156 ? -5.309  -3.665  -16.679 1.00 18.54  ? 156 GLY A N     1 
ATOM   1232 C  CA    . GLY A 1 156 ? -5.401  -5.034  -16.234 1.00 14.70  ? 156 GLY A CA    1 
ATOM   1233 C  C     . GLY A 1 156 ? -4.121  -5.823  -16.617 1.00 20.91  ? 156 GLY A C     1 
ATOM   1234 O  O     . GLY A 1 156 ? -4.171  -7.032  -16.646 1.00 22.06  ? 156 GLY A O     1 
ATOM   1235 N  N     . THR A 1 157 ? -2.952  -5.141  -16.904 1.00 19.13  ? 157 THR A N     1 
ATOM   1236 C  CA    . THR A 1 157 ? -1.660  -5.779  -17.231 1.00 17.45  ? 157 THR A CA    1 
ATOM   1237 C  C     . THR A 1 157 ? -0.587  -5.241  -16.304 1.00 19.13  ? 157 THR A C     1 
ATOM   1238 O  O     . THR A 1 157 ? -0.807  -4.273  -15.619 1.00 15.96  ? 157 THR A O     1 
ATOM   1239 C  CB    . THR A 1 157 ? -1.184  -5.376  -18.638 1.00 22.59  ? 157 THR A CB    1 
ATOM   1240 O  OG1   . THR A 1 157 ? -0.908  -3.988  -18.603 1.00 19.35  ? 157 THR A OG1   1 
ATOM   1241 C  CG2   . THR A 1 157 ? -2.294  -5.646  -19.633 1.00 18.27  ? 157 THR A CG2   1 
ATOM   1242 N  N     . TRP A 1 158 ? 0.591   -5.848  -16.282 1.00 16.36  ? 158 TRP A N     1 
ATOM   1243 C  CA    . TRP A 1 158 ? 1.653   -5.347  -15.419 1.00 13.29  ? 158 TRP A CA    1 
ATOM   1244 C  C     . TRP A 1 158 ? 2.571   -4.420  -16.172 1.00 20.35  ? 158 TRP A C     1 
ATOM   1245 O  O     . TRP A 1 158 ? 3.698   -4.160  -15.764 1.00 21.53  ? 158 TRP A O     1 
ATOM   1246 C  CB    . TRP A 1 158 ? 2.497   -6.526  -14.975 1.00 16.63  ? 158 TRP A CB    1 
ATOM   1247 C  CG    . TRP A 1 158 ? 1.790   -7.407  -14.034 1.00 16.88  ? 158 TRP A CG    1 
ATOM   1248 C  CD1   . TRP A 1 158 ? 1.376   -8.669  -14.274 1.00 16.08  ? 158 TRP A CD1   1 
ATOM   1249 C  CD2   . TRP A 1 158 ? 1.496   -7.123  -12.679 1.00 20.82  ? 158 TRP A CD2   1 
ATOM   1250 N  NE1   . TRP A 1 158 ? 0.807   -9.197  -13.166 1.00 23.30  ? 158 TRP A NE1   1 
ATOM   1251 C  CE2   . TRP A 1 158 ? 0.855   -8.268  -12.150 1.00 22.44  ? 158 TRP A CE2   1 
ATOM   1252 C  CE3   . TRP A 1 158 ? 1.688   -6.013  -11.886 1.00 20.57  ? 158 TRP A CE3   1 
ATOM   1253 C  CZ2   . TRP A 1 158 ? 0.388   -8.331  -10.826 1.00 19.52  ? 158 TRP A CZ2   1 
ATOM   1254 C  CZ3   . TRP A 1 158 ? 1.285   -6.108  -10.575 1.00 22.19  ? 158 TRP A CZ3   1 
ATOM   1255 C  CH2   . TRP A 1 158 ? 0.647   -7.240  -10.042 1.00 19.17  ? 158 TRP A CH2   1 
ATOM   1256 N  N     . ASP A 1 159 ? 2.109   -3.920  -17.299 1.00 19.06  ? 159 ASP A N     1 
ATOM   1257 C  CA    . ASP A 1 159 ? 2.965   -3.061  -18.108 1.00 22.02  ? 159 ASP A CA    1 
ATOM   1258 C  C     . ASP A 1 159 ? 3.715   -1.940  -17.376 1.00 28.97  ? 159 ASP A C     1 
ATOM   1259 O  O     . ASP A 1 159 ? 4.874   -1.683  -17.659 1.00 26.54  ? 159 ASP A O     1 
ATOM   1260 C  CB    . ASP A 1 159 ? 2.242   -2.489  -19.341 1.00 26.29  ? 159 ASP A CB    1 
ATOM   1261 C  CG    . ASP A 1 159 ? 1.683   -3.472  -20.353 1.00 100.00 ? 159 ASP A CG    1 
ATOM   1262 O  OD1   . ASP A 1 159 ? 2.323   -4.605  -20.356 1.00 39.43  ? 159 ASP A OD1   1 
ATOM   1263 O  OD2   . ASP A 1 159 ? 0.745   -3.228  -21.111 1.00 47.02  ? 159 ASP A OD2   1 
ATOM   1264 N  N     . ALA A 1 160 ? 3.073   -1.276  -16.424 1.00 18.76  ? 160 ALA A N     1 
ATOM   1265 C  CA    . ALA A 1 160 ? 3.692   -0.143  -15.739 1.00 16.65  ? 160 ALA A CA    1 
ATOM   1266 C  C     . ALA A 1 160 ? 4.835   -0.587  -14.869 1.00 14.82  ? 160 ALA A C     1 
ATOM   1267 O  O     . ALA A 1 160 ? 5.610   0.219   -14.393 1.00 23.24  ? 160 ALA A O     1 
ATOM   1268 C  CB    . ALA A 1 160 ? 2.652   0.586   -14.882 1.00 18.16  ? 160 ALA A CB    1 
ATOM   1269 N  N     . TYR A 1 161 ? 4.877   -1.875  -14.576 1.00 14.72  ? 161 TYR A N     1 
ATOM   1270 C  CA    . TYR A 1 161 ? 5.909   -2.392  -13.701 1.00 16.92  ? 161 TYR A CA    1 
ATOM   1271 C  C     . TYR A 1 161 ? 7.034   -3.088  -14.486 1.00 48.57  ? 161 TYR A C     1 
ATOM   1272 O  O     . TYR A 1 161 ? 8.037   -3.458  -13.909 1.00 25.72  ? 161 TYR A O     1 
ATOM   1273 C  CB    . TYR A 1 161 ? 5.312   -3.314  -12.632 1.00 15.27  ? 161 TYR A CB    1 
ATOM   1274 C  CG    . TYR A 1 161 ? 4.605   -2.477  -11.619 1.00 17.48  ? 161 TYR A CG    1 
ATOM   1275 C  CD1   . TYR A 1 161 ? 3.280   -2.125  -11.835 1.00 14.70  ? 161 TYR A CD1   1 
ATOM   1276 C  CD2   . TYR A 1 161 ? 5.241   -2.002  -10.469 1.00 16.45  ? 161 TYR A CD2   1 
ATOM   1277 C  CE1   . TYR A 1 161 ? 2.601   -1.331  -10.916 1.00 14.92  ? 161 TYR A CE1   1 
ATOM   1278 C  CE2   . TYR A 1 161 ? 4.573   -1.222  -9.520  1.00 11.54  ? 161 TYR A CE2   1 
ATOM   1279 C  CZ    . TYR A 1 161 ? 3.242   -0.885  -9.758  1.00 21.02  ? 161 TYR A CZ    1 
ATOM   1280 O  OH    . TYR A 1 161 ? 2.558   -0.080  -8.856  1.00 14.97  ? 161 TYR A OH    1 
ATOM   1281 N  N     . LYS A 1 162 ? 6.930   -3.209  -15.814 1.00 42.78  ? 162 LYS A N     1 
ATOM   1282 C  CA    . LYS A 1 162 ? 8.005   -3.821  -16.587 1.00 53.39  ? 162 LYS A CA    1 
ATOM   1283 C  C     . LYS A 1 162 ? 8.860   -2.745  -17.255 1.00 39.94  ? 162 LYS A C     1 
ATOM   1284 O  O     . LYS A 1 162 ? 10.046  -2.589  -16.956 1.00 65.66  ? 162 LYS A O     1 
ATOM   1285 C  CB    . LYS A 1 162 ? 7.433   -4.805  -17.576 1.00 42.45  ? 162 LYS A CB    1 
ATOM   1286 C  CG    . LYS A 1 162 ? 6.402   -5.711  -16.908 1.00 90.48  ? 162 LYS A CG    1 
ATOM   1287 C  CD    . LYS A 1 162 ? 5.765   -6.763  -17.831 1.00 100.00 ? 162 LYS A CD    1 
ATOM   1288 C  CE    . LYS A 1 162 ? 4.778   -6.200  -18.867 1.00 100.00 ? 162 LYS A CE    1 
ATOM   1289 N  NZ    . LYS A 1 162 ? 3.648   -7.105  -19.190 1.00 100.00 ? 162 LYS A NZ    1 
HETATM 1290 CL CL    . CL  B 2 .   ? 5.828   8.974   -6.637  1.00 30.41  ? 173 CL  A CL    1 
HETATM 1291 CL CL    . CL  C 2 .   ? 3.375   -5.197  13.716  0.50 30.53  ? 178 CL  A CL    1 
HETATM 1292 C  C1    . HED D 3 .   ? -2.958  -13.667 -2.193  1.00 34.25  ? 170 HED A C1    1 
HETATM 1293 O  O1    . HED D 3 .   ? -1.621  -13.553 -1.782  1.00 45.58  ? 170 HED A O1    1 
HETATM 1294 C  C2    . HED D 3 .   ? -3.370  -12.315 -2.747  1.00 33.72  ? 170 HED A C2    1 
HETATM 1295 S  S3    . HED D 3 .   ? -3.273  -12.383 -4.548  1.00 100.00 ? 170 HED A S3    1 
HETATM 1296 S  S4    . HED D 3 .   ? -4.908  -11.250 -5.386  1.00 100.00 ? 170 HED A S4    1 
HETATM 1297 C  C5    . HED D 3 .   ? -5.173  -11.940 -7.055  1.00 100.00 ? 170 HED A C5    1 
HETATM 1298 C  C6    . HED D 3 .   ? -3.920  -11.932 -7.960  1.00 100.00 ? 170 HED A C6    1 
HETATM 1299 O  O6    . HED D 3 .   ? -3.389  -10.633 -7.977  1.00 96.04  ? 170 HED A O6    1 
HETATM 1300 C  C1    . I4B E 4 .   ? -9.920  -0.623  -4.281  1.00 22.82  ? 401 I4B A C1    1 
HETATM 1301 C  C2    . I4B E 4 .   ? -9.387  -0.941  -3.057  1.00 21.43  ? 401 I4B A C2    1 
HETATM 1302 C  C3    . I4B E 4 .   ? -9.832  -2.092  -2.363  1.00 16.94  ? 401 I4B A C3    1 
HETATM 1303 C  C4    . I4B E 4 .   ? -10.840 -2.863  -2.903  1.00 19.59  ? 401 I4B A C4    1 
HETATM 1304 C  C5    . I4B E 4 .   ? -11.364 -2.552  -4.154  1.00 18.89  ? 401 I4B A C5    1 
HETATM 1305 C  C6    . I4B E 4 .   ? -10.893 -1.432  -4.853  1.00 26.95  ? 401 I4B A C6    1 
HETATM 1306 C  "C1'" . I4B E 4 .   ? -9.451  0.618   -4.971  1.00 38.47  ? 401 I4B A "C1'" 1 
HETATM 1307 C  "C2'" . I4B E 4 .   ? -10.457 1.716   -4.693  1.00 46.92  ? 401 I4B A "C2'" 1 
HETATM 1308 C  "C3'" . I4B E 4 .   ? -10.177 2.851   -5.633  1.00 27.50  ? 401 I4B A "C3'" 1 
HETATM 1309 C  "C4'" . I4B E 4 .   ? -10.385 2.170   -3.258  1.00 26.78  ? 401 I4B A "C4'" 1 
HETATM 1310 O  O     . HOH F 5 .   ? 6.284   -3.938  5.332   1.00 13.61  ? 171 HOH A O     1 
HETATM 1311 O  O     . HOH F 5 .   ? 0.220   9.860   -1.759  1.00 29.09  ? 172 HOH A O     1 
HETATM 1312 O  O     . HOH F 5 .   ? 5.571   14.697  -3.135  1.00 19.55  ? 174 HOH A O     1 
HETATM 1313 O  O     . HOH F 5 .   ? 0.607   -1.994  -15.114 1.00 23.27  ? 175 HOH A O     1 
HETATM 1314 O  O     . HOH F 5 .   ? 15.610  1.133   19.579  1.00 57.09  ? 176 HOH A O     1 
HETATM 1315 O  O     . HOH F 5 .   ? -7.569  -12.910 -13.407 1.00 30.04  ? 177 HOH A O     1 
HETATM 1316 O  O     . HOH F 5 .   ? 8.948   -4.481  6.014   1.00 17.02  ? 179 HOH A O     1 
HETATM 1317 O  O     . HOH F 5 .   ? 5.007   6.531   -13.349 1.00 36.26  ? 180 HOH A O     1 
HETATM 1318 O  O     . HOH F 5 .   ? -11.589 -12.443 -10.711 1.00 24.84  ? 181 HOH A O     1 
HETATM 1319 O  O     . HOH F 5 .   ? 3.297   -6.405  10.613  1.00 23.35  ? 182 HOH A O     1 
HETATM 1320 O  O     . HOH F 5 .   ? 5.924   -11.506 14.073  1.00 28.46  ? 183 HOH A O     1 
HETATM 1321 O  O     . HOH F 5 .   ? 18.515  -11.090 7.221   1.00 50.91  ? 184 HOH A O     1 
HETATM 1322 O  O     . HOH F 5 .   ? 0.216   -13.056 8.236   1.00 33.21  ? 185 HOH A O     1 
HETATM 1323 O  O     . HOH F 5 .   ? 8.365   -11.308 2.259   1.00 82.06  ? 186 HOH A O     1 
HETATM 1324 O  O     . HOH F 5 .   ? 6.248   -13.545 -10.969 1.00 52.96  ? 187 HOH A O     1 
HETATM 1325 O  O     . HOH F 5 .   ? 0.358   18.781  -8.278  1.00 35.70  ? 188 HOH A O     1 
HETATM 1326 O  O     . HOH F 5 .   ? 19.058  0.155   4.188   1.00 46.66  ? 189 HOH A O     1 
HETATM 1327 O  O     . HOH F 5 .   ? 6.337   9.270   12.592  1.00 31.43  ? 190 HOH A O     1 
HETATM 1328 O  O     . HOH F 5 .   ? 7.279   12.291  12.165  1.00 47.28  ? 191 HOH A O     1 
HETATM 1329 O  O     . HOH F 5 .   ? 11.067  11.878  3.933   1.00 33.68  ? 192 HOH A O     1 
HETATM 1330 O  O     . HOH F 5 .   ? -18.827 -8.388  -6.370  1.00 37.87  ? 193 HOH A O     1 
HETATM 1331 O  O     . HOH F 5 .   ? -8.400  7.037   -19.040 1.00 38.71  ? 194 HOH A O     1 
HETATM 1332 O  O     . HOH F 5 .   ? -0.481  -10.774 -6.829  1.00 20.19  ? 195 HOH A O     1 
HETATM 1333 O  O     . HOH F 5 .   ? 19.599  -4.459  15.527  1.00 37.38  ? 196 HOH A O     1 
HETATM 1334 O  O     . HOH F 5 .   ? 5.346   0.536   22.474  1.00 30.10  ? 198 HOH A O     1 
HETATM 1335 O  O     . HOH F 5 .   ? 4.185   -2.270  13.989  1.00 43.06  ? 200 HOH A O     1 
HETATM 1336 O  O     . HOH F 5 .   ? -0.906  -10.492 9.063   1.00 27.34  ? 201 HOH A O     1 
HETATM 1337 O  O     . HOH F 5 .   ? 0.535   -5.755  10.454  1.00 65.09  ? 202 HOH A O     1 
HETATM 1338 O  O     . HOH F 5 .   ? 5.118   4.449   5.680   1.00 25.17  ? 203 HOH A O     1 
HETATM 1339 O  O     . HOH F 5 .   ? 6.088   3.968   2.988   1.00 32.55  ? 204 HOH A O     1 
HETATM 1340 O  O     . HOH F 5 .   ? 6.420   4.871   -0.417  1.00 55.07  ? 207 HOH A O     1 
HETATM 1341 O  O     . HOH F 5 .   ? -0.950  2.773   -4.127  1.00 15.69  ? 208 HOH A O     1 
HETATM 1342 O  O     . HOH F 5 .   ? 6.458   7.040   -4.097  1.00 40.22  ? 209 HOH A O     1 
HETATM 1343 O  O     . HOH F 5 .   ? -6.435  -8.722  -16.068 1.00 27.38  ? 210 HOH A O     1 
HETATM 1344 O  O     . HOH F 5 .   ? 7.005   4.718   -13.026 1.00 29.12  ? 211 HOH A O     1 
HETATM 1345 O  O     . HOH F 5 .   ? -14.965 -4.966  -11.569 1.00 20.94  ? 213 HOH A O     1 
HETATM 1346 O  O     . HOH F 5 .   ? -18.610 -6.414  -11.726 1.00 41.99  ? 214 HOH A O     1 
HETATM 1347 O  O     . HOH F 5 .   ? 4.924   -7.799  14.223  1.00 18.04  ? 215 HOH A O     1 
HETATM 1348 O  O     . HOH F 5 .   ? -5.554  9.117   -15.147 1.00 29.29  ? 216 HOH A O     1 
HETATM 1349 O  O     . HOH F 5 .   ? -10.634 0.396   -21.173 1.00 37.17  ? 217 HOH A O     1 
HETATM 1350 O  O     . HOH F 5 .   ? -14.285 9.705   -14.728 1.00 31.33  ? 218 HOH A O     1 
HETATM 1351 O  O     . HOH F 5 .   ? -14.106 11.791  -12.779 1.00 25.75  ? 219 HOH A O     1 
HETATM 1352 O  O     . HOH F 5 .   ? -5.562  15.871  -9.962  1.00 42.71  ? 220 HOH A O     1 
HETATM 1353 O  O     . HOH F 5 .   ? 12.056  -8.133  -0.990  1.00 55.66  ? 221 HOH A O     1 
HETATM 1354 O  O     . HOH F 5 .   ? 0.763   6.073   15.092  1.00 53.21  ? 222 HOH A O     1 
HETATM 1355 O  O     . HOH F 5 .   ? 4.732   -14.504 -9.518  1.00 30.36  ? 223 HOH A O     1 
HETATM 1356 O  O     . HOH F 5 .   ? 3.605   2.664   4.790   1.00 35.82  ? 224 HOH A O     1 
HETATM 1357 O  O     . HOH F 5 .   ? 1.443   4.377   5.064   1.00 75.39  ? 225 HOH A O     1 
HETATM 1358 O  O     . HOH F 5 .   ? -12.972 -13.437 -1.555  1.00 30.37  ? 226 HOH A O     1 
HETATM 1359 O  O     . HOH F 5 .   ? 12.425  -4.516  -6.880  1.00 49.83  ? 227 HOH A O     1 
HETATM 1360 O  O     . HOH F 5 .   ? 11.620  1.036   -5.327  1.00 78.50  ? 228 HOH A O     1 
HETATM 1361 O  O     . HOH F 5 .   ? 8.490   3.690   1.411   1.00 33.25  ? 229 HOH A O     1 
HETATM 1362 O  O     . HOH F 5 .   ? 7.219   4.579   -4.957  1.00 28.70  ? 230 HOH A O     1 
HETATM 1363 O  O     . HOH F 5 .   ? 0.946   -8.234  -17.903 1.00 38.58  ? 231 HOH A O     1 
HETATM 1364 O  O     . HOH F 5 .   ? 5.934   2.788   -15.338 1.00 32.34  ? 232 HOH A O     1 
HETATM 1365 O  O     . HOH F 5 .   ? 3.765   4.350   -15.747 1.00 60.31  ? 233 HOH A O     1 
HETATM 1366 O  O     . HOH F 5 .   ? -13.361 2.422   -20.266 1.00 31.85  ? 235 HOH A O     1 
HETATM 1367 O  O     . HOH F 5 .   ? 12.466  6.454   0.693   1.00 61.21  ? 236 HOH A O     1 
HETATM 1368 O  O     . HOH F 5 .   ? 4.950   5.832   -2.269  1.00 35.13  ? 237 HOH A O     1 
HETATM 1369 O  O     . HOH F 5 .   ? -8.761  -1.299  -20.693 1.00 30.33  ? 238 HOH A O     1 
HETATM 1370 O  O     . HOH F 5 .   ? 8.075   -10.098 13.881  1.00 33.91  ? 239 HOH A O     1 
HETATM 1371 O  O     . HOH F 5 .   ? 12.290  -13.864 4.256   1.00 31.67  ? 240 HOH A O     1 
HETATM 1372 O  O     . HOH F 5 .   ? -6.423  -7.469  8.710   1.00 57.18  ? 242 HOH A O     1 
HETATM 1373 O  O     . HOH F 5 .   ? 10.162  -6.552  -7.364  1.00 36.26  ? 244 HOH A O     1 
HETATM 1374 O  O     . HOH F 5 .   ? 9.505   6.315   -9.495  1.00 51.76  ? 245 HOH A O     1 
HETATM 1375 O  O     . HOH F 5 .   ? 1.197   -2.780  12.489  1.00 41.70  ? 246 HOH A O     1 
HETATM 1376 O  O     . HOH F 5 .   ? 14.683  9.557   6.699   1.00 45.52  ? 247 HOH A O     1 
HETATM 1377 O  O     . HOH F 5 .   ? 0.134   -12.089 -13.361 1.00 52.31  ? 248 HOH A O     1 
HETATM 1378 O  O     . HOH F 5 .   ? -2.674  8.631   -15.036 1.00 53.31  ? 249 HOH A O     1 
HETATM 1379 O  O     . HOH F 5 .   ? -6.069  11.522  -16.070 1.00 44.99  ? 250 HOH A O     1 
HETATM 1380 O  O     . HOH F 5 .   ? -8.127  13.196  -14.232 1.00 24.30  ? 251 HOH A O     1 
HETATM 1381 O  O     . HOH F 5 .   ? -19.056 -0.951  -2.601  1.00 41.40  ? 253 HOH A O     1 
HETATM 1382 O  O     . HOH F 5 .   ? -6.614  2.244   8.157   1.00 48.66  ? 254 HOH A O     1 
HETATM 1383 O  O     . HOH F 5 .   ? 3.030   2.725   2.253   1.00 38.66  ? 256 HOH A O     1 
HETATM 1384 O  O     . HOH F 5 .   ? 19.848  6.451   10.659  1.00 65.11  ? 258 HOH A O     1 
HETATM 1385 O  O     . HOH F 5 .   ? 14.131  -11.761 14.504  1.00 35.20  ? 259 HOH A O     1 
HETATM 1386 O  O     . HOH F 5 .   ? 12.950  -13.334 10.682  1.00 41.69  ? 260 HOH A O     1 
HETATM 1387 O  O     . HOH F 5 .   ? -3.467  4.923   -17.322 1.00 63.51  ? 261 HOH A O     1 
HETATM 1388 O  O     . HOH F 5 .   ? 9.470   4.871   -1.458  1.00 80.36  ? 263 HOH A O     1 
HETATM 1389 O  O     . HOH F 5 .   ? 2.659   -0.069  7.110   1.00 40.50  ? 266 HOH A O     1 
HETATM 1390 O  O     . HOH F 5 .   ? 2.272   0.785   4.637   1.00 40.22  ? 267 HOH A O     1 
HETATM 1391 O  O     . HOH F 5 .   ? -17.433 -2.992  6.922   1.00 45.42  ? 268 HOH A O     1 
HETATM 1392 O  O     . HOH F 5 .   ? 10.787  8.558   1.755   1.00 34.46  ? 269 HOH A O     1 
HETATM 1393 O  O     . HOH F 5 .   ? -6.433  11.177  -1.967  1.00 21.07  ? 270 HOH A O     1 
HETATM 1394 O  O     . HOH F 5 .   ? -5.750  7.583   -17.587 1.00 56.67  ? 271 HOH A O     1 
HETATM 1395 O  O     . HOH F 5 .   ? -20.832 9.366   -3.492  1.00 53.09  ? 272 HOH A O     1 
HETATM 1396 O  O     . HOH F 5 .   ? -3.307  -9.596  -17.871 1.00 36.08  ? 273 HOH A O     1 
HETATM 1397 O  O     . HOH F 5 .   ? -1.055  -3.385  5.862   1.00 33.96  ? 274 HOH A O     1 
HETATM 1398 O  O     . HOH F 5 .   ? -9.303  -4.565  -19.587 1.00 36.46  ? 277 HOH A O     1 
HETATM 1399 O  O     . HOH F 5 .   ? 16.313  -0.885  20.926  1.00 40.37  ? 278 HOH A O     1 
HETATM 1400 O  O     . HOH F 5 .   ? -16.326 9.796   1.241   1.00 58.32  ? 279 HOH A O     1 
HETATM 1401 O  O     . HOH F 5 .   ? 2.251   -0.355  10.441  1.00 52.80  ? 280 HOH A O     1 
HETATM 1402 O  O     . HOH F 5 .   ? 3.482   0.437   15.255  1.00 37.12  ? 281 HOH A O     1 
HETATM 1403 O  O     . HOH F 5 .   ? 4.887   -2.158  16.473  1.00 31.34  ? 282 HOH A O     1 
HETATM 1404 O  O     . HOH F 5 .   ? 9.659   -8.913  -2.411  1.00 65.61  ? 283 HOH A O     1 
HETATM 1405 O  O     . HOH F 5 .   ? 20.234  -8.248  6.703   1.00 39.72  ? 284 HOH A O     1 
HETATM 1406 O  O     . HOH F 5 .   ? 20.987  -4.815  9.314   1.00 56.43  ? 286 HOH A O     1 
HETATM 1407 O  O     . HOH F 5 .   ? 8.002   -13.417 -6.586  1.00 41.38  ? 288 HOH A O     1 
HETATM 1408 O  O     . HOH F 5 .   ? -17.774 -11.870 -7.709  1.00 56.50  ? 290 HOH A O     1 
HETATM 1409 O  O     . HOH F 5 .   ? -19.299 2.983   -4.459  1.00 49.07  ? 292 HOH A O     1 
HETATM 1410 O  O     . HOH F 5 .   ? -16.094 2.266   -20.191 1.00 37.22  ? 293 HOH A O     1 
HETATM 1411 O  O     . HOH F 5 .   ? 11.113  -8.816  -5.453  1.00 41.24  ? 295 HOH A O     1 
HETATM 1412 O  O     . HOH F 5 .   ? 1.168   -12.118 -15.636 1.00 32.66  ? 296 HOH A O     1 
HETATM 1413 O  O     . HOH F 5 .   ? -0.758  -10.623 -16.882 1.00 48.54  ? 297 HOH A O     1 
HETATM 1414 O  O     . HOH F 5 .   ? 12.079  1.149   1.849   1.00 47.11  ? 298 HOH A O     1 
HETATM 1415 O  O     . HOH F 5 .   ? 0.382   -1.269  5.340   1.00 39.45  ? 299 HOH A O     1 
HETATM 1416 O  O     . HOH F 5 .   ? -3.104  17.596  -10.718 1.00 63.02  ? 300 HOH A O     1 
HETATM 1417 O  O     . HOH F 5 .   ? -19.507 0.441   -5.758  1.00 62.32  ? 301 HOH A O     1 
HETATM 1418 O  O     . HOH F 5 .   ? -2.361  10.259  -0.136  1.00 42.56  ? 303 HOH A O     1 
HETATM 1419 O  O     . HOH F 5 .   ? 2.274   7.323   5.371   1.00 34.18  ? 306 HOH A O     1 
HETATM 1420 O  O     . HOH F 5 .   ? 2.853   0.269   12.687  1.00 61.07  ? 307 HOH A O     1 
HETATM 1421 O  O     . HOH F 5 .   ? 12.386  -11.632 17.220  1.00 76.43  ? 308 HOH A O     1 
HETATM 1422 O  O     . HOH F 5 .   ? -14.609 3.895   -19.080 1.00 26.85  ? 311 HOH A O     1 
HETATM 1423 O  O     . HOH F 5 .   ? -1.557  6.388   -15.372 1.00 53.58  ? 313 HOH A O     1 
HETATM 1424 O  O     . HOH F 5 .   ? 1.118   8.416   1.201   1.00 83.63  ? 314 HOH A O     1 
HETATM 1425 O  O     . HOH F 5 .   ? 15.545  -0.851  -4.571  1.00 76.86  ? 315 HOH A O     1 
HETATM 1426 O  O     . HOH F 5 .   ? 3.270   15.514  -15.170 1.00 80.52  ? 316 HOH A O     1 
HETATM 1427 O  O     . HOH F 5 .   ? 20.296  -6.158  13.623  1.00 64.01  ? 317 HOH A O     1 
HETATM 1428 O  O     . HOH F 5 .   ? 4.022   6.527   1.526   1.00 80.28  ? 321 HOH A O     1 
HETATM 1429 O  O     . HOH F 5 .   ? 12.716  3.554   0.591   1.00 51.59  ? 323 HOH A O     1 
HETATM 1430 O  O     . HOH F 5 .   ? -4.415  -14.533 4.697   1.00 33.35  ? 324 HOH A O     1 
HETATM 1431 O  O     . HOH F 5 .   ? 4.984   13.842  -0.416  1.00 72.60  ? 325 HOH A O     1 
HETATM 1432 O  O     . HOH F 5 .   ? 8.730   14.825  9.842   1.00 46.28  ? 326 HOH A O     1 
HETATM 1433 O  O     . HOH F 5 .   ? 13.222  1.154   22.211  1.00 60.25  ? 327 HOH A O     1 
HETATM 1434 O  O     . HOH F 5 .   ? 9.912   13.491  13.478  1.00 50.95  ? 328 HOH A O     1 
# 
